data_2DKR
#
_entry.id   2DKR
#
_entity_poly.entity_id   1
_entity_poly.type   'polypeptide(L)'
_entity_poly.pdbx_seq_one_letter_code
;GSSGSSGVVELPKTDEGLGFNIMGGKEQNSPIYISRVIPGGVADRHGGLKRGDQLLSVNGVSVEGEQHEKAVELLKAAQG
SVKLVVRSGPSSG
;
_entity_poly.pdbx_strand_id   A
#
# COMPACT_ATOMS: atom_id res chain seq x y z
N GLY A 1 -6.50 -9.76 16.04
CA GLY A 1 -5.96 -11.08 15.76
C GLY A 1 -4.44 -11.08 15.65
N SER A 2 -3.77 -10.88 16.78
CA SER A 2 -2.31 -10.84 16.80
C SER A 2 -1.73 -11.95 15.93
N SER A 3 -2.06 -13.19 16.25
CA SER A 3 -1.57 -14.34 15.50
C SER A 3 -2.15 -14.35 14.09
N GLY A 4 -1.28 -14.21 13.09
CA GLY A 4 -1.73 -14.21 11.72
C GLY A 4 -1.08 -13.11 10.90
N SER A 5 -1.76 -12.68 9.85
CA SER A 5 -1.25 -11.62 8.98
C SER A 5 -1.91 -10.28 9.29
N SER A 6 -1.08 -9.25 9.46
CA SER A 6 -1.58 -7.92 9.77
C SER A 6 -2.74 -7.55 8.86
N GLY A 7 -2.59 -7.84 7.58
CA GLY A 7 -3.64 -7.53 6.61
C GLY A 7 -3.08 -7.20 5.24
N VAL A 8 -2.69 -8.24 4.50
CA VAL A 8 -2.15 -8.05 3.16
C VAL A 8 -3.25 -7.76 2.15
N VAL A 9 -3.13 -6.65 1.44
CA VAL A 9 -4.12 -6.26 0.44
C VAL A 9 -3.63 -6.60 -0.97
N GLU A 10 -4.17 -7.69 -1.52
CA GLU A 10 -3.79 -8.13 -2.85
C GLU A 10 -4.79 -7.63 -3.89
N LEU A 11 -4.37 -6.65 -4.68
CA LEU A 11 -5.23 -6.07 -5.71
C LEU A 11 -4.80 -6.54 -7.09
N PRO A 12 -5.77 -6.68 -8.01
CA PRO A 12 -5.52 -7.12 -9.39
C PRO A 12 -4.77 -6.06 -10.20
N LYS A 13 -3.57 -6.41 -10.65
CA LYS A 13 -2.75 -5.51 -11.44
C LYS A 13 -3.37 -5.28 -12.82
N THR A 14 -3.88 -4.06 -13.03
CA THR A 14 -4.50 -3.72 -14.30
C THR A 14 -4.23 -2.27 -14.67
N ASP A 15 -3.76 -2.04 -15.91
CA ASP A 15 -3.47 -0.70 -16.38
C ASP A 15 -4.44 0.31 -15.79
N GLU A 16 -5.71 -0.05 -15.74
CA GLU A 16 -6.75 0.83 -15.21
C GLU A 16 -6.21 1.62 -14.01
N GLY A 17 -5.57 0.92 -13.09
CA GLY A 17 -5.03 1.57 -11.91
C GLY A 17 -5.50 0.93 -10.62
N LEU A 18 -5.00 1.41 -9.50
CA LEU A 18 -5.37 0.89 -8.19
C LEU A 18 -6.38 1.79 -7.51
N GLY A 19 -6.20 3.10 -7.67
CA GLY A 19 -7.11 4.06 -7.05
C GLY A 19 -6.64 4.51 -5.68
N PHE A 20 -5.33 4.66 -5.53
CA PHE A 20 -4.75 5.09 -4.26
C PHE A 20 -3.49 5.93 -4.49
N ASN A 21 -3.33 6.97 -3.68
CA ASN A 21 -2.18 7.86 -3.79
C ASN A 21 -1.29 7.75 -2.56
N ILE A 22 0.01 7.92 -2.74
CA ILE A 22 0.96 7.86 -1.64
C ILE A 22 1.94 9.02 -1.69
N MET A 23 2.24 9.58 -0.53
CA MET A 23 3.16 10.71 -0.44
C MET A 23 4.27 10.42 0.57
N GLY A 24 5.41 11.07 0.39
CA GLY A 24 6.54 10.87 1.29
C GLY A 24 7.60 9.97 0.70
N GLY A 25 8.22 9.14 1.55
CA GLY A 25 9.24 8.24 1.08
C GLY A 25 10.62 8.59 1.63
N LYS A 26 10.72 8.62 2.96
CA LYS A 26 11.98 8.95 3.62
C LYS A 26 12.55 10.27 3.09
N GLU A 27 11.66 11.22 2.83
CA GLU A 27 12.07 12.53 2.33
C GLU A 27 11.81 13.62 3.36
N GLN A 28 10.71 13.48 4.09
CA GLN A 28 10.34 14.46 5.11
C GLN A 28 10.35 13.82 6.50
N ASN A 29 11.01 12.67 6.61
CA ASN A 29 11.09 11.96 7.89
C ASN A 29 9.71 11.49 8.34
N SER A 30 8.94 10.94 7.41
CA SER A 30 7.60 10.47 7.71
C SER A 30 7.34 9.11 7.06
N PRO A 31 6.52 8.29 7.71
CA PRO A 31 6.17 6.95 7.21
C PRO A 31 5.30 7.01 5.96
N ILE A 32 5.45 6.03 5.09
CA ILE A 32 4.66 5.96 3.85
C ILE A 32 3.24 5.50 4.13
N TYR A 33 2.27 6.25 3.61
CA TYR A 33 0.86 5.92 3.80
C TYR A 33 0.02 6.44 2.64
N ILE A 34 -1.28 6.13 2.67
CA ILE A 34 -2.19 6.57 1.62
C ILE A 34 -2.60 8.02 1.82
N SER A 35 -2.16 8.88 0.90
CA SER A 35 -2.49 10.30 0.97
C SER A 35 -3.95 10.55 0.61
N ARG A 36 -4.38 9.98 -0.50
CA ARG A 36 -5.76 10.14 -0.97
C ARG A 36 -6.27 8.86 -1.61
N VAL A 37 -7.56 8.61 -1.47
CA VAL A 37 -8.17 7.40 -2.04
C VAL A 37 -9.32 7.78 -2.98
N ILE A 38 -9.42 7.06 -4.09
CA ILE A 38 -10.47 7.31 -5.07
C ILE A 38 -11.80 6.71 -4.62
N PRO A 39 -12.84 7.55 -4.56
CA PRO A 39 -14.17 7.13 -4.15
C PRO A 39 -14.85 6.22 -5.17
N GLY A 40 -14.10 5.88 -6.23
CA GLY A 40 -14.63 5.01 -7.26
C GLY A 40 -13.56 4.25 -8.00
N GLY A 41 -12.52 3.85 -7.26
CA GLY A 41 -11.43 3.10 -7.86
C GLY A 41 -11.37 1.67 -7.39
N VAL A 42 -10.45 0.90 -7.95
CA VAL A 42 -10.29 -0.51 -7.58
C VAL A 42 -10.22 -0.67 -6.07
N ALA A 43 -9.31 0.08 -5.45
CA ALA A 43 -9.14 0.02 -4.00
C ALA A 43 -10.47 0.20 -3.28
N ASP A 44 -11.08 1.37 -3.46
CA ASP A 44 -12.36 1.67 -2.84
C ASP A 44 -13.35 0.52 -3.01
N ARG A 45 -13.40 -0.03 -4.22
CA ARG A 45 -14.30 -1.14 -4.51
C ARG A 45 -13.91 -2.38 -3.71
N HIS A 46 -12.61 -2.67 -3.67
CA HIS A 46 -12.11 -3.83 -2.94
C HIS A 46 -12.44 -3.71 -1.45
N GLY A 47 -12.02 -2.62 -0.83
CA GLY A 47 -12.28 -2.41 0.58
C GLY A 47 -11.15 -2.91 1.45
N GLY A 48 -10.11 -2.09 1.60
CA GLY A 48 -8.98 -2.48 2.42
C GLY A 48 -8.00 -1.34 2.63
N LEU A 49 -7.78 -0.55 1.60
CA LEU A 49 -6.87 0.59 1.68
C LEU A 49 -7.63 1.90 1.90
N LYS A 50 -7.21 2.65 2.90
CA LYS A 50 -7.85 3.92 3.21
C LYS A 50 -6.81 4.97 3.61
N ARG A 51 -7.17 6.24 3.46
CA ARG A 51 -6.28 7.33 3.80
C ARG A 51 -5.75 7.19 5.22
N GLY A 52 -4.44 6.96 5.34
CA GLY A 52 -3.84 6.80 6.66
C GLY A 52 -3.07 5.50 6.78
N ASP A 53 -3.57 4.45 6.15
CA ASP A 53 -2.93 3.14 6.19
C ASP A 53 -1.46 3.25 5.80
N GLN A 54 -0.58 2.87 6.72
CA GLN A 54 0.87 2.93 6.48
C GLN A 54 1.33 1.71 5.68
N LEU A 55 2.02 1.96 4.58
CA LEU A 55 2.51 0.88 3.73
C LEU A 55 3.71 0.19 4.38
N LEU A 56 3.51 -1.05 4.82
CA LEU A 56 4.57 -1.82 5.46
C LEU A 56 5.53 -2.38 4.42
N SER A 57 4.99 -3.03 3.39
CA SER A 57 5.80 -3.62 2.33
C SER A 57 4.95 -3.95 1.12
N VAL A 58 5.57 -3.94 -0.06
CA VAL A 58 4.87 -4.24 -1.30
C VAL A 58 5.57 -5.34 -2.08
N ASN A 59 4.80 -6.26 -2.65
CA ASN A 59 5.36 -7.36 -3.41
C ASN A 59 6.42 -8.11 -2.62
N GLY A 60 6.18 -8.23 -1.31
CA GLY A 60 7.13 -8.92 -0.45
C GLY A 60 8.45 -8.18 -0.33
N VAL A 61 8.39 -6.85 -0.39
CA VAL A 61 9.59 -6.03 -0.29
C VAL A 61 9.40 -4.92 0.74
N SER A 62 10.31 -4.87 1.72
CA SER A 62 10.24 -3.86 2.77
C SER A 62 10.37 -2.46 2.20
N VAL A 63 9.32 -1.66 2.34
CA VAL A 63 9.33 -0.29 1.83
C VAL A 63 9.46 0.72 2.97
N GLU A 64 8.90 0.38 4.12
CA GLU A 64 8.96 1.26 5.29
C GLU A 64 10.33 1.92 5.40
N GLY A 65 11.38 1.14 5.15
CA GLY A 65 12.73 1.67 5.22
C GLY A 65 13.34 1.89 3.86
N GLU A 66 12.63 2.62 3.00
CA GLU A 66 13.11 2.90 1.65
C GLU A 66 12.51 4.20 1.12
N GLN A 67 13.08 4.70 0.02
CA GLN A 67 12.60 5.93 -0.59
C GLN A 67 11.38 5.67 -1.47
N HIS A 68 10.55 6.68 -1.66
CA HIS A 68 9.36 6.57 -2.48
C HIS A 68 9.66 5.79 -3.76
N GLU A 69 10.63 6.28 -4.52
CA GLU A 69 11.02 5.64 -5.77
C GLU A 69 10.88 4.13 -5.68
N LYS A 70 11.51 3.54 -4.67
CA LYS A 70 11.45 2.09 -4.47
C LYS A 70 10.02 1.58 -4.60
N ALA A 71 9.14 2.09 -3.75
CA ALA A 71 7.74 1.69 -3.77
C ALA A 71 7.20 1.63 -5.20
N VAL A 72 7.38 2.72 -5.94
CA VAL A 72 6.92 2.79 -7.32
C VAL A 72 7.47 1.62 -8.13
N GLU A 73 8.77 1.38 -8.02
CA GLU A 73 9.42 0.29 -8.74
C GLU A 73 8.75 -1.04 -8.44
N LEU A 74 8.54 -1.31 -7.15
CA LEU A 74 7.91 -2.55 -6.73
C LEU A 74 6.57 -2.76 -7.43
N LEU A 75 5.68 -1.78 -7.30
CA LEU A 75 4.37 -1.84 -7.92
C LEU A 75 4.48 -2.31 -9.37
N LYS A 76 5.40 -1.71 -10.11
CA LYS A 76 5.62 -2.07 -11.51
C LYS A 76 6.20 -3.46 -11.64
N ALA A 77 7.14 -3.79 -10.75
CA ALA A 77 7.77 -5.10 -10.76
C ALA A 77 6.73 -6.22 -10.80
N ALA A 78 5.66 -6.05 -10.03
CA ALA A 78 4.59 -7.04 -9.97
C ALA A 78 4.06 -7.36 -11.37
N GLN A 79 3.24 -8.39 -11.47
CA GLN A 79 2.66 -8.79 -12.75
C GLN A 79 1.38 -9.59 -12.55
N GLY A 80 0.26 -9.03 -13.01
CA GLY A 80 -1.01 -9.71 -12.87
C GLY A 80 -1.69 -9.41 -11.54
N SER A 81 -0.90 -9.38 -10.47
CA SER A 81 -1.43 -9.11 -9.14
C SER A 81 -0.33 -8.59 -8.21
N VAL A 82 -0.64 -7.56 -7.45
CA VAL A 82 0.31 -6.97 -6.52
C VAL A 82 -0.08 -7.27 -5.07
N LYS A 83 0.87 -7.10 -4.16
CA LYS A 83 0.63 -7.34 -2.75
C LYS A 83 1.01 -6.11 -1.92
N LEU A 84 0.01 -5.44 -1.36
CA LEU A 84 0.24 -4.26 -0.54
C LEU A 84 -0.12 -4.52 0.91
N VAL A 85 0.91 -4.62 1.75
CA VAL A 85 0.71 -4.87 3.18
C VAL A 85 0.49 -3.57 3.95
N VAL A 86 -0.46 -3.59 4.88
CA VAL A 86 -0.76 -2.41 5.68
C VAL A 86 -0.95 -2.78 7.14
N ARG A 87 -0.95 -1.76 8.00
CA ARG A 87 -1.11 -1.98 9.45
C ARG A 87 -2.36 -1.29 9.96
N SER A 88 -3.35 -2.09 10.36
CA SER A 88 -4.60 -1.55 10.86
C SER A 88 -4.65 -1.62 12.39
N GLY A 89 -3.48 -1.80 13.00
CA GLY A 89 -3.40 -1.88 14.44
C GLY A 89 -3.55 -0.52 15.11
N PRO A 90 -4.27 -0.49 16.23
CA PRO A 90 -4.50 0.74 16.98
C PRO A 90 -3.24 1.26 17.66
N SER A 91 -2.93 2.54 17.45
CA SER A 91 -1.75 3.15 18.05
C SER A 91 -1.53 2.65 19.47
N SER A 92 -2.58 2.71 20.28
CA SER A 92 -2.52 2.27 21.66
C SER A 92 -2.42 0.75 21.75
N GLY A 93 -3.35 0.07 21.08
CA GLY A 93 -3.35 -1.38 21.08
C GLY A 93 -2.42 -1.98 20.05
N GLY A 1 -0.49 -23.60 7.90
CA GLY A 1 -0.17 -22.49 8.76
C GLY A 1 -0.64 -21.16 8.20
N SER A 2 0.01 -20.08 8.63
CA SER A 2 -0.35 -18.74 8.16
C SER A 2 -1.77 -18.38 8.62
N SER A 3 -2.08 -18.71 9.87
CA SER A 3 -3.41 -18.42 10.42
C SER A 3 -3.53 -16.94 10.78
N GLY A 4 -2.52 -16.43 11.48
CA GLY A 4 -2.54 -15.04 11.88
C GLY A 4 -1.56 -14.19 11.08
N SER A 5 -2.10 -13.35 10.20
CA SER A 5 -1.27 -12.48 9.37
C SER A 5 -1.83 -11.07 9.33
N SER A 6 -1.01 -10.13 8.88
CA SER A 6 -1.42 -8.73 8.78
C SER A 6 -2.54 -8.56 7.76
N GLY A 7 -3.10 -7.35 7.71
CA GLY A 7 -4.17 -7.07 6.77
C GLY A 7 -3.66 -6.78 5.37
N VAL A 8 -2.85 -7.68 4.83
CA VAL A 8 -2.29 -7.50 3.50
C VAL A 8 -3.39 -7.41 2.45
N VAL A 9 -3.28 -6.42 1.56
CA VAL A 9 -4.26 -6.23 0.51
C VAL A 9 -3.67 -6.55 -0.87
N GLU A 10 -4.31 -7.48 -1.57
CA GLU A 10 -3.84 -7.87 -2.89
C GLU A 10 -4.78 -7.35 -3.98
N LEU A 11 -4.28 -6.49 -4.85
CA LEU A 11 -5.07 -5.93 -5.93
C LEU A 11 -4.56 -6.40 -7.28
N PRO A 12 -5.48 -6.59 -8.24
CA PRO A 12 -5.16 -7.04 -9.59
C PRO A 12 -4.41 -5.98 -10.40
N LYS A 13 -3.30 -6.38 -11.01
CA LYS A 13 -2.50 -5.45 -11.80
C LYS A 13 -3.22 -5.07 -13.09
N THR A 14 -3.72 -3.83 -13.15
CA THR A 14 -4.43 -3.35 -14.31
C THR A 14 -3.92 -1.97 -14.74
N ASP A 15 -3.36 -1.89 -15.94
CA ASP A 15 -2.83 -0.64 -16.46
C ASP A 15 -3.80 0.51 -16.20
N GLU A 16 -5.09 0.20 -16.21
CA GLU A 16 -6.12 1.21 -15.98
C GLU A 16 -5.80 2.03 -14.73
N GLY A 17 -5.34 1.37 -13.69
CA GLY A 17 -5.00 2.05 -12.45
C GLY A 17 -5.44 1.28 -11.23
N LEU A 18 -5.05 1.77 -10.05
CA LEU A 18 -5.41 1.12 -8.80
C LEU A 18 -6.46 1.93 -8.06
N GLY A 19 -6.35 3.25 -8.12
CA GLY A 19 -7.30 4.11 -7.45
C GLY A 19 -6.84 4.51 -6.05
N PHE A 20 -5.55 4.73 -5.90
CA PHE A 20 -4.99 5.12 -4.61
C PHE A 20 -3.79 6.04 -4.80
N ASN A 21 -3.51 6.86 -3.78
CA ASN A 21 -2.40 7.79 -3.83
C ASN A 21 -1.54 7.68 -2.57
N ILE A 22 -0.25 7.98 -2.72
CA ILE A 22 0.68 7.91 -1.60
C ILE A 22 1.63 9.11 -1.60
N MET A 23 2.06 9.51 -0.41
CA MET A 23 2.98 10.64 -0.27
C MET A 23 3.96 10.41 0.87
N GLY A 24 4.96 11.28 0.98
CA GLY A 24 5.94 11.15 2.04
C GLY A 24 6.99 10.09 1.73
N GLY A 25 8.06 10.09 2.51
CA GLY A 25 9.12 9.12 2.31
C GLY A 25 10.41 9.51 3.01
N LYS A 26 11.38 8.60 3.01
CA LYS A 26 12.66 8.84 3.65
C LYS A 26 13.13 10.27 3.39
N GLU A 27 12.93 10.74 2.16
CA GLU A 27 13.33 12.08 1.79
C GLU A 27 12.98 13.09 2.88
N GLN A 28 11.71 13.14 3.24
CA GLN A 28 11.24 14.05 4.28
C GLN A 28 11.19 13.37 5.63
N ASN A 29 11.79 12.17 5.71
CA ASN A 29 11.81 11.41 6.95
C ASN A 29 10.40 11.05 7.40
N SER A 30 9.55 10.69 6.43
CA SER A 30 8.17 10.33 6.72
C SER A 30 7.83 8.97 6.12
N PRO A 31 7.02 8.19 6.85
CA PRO A 31 6.60 6.86 6.41
C PRO A 31 5.65 6.91 5.21
N ILE A 32 5.59 5.82 4.46
CA ILE A 32 4.71 5.74 3.29
C ILE A 32 3.31 5.33 3.69
N TYR A 33 2.32 6.06 3.19
CA TYR A 33 0.92 5.77 3.48
C TYR A 33 0.01 6.26 2.36
N ILE A 34 -1.28 5.97 2.49
CA ILE A 34 -2.26 6.39 1.49
C ILE A 34 -2.72 7.82 1.75
N SER A 35 -2.22 8.75 0.94
CA SER A 35 -2.58 10.16 1.06
C SER A 35 -4.05 10.38 0.75
N ARG A 36 -4.52 9.79 -0.34
CA ARG A 36 -5.91 9.91 -0.75
C ARG A 36 -6.40 8.64 -1.43
N VAL A 37 -7.71 8.44 -1.44
CA VAL A 37 -8.31 7.26 -2.04
C VAL A 37 -9.41 7.64 -3.03
N ILE A 38 -9.33 7.11 -4.24
CA ILE A 38 -10.32 7.39 -5.27
C ILE A 38 -11.68 6.83 -4.89
N PRO A 39 -12.71 7.70 -4.94
CA PRO A 39 -14.08 7.31 -4.61
C PRO A 39 -14.70 6.37 -5.65
N GLY A 40 -13.87 5.95 -6.61
CA GLY A 40 -14.35 5.05 -7.64
C GLY A 40 -13.22 4.30 -8.33
N GLY A 41 -12.32 3.73 -7.52
CA GLY A 41 -11.19 3.00 -8.08
C GLY A 41 -11.19 1.54 -7.66
N VAL A 42 -10.27 0.76 -8.23
CA VAL A 42 -10.17 -0.65 -7.90
C VAL A 42 -9.95 -0.86 -6.40
N ALA A 43 -9.06 -0.07 -5.82
CA ALA A 43 -8.77 -0.16 -4.40
C ALA A 43 -10.03 0.10 -3.57
N ASP A 44 -10.56 1.31 -3.65
CA ASP A 44 -11.74 1.68 -2.90
C ASP A 44 -12.76 0.54 -2.90
N ARG A 45 -13.12 0.07 -4.10
CA ARG A 45 -14.09 -1.01 -4.23
C ARG A 45 -13.75 -2.15 -3.27
N HIS A 46 -12.47 -2.43 -3.11
CA HIS A 46 -12.02 -3.50 -2.22
C HIS A 46 -12.26 -3.12 -0.76
N GLY A 47 -11.85 -1.92 -0.39
CA GLY A 47 -12.03 -1.46 0.98
C GLY A 47 -10.81 -1.72 1.83
N GLY A 48 -10.15 -2.85 1.60
CA GLY A 48 -8.97 -3.18 2.37
C GLY A 48 -8.01 -2.02 2.51
N LEU A 49 -7.87 -1.24 1.45
CA LEU A 49 -6.97 -0.08 1.47
C LEU A 49 -7.76 1.21 1.67
N LYS A 50 -7.28 2.04 2.59
CA LYS A 50 -7.94 3.32 2.88
C LYS A 50 -6.91 4.40 3.14
N ARG A 51 -7.37 5.65 3.20
CA ARG A 51 -6.50 6.78 3.44
C ARG A 51 -5.94 6.74 4.87
N GLY A 52 -4.62 6.57 4.97
CA GLY A 52 -3.99 6.53 6.28
C GLY A 52 -3.18 5.26 6.47
N ASP A 53 -3.65 4.16 5.88
CA ASP A 53 -2.96 2.88 5.99
C ASP A 53 -1.49 3.01 5.60
N GLN A 54 -0.60 2.84 6.58
CA GLN A 54 0.83 2.95 6.33
C GLN A 54 1.35 1.69 5.64
N LEU A 55 1.86 1.86 4.42
CA LEU A 55 2.40 0.74 3.66
C LEU A 55 3.61 0.14 4.35
N LEU A 56 3.47 -1.10 4.81
CA LEU A 56 4.56 -1.79 5.50
C LEU A 56 5.52 -2.43 4.50
N SER A 57 4.96 -3.08 3.48
CA SER A 57 5.76 -3.73 2.45
C SER A 57 4.94 -3.94 1.18
N VAL A 58 5.63 -4.08 0.05
CA VAL A 58 4.96 -4.30 -1.23
C VAL A 58 5.62 -5.43 -2.00
N ASN A 59 4.80 -6.30 -2.59
CA ASN A 59 5.31 -7.43 -3.36
C ASN A 59 6.31 -8.24 -2.54
N GLY A 60 6.11 -8.28 -1.23
CA GLY A 60 7.00 -9.02 -0.36
C GLY A 60 8.33 -8.31 -0.15
N VAL A 61 8.31 -6.98 -0.23
CA VAL A 61 9.52 -6.19 -0.05
C VAL A 61 9.29 -5.07 0.97
N SER A 62 10.14 -5.03 1.99
CA SER A 62 10.04 -4.01 3.03
C SER A 62 10.24 -2.62 2.45
N VAL A 63 9.16 -1.84 2.41
CA VAL A 63 9.23 -0.49 1.89
C VAL A 63 9.46 0.53 3.00
N GLU A 64 9.27 0.09 4.24
CA GLU A 64 9.46 0.96 5.40
C GLU A 64 10.89 1.50 5.44
N GLY A 65 11.84 0.65 5.06
CA GLY A 65 13.24 1.06 5.07
C GLY A 65 13.77 1.31 3.67
N GLU A 66 12.99 1.99 2.84
CA GLU A 66 13.40 2.28 1.47
C GLU A 66 12.83 3.61 1.00
N GLN A 67 13.35 4.11 -0.11
CA GLN A 67 12.89 5.39 -0.66
C GLN A 67 11.58 5.22 -1.43
N HIS A 68 10.74 6.25 -1.40
CA HIS A 68 9.46 6.20 -2.09
C HIS A 68 9.58 5.45 -3.41
N GLU A 69 10.44 5.93 -4.30
CA GLU A 69 10.65 5.30 -5.60
C GLU A 69 10.54 3.79 -5.49
N LYS A 70 11.34 3.20 -4.60
CA LYS A 70 11.34 1.76 -4.39
C LYS A 70 9.92 1.20 -4.45
N ALA A 71 9.02 1.83 -3.70
CA ALA A 71 7.62 1.41 -3.68
C ALA A 71 7.00 1.43 -5.07
N VAL A 72 7.17 2.56 -5.75
CA VAL A 72 6.62 2.72 -7.11
C VAL A 72 7.19 1.67 -8.05
N GLU A 73 8.50 1.74 -8.28
CA GLU A 73 9.18 0.79 -9.16
C GLU A 73 8.74 -0.65 -8.86
N LEU A 74 8.58 -0.95 -7.57
CA LEU A 74 8.17 -2.29 -7.16
C LEU A 74 6.83 -2.65 -7.77
N LEU A 75 5.84 -1.79 -7.60
CA LEU A 75 4.51 -2.02 -8.13
C LEU A 75 4.58 -2.42 -9.61
N LYS A 76 5.47 -1.77 -10.34
CA LYS A 76 5.63 -2.05 -11.77
C LYS A 76 6.25 -3.43 -11.98
N ALA A 77 7.28 -3.74 -11.20
CA ALA A 77 7.95 -5.04 -11.30
C ALA A 77 6.94 -6.17 -11.27
N ALA A 78 5.97 -6.09 -10.37
CA ALA A 78 4.95 -7.11 -10.25
C ALA A 78 4.27 -7.38 -11.59
N GLN A 79 3.46 -8.43 -11.64
CA GLN A 79 2.75 -8.79 -12.86
C GLN A 79 1.49 -9.59 -12.55
N GLY A 80 0.35 -9.07 -12.98
CA GLY A 80 -0.91 -9.74 -12.74
C GLY A 80 -1.59 -9.27 -11.46
N SER A 81 -0.78 -9.01 -10.43
CA SER A 81 -1.30 -8.56 -9.15
C SER A 81 -0.17 -8.04 -8.26
N VAL A 82 -0.52 -7.17 -7.31
CA VAL A 82 0.46 -6.61 -6.40
C VAL A 82 0.01 -6.78 -4.94
N LYS A 83 0.96 -7.14 -4.09
CA LYS A 83 0.67 -7.33 -2.66
C LYS A 83 1.09 -6.11 -1.86
N LEU A 84 0.11 -5.36 -1.36
CA LEU A 84 0.38 -4.17 -0.57
C LEU A 84 0.02 -4.42 0.90
N VAL A 85 1.04 -4.41 1.75
CA VAL A 85 0.84 -4.63 3.18
C VAL A 85 0.61 -3.30 3.91
N VAL A 86 -0.18 -3.35 4.97
CA VAL A 86 -0.47 -2.15 5.76
C VAL A 86 -0.50 -2.46 7.24
N ARG A 87 -0.51 -1.42 8.07
CA ARG A 87 -0.54 -1.58 9.51
C ARG A 87 -1.83 -1.04 10.09
N SER A 88 -2.68 -1.94 10.58
CA SER A 88 -3.96 -1.55 11.17
C SER A 88 -3.92 -1.64 12.69
N GLY A 89 -4.55 -0.68 13.35
CA GLY A 89 -4.57 -0.67 14.80
C GLY A 89 -5.29 0.54 15.36
N PRO A 90 -4.93 0.93 16.59
CA PRO A 90 -5.53 2.08 17.27
C PRO A 90 -5.13 3.41 16.62
N SER A 91 -4.29 3.33 15.61
CA SER A 91 -3.82 4.53 14.90
C SER A 91 -5.00 5.37 14.43
N SER A 92 -5.80 4.81 13.53
CA SER A 92 -6.96 5.51 12.99
C SER A 92 -8.23 4.72 13.23
N GLY A 93 -9.38 5.40 13.18
CA GLY A 93 -10.65 4.74 13.39
C GLY A 93 -11.23 4.17 12.10
N GLY A 1 -7.93 -17.55 15.68
CA GLY A 1 -7.63 -16.46 16.58
C GLY A 1 -7.72 -15.11 15.90
N SER A 2 -8.55 -14.22 16.46
CA SER A 2 -8.74 -12.89 15.89
C SER A 2 -7.41 -12.31 15.43
N SER A 3 -6.39 -12.40 16.29
CA SER A 3 -5.06 -11.87 15.97
C SER A 3 -4.15 -12.99 15.48
N GLY A 4 -3.29 -12.64 14.52
CA GLY A 4 -2.37 -13.63 13.97
C GLY A 4 -1.62 -13.11 12.75
N SER A 5 -2.37 -12.70 11.74
CA SER A 5 -1.78 -12.19 10.51
C SER A 5 -2.10 -10.71 10.33
N SER A 6 -1.08 -9.93 9.97
CA SER A 6 -1.25 -8.50 9.77
C SER A 6 -2.23 -8.21 8.63
N GLY A 7 -2.54 -6.94 8.43
CA GLY A 7 -3.46 -6.56 7.36
C GLY A 7 -2.81 -6.61 5.99
N VAL A 8 -3.02 -7.71 5.28
CA VAL A 8 -2.44 -7.87 3.94
C VAL A 8 -3.53 -7.75 2.87
N VAL A 9 -3.38 -6.75 2.02
CA VAL A 9 -4.34 -6.52 0.94
C VAL A 9 -3.74 -6.86 -0.42
N GLU A 10 -4.48 -7.63 -1.21
CA GLU A 10 -4.01 -8.03 -2.54
C GLU A 10 -4.95 -7.52 -3.62
N LEU A 11 -4.42 -6.76 -4.56
CA LEU A 11 -5.21 -6.20 -5.64
C LEU A 11 -4.68 -6.68 -7.00
N PRO A 12 -5.57 -6.72 -8.01
CA PRO A 12 -5.21 -7.15 -9.36
C PRO A 12 -4.32 -6.15 -10.06
N LYS A 13 -3.16 -6.61 -10.52
CA LYS A 13 -2.21 -5.75 -11.22
C LYS A 13 -2.54 -5.68 -12.71
N THR A 14 -3.02 -4.52 -13.15
CA THR A 14 -3.37 -4.33 -14.55
C THR A 14 -3.43 -2.83 -14.89
N ASP A 15 -3.20 -2.52 -16.16
CA ASP A 15 -3.24 -1.14 -16.62
C ASP A 15 -4.37 -0.37 -15.95
N GLU A 16 -5.51 -1.03 -15.79
CA GLU A 16 -6.67 -0.41 -15.17
C GLU A 16 -6.25 0.53 -14.03
N GLY A 17 -5.34 0.04 -13.18
CA GLY A 17 -4.86 0.84 -12.07
C GLY A 17 -5.48 0.42 -10.75
N LEU A 18 -4.90 0.89 -9.66
CA LEU A 18 -5.39 0.56 -8.33
C LEU A 18 -6.35 1.63 -7.82
N GLY A 19 -5.92 2.88 -7.90
CA GLY A 19 -6.76 3.98 -7.44
C GLY A 19 -6.38 4.45 -6.05
N PHE A 20 -5.08 4.63 -5.82
CA PHE A 20 -4.59 5.08 -4.52
C PHE A 20 -3.35 5.94 -4.68
N ASN A 21 -3.17 6.90 -3.77
CA ASN A 21 -2.03 7.80 -3.82
C ASN A 21 -1.20 7.69 -2.53
N ILE A 22 0.08 8.02 -2.63
CA ILE A 22 0.97 7.95 -1.48
C ILE A 22 1.97 9.11 -1.50
N MET A 23 2.31 9.62 -0.32
CA MET A 23 3.25 10.72 -0.20
C MET A 23 4.20 10.50 0.98
N GLY A 24 5.47 10.83 0.77
CA GLY A 24 6.46 10.65 1.82
C GLY A 24 7.43 9.53 1.52
N GLY A 25 8.61 9.58 2.14
CA GLY A 25 9.61 8.56 1.92
C GLY A 25 10.83 8.74 2.79
N LYS A 26 11.99 8.88 2.16
CA LYS A 26 13.25 9.06 2.89
C LYS A 26 13.52 10.55 3.11
N GLU A 27 13.73 11.28 2.02
CA GLU A 27 14.00 12.71 2.09
C GLU A 27 12.98 13.41 2.98
N GLN A 28 11.72 13.02 2.84
CA GLN A 28 10.63 13.62 3.63
C GLN A 28 10.74 13.21 5.09
N ASN A 29 11.38 12.07 5.34
CA ASN A 29 11.55 11.57 6.70
C ASN A 29 10.20 11.31 7.35
N SER A 30 9.27 10.76 6.57
CA SER A 30 7.93 10.46 7.08
C SER A 30 7.49 9.06 6.65
N PRO A 31 6.53 8.49 7.41
CA PRO A 31 6.00 7.16 7.13
C PRO A 31 5.17 7.12 5.84
N ILE A 32 5.42 6.12 5.01
CA ILE A 32 4.71 5.97 3.76
C ILE A 32 3.28 5.49 4.00
N TYR A 33 2.31 6.30 3.59
CA TYR A 33 0.90 5.95 3.76
C TYR A 33 0.08 6.41 2.56
N ILE A 34 -1.22 6.12 2.59
CA ILE A 34 -2.12 6.50 1.51
C ILE A 34 -2.59 7.95 1.67
N SER A 35 -2.10 8.82 0.81
CA SER A 35 -2.46 10.23 0.87
C SER A 35 -3.93 10.43 0.46
N ARG A 36 -4.28 9.89 -0.71
CA ARG A 36 -5.64 10.00 -1.22
C ARG A 36 -6.04 8.73 -1.98
N VAL A 37 -7.32 8.38 -1.88
CA VAL A 37 -7.83 7.19 -2.55
C VAL A 37 -8.93 7.56 -3.54
N ILE A 38 -8.88 6.94 -4.73
CA ILE A 38 -9.88 7.20 -5.77
C ILE A 38 -11.26 6.74 -5.34
N PRO A 39 -12.22 7.67 -5.35
CA PRO A 39 -13.61 7.38 -4.96
C PRO A 39 -14.32 6.48 -5.98
N GLY A 40 -13.58 6.05 -7.00
CA GLY A 40 -14.15 5.18 -8.01
C GLY A 40 -13.11 4.34 -8.71
N GLY A 41 -12.18 3.79 -7.94
CA GLY A 41 -11.12 2.97 -8.51
C GLY A 41 -11.23 1.52 -8.08
N VAL A 42 -10.10 0.83 -8.06
CA VAL A 42 -10.06 -0.57 -7.68
C VAL A 42 -9.93 -0.71 -6.17
N ALA A 43 -9.09 0.12 -5.56
CA ALA A 43 -8.89 0.09 -4.12
C ALA A 43 -10.20 0.31 -3.36
N ASP A 44 -11.01 1.24 -3.86
CA ASP A 44 -12.29 1.55 -3.24
C ASP A 44 -13.25 0.37 -3.35
N ARG A 45 -13.36 -0.19 -4.55
CA ARG A 45 -14.25 -1.33 -4.78
C ARG A 45 -13.85 -2.50 -3.91
N HIS A 46 -12.56 -2.85 -3.95
CA HIS A 46 -12.05 -3.98 -3.16
C HIS A 46 -12.57 -3.91 -1.72
N GLY A 47 -12.22 -2.83 -1.02
CA GLY A 47 -12.65 -2.68 0.35
C GLY A 47 -11.59 -3.09 1.35
N GLY A 48 -10.86 -2.10 1.87
CA GLY A 48 -9.82 -2.37 2.84
C GLY A 48 -8.79 -1.26 2.91
N LEU A 49 -8.37 -0.77 1.76
CA LEU A 49 -7.38 0.31 1.70
C LEU A 49 -8.05 1.67 1.83
N LYS A 50 -7.41 2.58 2.55
CA LYS A 50 -7.94 3.92 2.75
C LYS A 50 -6.84 4.89 3.17
N ARG A 51 -7.13 6.18 3.09
CA ARG A 51 -6.16 7.21 3.46
C ARG A 51 -5.75 7.06 4.92
N GLY A 52 -4.45 6.90 5.15
CA GLY A 52 -3.95 6.75 6.51
C GLY A 52 -3.11 5.50 6.68
N ASP A 53 -3.52 4.42 6.02
CA ASP A 53 -2.81 3.15 6.11
C ASP A 53 -1.34 3.34 5.73
N GLN A 54 -0.45 2.82 6.58
CA GLN A 54 0.98 2.93 6.34
C GLN A 54 1.50 1.69 5.61
N LEU A 55 2.11 1.92 4.45
CA LEU A 55 2.66 0.82 3.65
C LEU A 55 3.85 0.18 4.35
N LEU A 56 3.71 -1.10 4.68
CA LEU A 56 4.77 -1.85 5.36
C LEU A 56 5.71 -2.50 4.34
N SER A 57 5.13 -3.27 3.42
CA SER A 57 5.90 -3.95 2.40
C SER A 57 5.07 -4.17 1.14
N VAL A 58 5.74 -4.25 -0.01
CA VAL A 58 5.06 -4.47 -1.28
C VAL A 58 5.76 -5.55 -2.10
N ASN A 59 4.97 -6.40 -2.74
CA ASN A 59 5.51 -7.48 -3.56
C ASN A 59 6.51 -8.31 -2.77
N GLY A 60 6.26 -8.46 -1.47
CA GLY A 60 7.15 -9.23 -0.63
C GLY A 60 8.45 -8.51 -0.35
N VAL A 61 8.43 -7.18 -0.43
CA VAL A 61 9.62 -6.38 -0.18
C VAL A 61 9.33 -5.27 0.84
N SER A 62 10.20 -5.16 1.83
CA SER A 62 10.05 -4.14 2.87
C SER A 62 10.40 -2.76 2.33
N VAL A 63 9.38 -1.91 2.21
CA VAL A 63 9.57 -0.55 1.71
C VAL A 63 9.78 0.44 2.86
N GLU A 64 9.37 0.03 4.05
CA GLU A 64 9.50 0.87 5.24
C GLU A 64 10.91 1.45 5.33
N GLY A 65 11.91 0.63 5.01
CA GLY A 65 13.29 1.08 5.07
C GLY A 65 13.89 1.31 3.70
N GLU A 66 13.12 1.97 2.82
CA GLU A 66 13.57 2.26 1.47
C GLU A 66 13.05 3.60 1.00
N GLN A 67 13.55 4.06 -0.15
CA GLN A 67 13.13 5.34 -0.71
C GLN A 67 11.74 5.23 -1.33
N HIS A 68 11.05 6.36 -1.40
CA HIS A 68 9.70 6.40 -1.96
C HIS A 68 9.69 5.81 -3.38
N GLU A 69 10.67 6.21 -4.18
CA GLU A 69 10.77 5.71 -5.55
C GLU A 69 10.59 4.20 -5.60
N LYS A 70 11.26 3.50 -4.69
CA LYS A 70 11.18 2.05 -4.64
C LYS A 70 9.72 1.59 -4.69
N ALA A 71 8.93 2.02 -3.70
CA ALA A 71 7.53 1.66 -3.64
C ALA A 71 6.88 1.70 -5.02
N VAL A 72 7.18 2.75 -5.77
CA VAL A 72 6.63 2.91 -7.11
C VAL A 72 7.16 1.84 -8.06
N GLU A 73 8.48 1.63 -8.04
CA GLU A 73 9.11 0.64 -8.90
C GLU A 73 8.46 -0.73 -8.70
N LEU A 74 8.30 -1.12 -7.44
CA LEU A 74 7.70 -2.42 -7.11
C LEU A 74 6.36 -2.60 -7.84
N LEU A 75 5.46 -1.65 -7.64
CA LEU A 75 4.15 -1.70 -8.27
C LEU A 75 4.27 -2.02 -9.76
N LYS A 76 5.11 -1.25 -10.46
CA LYS A 76 5.32 -1.46 -11.88
C LYS A 76 5.90 -2.83 -12.15
N ALA A 77 6.86 -3.25 -11.33
CA ALA A 77 7.50 -4.55 -11.48
C ALA A 77 6.46 -5.66 -11.55
N ALA A 78 5.46 -5.60 -10.67
CA ALA A 78 4.40 -6.60 -10.65
C ALA A 78 3.65 -6.64 -11.97
N GLN A 79 3.41 -7.85 -12.47
CA GLN A 79 2.70 -8.02 -13.74
C GLN A 79 1.37 -8.75 -13.51
N GLY A 80 1.37 -9.70 -12.57
CA GLY A 80 0.17 -10.45 -12.29
C GLY A 80 -0.67 -9.82 -11.21
N SER A 81 -0.08 -9.60 -10.04
CA SER A 81 -0.78 -9.00 -8.92
C SER A 81 0.20 -8.36 -7.94
N VAL A 82 -0.29 -7.40 -7.15
CA VAL A 82 0.54 -6.71 -6.17
C VAL A 82 0.05 -6.97 -4.76
N LYS A 83 0.98 -7.13 -3.83
CA LYS A 83 0.63 -7.37 -2.42
C LYS A 83 0.98 -6.16 -1.57
N LEU A 84 -0.06 -5.44 -1.13
CA LEU A 84 0.13 -4.26 -0.30
C LEU A 84 -0.19 -4.56 1.16
N VAL A 85 0.84 -4.55 2.00
CA VAL A 85 0.66 -4.82 3.42
C VAL A 85 0.64 -3.53 4.24
N VAL A 86 -0.31 -3.44 5.16
CA VAL A 86 -0.44 -2.26 6.01
C VAL A 86 -0.51 -2.64 7.48
N ARG A 87 -0.39 -1.64 8.35
CA ARG A 87 -0.44 -1.87 9.79
C ARG A 87 -1.73 -1.31 10.38
N SER A 88 -2.44 -2.14 11.13
CA SER A 88 -3.69 -1.73 11.75
C SER A 88 -3.75 -2.15 13.22
N GLY A 89 -4.54 -1.44 14.01
CA GLY A 89 -4.66 -1.76 15.42
C GLY A 89 -6.02 -2.32 15.77
N PRO A 90 -6.36 -2.29 17.07
CA PRO A 90 -7.65 -2.81 17.56
C PRO A 90 -8.83 -1.93 17.12
N SER A 91 -10.03 -2.51 17.15
CA SER A 91 -11.23 -1.79 16.76
C SER A 91 -11.37 -0.49 17.55
N SER A 92 -12.28 0.37 17.11
CA SER A 92 -12.51 1.64 17.78
C SER A 92 -13.93 1.72 18.34
N GLY A 93 -14.03 2.12 19.60
CA GLY A 93 -15.33 2.23 20.24
C GLY A 93 -15.58 1.11 21.24
N GLY A 1 0.46 -11.23 12.83
CA GLY A 1 1.07 -11.42 14.14
C GLY A 1 0.58 -12.70 14.81
N SER A 2 0.92 -12.86 16.09
CA SER A 2 0.51 -14.03 16.85
C SER A 2 -1.00 -14.18 16.84
N SER A 3 -1.69 -13.17 17.36
CA SER A 3 -3.15 -13.19 17.43
C SER A 3 -3.75 -13.15 16.02
N GLY A 4 -3.41 -12.12 15.27
CA GLY A 4 -3.93 -11.99 13.92
C GLY A 4 -2.97 -11.27 12.99
N SER A 5 -3.11 -11.50 11.69
CA SER A 5 -2.24 -10.87 10.70
C SER A 5 -2.37 -9.35 10.76
N SER A 6 -1.49 -8.67 10.02
CA SER A 6 -1.50 -7.21 9.99
C SER A 6 -2.68 -6.69 9.17
N GLY A 7 -2.77 -7.14 7.92
CA GLY A 7 -3.85 -6.70 7.06
C GLY A 7 -3.38 -6.41 5.65
N VAL A 8 -2.87 -7.44 4.97
CA VAL A 8 -2.38 -7.28 3.61
C VAL A 8 -3.53 -7.17 2.62
N VAL A 9 -3.35 -6.35 1.60
CA VAL A 9 -4.38 -6.15 0.58
C VAL A 9 -3.83 -6.43 -0.82
N GLU A 10 -4.33 -7.49 -1.45
CA GLU A 10 -3.89 -7.87 -2.79
C GLU A 10 -4.87 -7.36 -3.84
N LEU A 11 -4.40 -6.47 -4.71
CA LEU A 11 -5.23 -5.91 -5.77
C LEU A 11 -4.84 -6.48 -7.13
N PRO A 12 -5.83 -6.61 -8.03
CA PRO A 12 -5.61 -7.14 -9.37
C PRO A 12 -4.82 -6.17 -10.24
N LYS A 13 -3.63 -6.60 -10.68
CA LYS A 13 -2.78 -5.78 -11.52
C LYS A 13 -3.52 -5.34 -12.78
N THR A 14 -3.82 -4.05 -12.87
CA THR A 14 -4.52 -3.51 -14.02
C THR A 14 -3.90 -2.18 -14.47
N ASP A 15 -3.37 -2.17 -15.69
CA ASP A 15 -2.76 -0.97 -16.24
C ASP A 15 -3.64 0.25 -16.02
N GLU A 16 -4.94 0.04 -16.07
CA GLU A 16 -5.90 1.13 -15.87
C GLU A 16 -5.55 1.94 -14.62
N GLY A 17 -5.25 1.24 -13.54
CA GLY A 17 -4.89 1.91 -12.30
C GLY A 17 -5.43 1.19 -11.08
N LEU A 18 -5.08 1.68 -9.89
CA LEU A 18 -5.52 1.07 -8.65
C LEU A 18 -6.54 1.95 -7.94
N GLY A 19 -6.33 3.26 -8.00
CA GLY A 19 -7.24 4.19 -7.37
C GLY A 19 -6.77 4.63 -6.00
N PHE A 20 -5.46 4.81 -5.85
CA PHE A 20 -4.88 5.23 -4.58
C PHE A 20 -3.66 6.11 -4.80
N ASN A 21 -3.37 6.96 -3.82
CA ASN A 21 -2.23 7.87 -3.91
C ASN A 21 -1.43 7.87 -2.61
N ILE A 22 -0.12 7.69 -2.73
CA ILE A 22 0.76 7.66 -1.57
C ILE A 22 1.68 8.87 -1.54
N MET A 23 2.11 9.26 -0.36
CA MET A 23 2.99 10.40 -0.19
C MET A 23 3.92 10.21 1.00
N GLY A 24 5.15 10.72 0.89
CA GLY A 24 6.11 10.59 1.97
C GLY A 24 7.01 9.39 1.80
N GLY A 25 8.16 9.41 2.47
CA GLY A 25 9.09 8.30 2.38
C GLY A 25 10.48 8.67 2.86
N LYS A 26 11.09 9.65 2.20
CA LYS A 26 12.43 10.08 2.57
C LYS A 26 12.38 11.44 3.26
N GLU A 27 11.42 12.28 2.87
CA GLU A 27 11.27 13.60 3.45
C GLU A 27 11.16 13.51 4.98
N GLN A 28 12.21 13.98 5.65
CA GLN A 28 12.23 13.96 7.11
C GLN A 28 11.95 12.55 7.64
N ASN A 29 12.41 11.55 6.91
CA ASN A 29 12.21 10.16 7.30
C ASN A 29 10.74 9.88 7.57
N SER A 30 9.87 10.39 6.70
CA SER A 30 8.43 10.20 6.86
C SER A 30 8.00 8.85 6.31
N PRO A 31 7.17 8.13 7.08
CA PRO A 31 6.67 6.81 6.70
C PRO A 31 5.68 6.89 5.53
N ILE A 32 5.70 5.87 4.69
CA ILE A 32 4.81 5.81 3.53
C ILE A 32 3.41 5.39 3.95
N TYR A 33 2.41 6.09 3.43
CA TYR A 33 1.02 5.79 3.74
C TYR A 33 0.08 6.32 2.66
N ILE A 34 -1.19 5.92 2.74
CA ILE A 34 -2.18 6.37 1.77
C ILE A 34 -2.56 7.82 2.00
N SER A 35 -2.24 8.68 1.04
CA SER A 35 -2.55 10.10 1.14
C SER A 35 -3.97 10.38 0.67
N ARG A 36 -4.29 9.90 -0.53
CA ARG A 36 -5.62 10.09 -1.11
C ARG A 36 -6.18 8.79 -1.65
N VAL A 37 -7.50 8.67 -1.67
CA VAL A 37 -8.17 7.48 -2.16
C VAL A 37 -9.37 7.82 -3.03
N ILE A 38 -9.51 7.13 -4.15
CA ILE A 38 -10.63 7.38 -5.07
C ILE A 38 -11.93 6.81 -4.51
N PRO A 39 -13.00 7.61 -4.58
CA PRO A 39 -14.32 7.21 -4.09
C PRO A 39 -14.96 6.12 -4.94
N GLY A 40 -14.18 5.60 -5.90
CA GLY A 40 -14.69 4.56 -6.76
C GLY A 40 -13.60 3.94 -7.62
N GLY A 41 -12.50 3.55 -6.98
CA GLY A 41 -11.40 2.95 -7.70
C GLY A 41 -11.16 1.51 -7.29
N VAL A 42 -10.39 0.78 -8.09
CA VAL A 42 -10.08 -0.62 -7.81
C VAL A 42 -9.80 -0.82 -6.32
N ALA A 43 -9.11 0.14 -5.71
CA ALA A 43 -8.77 0.06 -4.29
C ALA A 43 -10.03 0.16 -3.44
N ASP A 44 -10.72 1.30 -3.52
CA ASP A 44 -11.94 1.51 -2.75
C ASP A 44 -12.86 0.29 -2.83
N ARG A 45 -13.22 -0.09 -4.04
CA ARG A 45 -14.10 -1.23 -4.25
C ARG A 45 -13.59 -2.45 -3.48
N HIS A 46 -12.33 -2.81 -3.72
CA HIS A 46 -11.73 -3.95 -3.04
C HIS A 46 -12.15 -4.01 -1.58
N GLY A 47 -12.04 -2.87 -0.90
CA GLY A 47 -12.41 -2.82 0.51
C GLY A 47 -11.30 -3.29 1.42
N GLY A 48 -10.20 -2.54 1.45
CA GLY A 48 -9.08 -2.90 2.30
C GLY A 48 -8.09 -1.76 2.48
N LEU A 49 -7.84 -1.02 1.41
CA LEU A 49 -6.92 0.11 1.46
C LEU A 49 -7.66 1.42 1.64
N LYS A 50 -7.25 2.21 2.61
CA LYS A 50 -7.87 3.51 2.88
C LYS A 50 -6.84 4.54 3.32
N ARG A 51 -7.20 5.81 3.22
CA ARG A 51 -6.31 6.89 3.61
C ARG A 51 -5.82 6.71 5.04
N GLY A 52 -4.50 6.67 5.23
CA GLY A 52 -3.93 6.50 6.55
C GLY A 52 -3.13 5.22 6.67
N ASP A 53 -3.59 4.17 5.99
CA ASP A 53 -2.89 2.89 6.04
C ASP A 53 -1.42 3.04 5.68
N GLN A 54 -0.56 2.81 6.67
CA GLN A 54 0.88 2.93 6.47
C GLN A 54 1.43 1.72 5.71
N LEU A 55 2.00 1.98 4.54
CA LEU A 55 2.56 0.92 3.72
C LEU A 55 3.77 0.28 4.39
N LEU A 56 3.66 -1.00 4.72
CA LEU A 56 4.74 -1.73 5.37
C LEU A 56 5.67 -2.35 4.34
N SER A 57 5.12 -3.22 3.50
CA SER A 57 5.90 -3.89 2.47
C SER A 57 5.04 -4.23 1.26
N VAL A 58 5.60 -4.04 0.07
CA VAL A 58 4.87 -4.32 -1.17
C VAL A 58 5.56 -5.42 -1.97
N ASN A 59 4.77 -6.30 -2.56
CA ASN A 59 5.30 -7.40 -3.35
C ASN A 59 6.35 -8.18 -2.56
N GLY A 60 6.11 -8.34 -1.26
CA GLY A 60 7.04 -9.06 -0.42
C GLY A 60 8.36 -8.33 -0.25
N VAL A 61 8.32 -7.01 -0.33
CA VAL A 61 9.52 -6.20 -0.19
C VAL A 61 9.29 -5.06 0.81
N SER A 62 10.21 -4.93 1.77
CA SER A 62 10.11 -3.89 2.79
C SER A 62 10.30 -2.51 2.16
N VAL A 63 9.22 -1.74 2.12
CA VAL A 63 9.25 -0.39 1.55
C VAL A 63 9.34 0.67 2.65
N GLU A 64 8.85 0.31 3.84
CA GLU A 64 8.87 1.23 4.97
C GLU A 64 10.26 1.81 5.19
N GLY A 65 11.28 0.96 5.00
CA GLY A 65 12.66 1.40 5.18
C GLY A 65 13.35 1.67 3.86
N GLU A 66 12.64 2.31 2.93
CA GLU A 66 13.20 2.63 1.63
C GLU A 66 12.63 3.95 1.10
N GLN A 67 13.20 4.42 -0.01
CA GLN A 67 12.75 5.66 -0.62
C GLN A 67 11.46 5.46 -1.40
N HIS A 68 10.57 6.45 -1.35
CA HIS A 68 9.31 6.37 -2.05
C HIS A 68 9.47 5.70 -3.41
N GLU A 69 10.33 6.27 -4.25
CA GLU A 69 10.58 5.72 -5.58
C GLU A 69 10.60 4.19 -5.54
N LYS A 70 11.42 3.64 -4.65
CA LYS A 70 11.54 2.20 -4.51
C LYS A 70 10.17 1.54 -4.55
N ALA A 71 9.22 2.11 -3.81
CA ALA A 71 7.86 1.57 -3.76
C ALA A 71 7.25 1.51 -5.15
N VAL A 72 7.30 2.63 -5.87
CA VAL A 72 6.74 2.70 -7.22
C VAL A 72 7.31 1.60 -8.09
N GLU A 73 8.62 1.40 -8.04
CA GLU A 73 9.28 0.37 -8.83
C GLU A 73 8.62 -0.98 -8.62
N LEU A 74 8.46 -1.37 -7.36
CA LEU A 74 7.84 -2.65 -7.03
C LEU A 74 6.49 -2.81 -7.72
N LEU A 75 5.57 -1.90 -7.42
CA LEU A 75 4.24 -1.93 -8.02
C LEU A 75 4.32 -2.37 -9.48
N LYS A 76 5.17 -1.73 -10.25
CA LYS A 76 5.34 -2.06 -11.66
C LYS A 76 6.03 -3.40 -11.83
N ALA A 77 7.03 -3.66 -10.98
CA ALA A 77 7.77 -4.91 -11.03
C ALA A 77 6.83 -6.10 -11.04
N ALA A 78 5.79 -6.04 -10.21
CA ALA A 78 4.81 -7.12 -10.13
C ALA A 78 4.20 -7.42 -11.50
N GLN A 79 3.45 -8.51 -11.58
CA GLN A 79 2.82 -8.91 -12.83
C GLN A 79 1.59 -9.77 -12.57
N GLY A 80 0.42 -9.24 -12.89
CA GLY A 80 -0.82 -9.98 -12.68
C GLY A 80 -1.50 -9.60 -11.39
N SER A 81 -0.72 -9.48 -10.32
CA SER A 81 -1.26 -9.12 -9.01
C SER A 81 -0.18 -8.53 -8.12
N VAL A 82 -0.54 -7.48 -7.40
CA VAL A 82 0.40 -6.82 -6.49
C VAL A 82 -0.03 -6.98 -5.04
N LYS A 83 0.95 -7.19 -4.15
CA LYS A 83 0.68 -7.36 -2.74
C LYS A 83 1.00 -6.08 -1.97
N LEU A 84 -0.03 -5.43 -1.44
CA LEU A 84 0.15 -4.20 -0.68
C LEU A 84 -0.15 -4.42 0.79
N VAL A 85 0.91 -4.48 1.61
CA VAL A 85 0.75 -4.68 3.04
C VAL A 85 0.59 -3.36 3.77
N VAL A 86 -0.23 -3.37 4.82
CA VAL A 86 -0.48 -2.16 5.61
C VAL A 86 -0.78 -2.51 7.06
N ARG A 87 -0.68 -1.51 7.93
CA ARG A 87 -0.95 -1.71 9.35
C ARG A 87 -2.29 -1.10 9.74
N SER A 88 -3.01 -1.76 10.65
CA SER A 88 -4.31 -1.28 11.11
C SER A 88 -4.30 -1.04 12.61
N GLY A 89 -4.89 0.07 13.03
CA GLY A 89 -4.93 0.41 14.44
C GLY A 89 -6.29 0.12 15.06
N PRO A 90 -6.30 -0.12 16.37
CA PRO A 90 -7.54 -0.42 17.10
C PRO A 90 -8.44 0.81 17.22
N SER A 91 -9.54 0.80 16.46
CA SER A 91 -10.48 1.91 16.48
C SER A 91 -11.83 1.49 15.89
N SER A 92 -12.83 2.34 16.06
CA SER A 92 -14.16 2.06 15.54
C SER A 92 -14.23 2.31 14.04
N GLY A 93 -15.28 1.78 13.41
CA GLY A 93 -15.45 1.96 11.98
C GLY A 93 -16.00 0.73 11.30
N GLY A 1 4.99 -14.16 22.19
CA GLY A 1 4.58 -13.16 21.23
C GLY A 1 5.04 -13.49 19.82
N SER A 2 4.12 -13.36 18.86
CA SER A 2 4.44 -13.66 17.46
C SER A 2 4.05 -12.48 16.56
N SER A 3 4.96 -12.12 15.66
CA SER A 3 4.71 -11.01 14.73
C SER A 3 3.31 -11.09 14.15
N GLY A 4 2.90 -12.30 13.77
CA GLY A 4 1.59 -12.49 13.19
C GLY A 4 1.47 -11.93 11.79
N SER A 5 0.24 -11.71 11.33
CA SER A 5 0.01 -11.18 10.00
C SER A 5 -0.87 -9.94 10.05
N SER A 6 -0.46 -8.89 9.35
CA SER A 6 -1.21 -7.64 9.31
C SER A 6 -2.07 -7.55 8.06
N GLY A 7 -3.02 -6.62 8.06
CA GLY A 7 -3.89 -6.45 6.92
C GLY A 7 -3.14 -6.43 5.60
N VAL A 8 -3.31 -7.48 4.81
CA VAL A 8 -2.63 -7.59 3.52
C VAL A 8 -3.61 -7.41 2.38
N VAL A 9 -3.48 -6.28 1.67
CA VAL A 9 -4.36 -5.98 0.54
C VAL A 9 -3.73 -6.43 -0.77
N GLU A 10 -4.40 -7.37 -1.44
CA GLU A 10 -3.91 -7.89 -2.71
C GLU A 10 -4.73 -7.35 -3.88
N LEU A 11 -4.15 -6.42 -4.63
CA LEU A 11 -4.83 -5.82 -5.77
C LEU A 11 -4.30 -6.39 -7.09
N PRO A 12 -5.19 -6.52 -8.07
CA PRO A 12 -4.84 -7.06 -9.39
C PRO A 12 -3.95 -6.10 -10.18
N LYS A 13 -2.84 -6.61 -10.69
CA LYS A 13 -1.90 -5.81 -11.46
C LYS A 13 -2.42 -5.57 -12.89
N THR A 14 -2.87 -4.35 -13.15
CA THR A 14 -3.38 -4.00 -14.46
C THR A 14 -3.18 -2.52 -14.76
N ASP A 15 -2.60 -2.23 -15.92
CA ASP A 15 -2.34 -0.85 -16.32
C ASP A 15 -3.48 0.06 -15.89
N GLU A 16 -4.70 -0.47 -15.88
CA GLU A 16 -5.87 0.30 -15.49
C GLU A 16 -5.55 1.21 -14.31
N GLY A 17 -4.81 0.68 -13.33
CA GLY A 17 -4.45 1.45 -12.16
C GLY A 17 -5.00 0.86 -10.88
N LEU A 18 -4.50 1.34 -9.74
CA LEU A 18 -4.93 0.85 -8.44
C LEU A 18 -6.01 1.75 -7.86
N GLY A 19 -5.82 3.07 -7.98
CA GLY A 19 -6.79 4.01 -7.47
C GLY A 19 -6.47 4.47 -6.06
N PHE A 20 -5.18 4.65 -5.78
CA PHE A 20 -4.74 5.08 -4.46
C PHE A 20 -3.50 5.97 -4.56
N ASN A 21 -3.38 6.92 -3.65
CA ASN A 21 -2.24 7.84 -3.64
C ASN A 21 -1.43 7.68 -2.36
N ILE A 22 -0.13 7.91 -2.46
CA ILE A 22 0.76 7.80 -1.30
C ILE A 22 1.82 8.90 -1.31
N MET A 23 2.22 9.34 -0.12
CA MET A 23 3.23 10.38 0.00
C MET A 23 4.22 10.05 1.12
N GLY A 24 5.49 10.37 0.89
CA GLY A 24 6.50 10.10 1.90
C GLY A 24 7.76 9.49 1.30
N GLY A 25 8.35 8.54 2.01
CA GLY A 25 9.56 7.90 1.52
C GLY A 25 10.74 8.10 2.45
N LYS A 26 11.71 8.89 2.01
CA LYS A 26 12.90 9.16 2.82
C LYS A 26 12.91 10.62 3.28
N GLU A 27 11.79 11.30 3.12
CA GLU A 27 11.67 12.70 3.53
C GLU A 27 11.54 12.81 5.04
N GLN A 28 12.62 13.24 5.69
CA GLN A 28 12.62 13.39 7.15
C GLN A 28 12.21 12.09 7.83
N ASN A 29 12.67 10.97 7.28
CA ASN A 29 12.36 9.65 7.84
C ASN A 29 10.85 9.49 8.01
N SER A 30 10.10 9.96 7.02
CA SER A 30 8.64 9.85 7.06
C SER A 30 8.17 8.54 6.44
N PRO A 31 7.27 7.85 7.16
CA PRO A 31 6.72 6.57 6.71
C PRO A 31 5.78 6.73 5.52
N ILE A 32 5.72 5.69 4.67
CA ILE A 32 4.86 5.73 3.50
C ILE A 32 3.43 5.32 3.85
N TYR A 33 2.47 6.13 3.43
CA TYR A 33 1.06 5.87 3.70
C TYR A 33 0.18 6.37 2.56
N ILE A 34 -1.12 6.12 2.67
CA ILE A 34 -2.07 6.55 1.65
C ILE A 34 -2.46 8.01 1.85
N SER A 35 -2.08 8.86 0.90
CA SER A 35 -2.38 10.28 0.96
C SER A 35 -3.85 10.54 0.62
N ARG A 36 -4.29 9.97 -0.50
CA ARG A 36 -5.68 10.15 -0.95
C ARG A 36 -6.16 8.91 -1.70
N VAL A 37 -7.44 8.61 -1.57
CA VAL A 37 -8.04 7.46 -2.24
C VAL A 37 -9.07 7.89 -3.28
N ILE A 38 -9.03 7.25 -4.44
CA ILE A 38 -9.96 7.57 -5.51
C ILE A 38 -11.37 7.05 -5.20
N PRO A 39 -12.37 7.91 -5.35
CA PRO A 39 -13.78 7.57 -5.10
C PRO A 39 -14.32 6.57 -6.12
N GLY A 40 -13.45 6.09 -6.99
CA GLY A 40 -13.87 5.14 -8.01
C GLY A 40 -12.69 4.42 -8.65
N GLY A 41 -11.89 3.75 -7.83
CA GLY A 41 -10.74 3.04 -8.34
C GLY A 41 -10.74 1.58 -7.93
N VAL A 42 -9.84 0.79 -8.53
CA VAL A 42 -9.74 -0.63 -8.22
C VAL A 42 -9.73 -0.87 -6.71
N ALA A 43 -8.97 -0.04 -6.00
CA ALA A 43 -8.88 -0.16 -4.54
C ALA A 43 -10.22 0.14 -3.88
N ASP A 44 -10.68 1.38 -4.02
CA ASP A 44 -11.95 1.79 -3.44
C ASP A 44 -12.98 0.66 -3.50
N ARG A 45 -13.05 -0.01 -4.65
CA ARG A 45 -13.98 -1.11 -4.83
C ARG A 45 -13.66 -2.26 -3.89
N HIS A 46 -12.40 -2.71 -3.93
CA HIS A 46 -11.95 -3.81 -3.07
C HIS A 46 -12.39 -3.59 -1.63
N GLY A 47 -12.16 -2.38 -1.12
CA GLY A 47 -12.54 -2.06 0.23
C GLY A 47 -11.52 -2.54 1.25
N GLY A 48 -10.24 -2.33 0.94
CA GLY A 48 -9.18 -2.76 1.83
C GLY A 48 -8.20 -1.64 2.13
N LEU A 49 -7.89 -0.83 1.13
CA LEU A 49 -6.96 0.28 1.30
C LEU A 49 -7.70 1.59 1.52
N LYS A 50 -7.23 2.37 2.49
CA LYS A 50 -7.86 3.65 2.80
C LYS A 50 -6.80 4.67 3.23
N ARG A 51 -7.18 5.95 3.20
CA ARG A 51 -6.27 7.02 3.59
C ARG A 51 -5.78 6.82 5.02
N GLY A 52 -4.46 6.71 5.18
CA GLY A 52 -3.89 6.52 6.50
C GLY A 52 -3.09 5.23 6.60
N ASP A 53 -3.58 4.18 5.95
CA ASP A 53 -2.90 2.89 5.97
C ASP A 53 -1.44 3.03 5.57
N GLN A 54 -0.54 2.90 6.54
CA GLN A 54 0.88 3.02 6.29
C GLN A 54 1.43 1.77 5.59
N LEU A 55 2.07 1.97 4.44
CA LEU A 55 2.62 0.85 3.68
C LEU A 55 3.83 0.27 4.40
N LEU A 56 3.73 -1.01 4.77
CA LEU A 56 4.81 -1.69 5.46
C LEU A 56 5.76 -2.35 4.46
N SER A 57 5.21 -3.17 3.58
CA SER A 57 6.02 -3.86 2.57
C SER A 57 5.21 -4.09 1.29
N VAL A 58 5.88 -3.99 0.15
CA VAL A 58 5.24 -4.19 -1.14
C VAL A 58 5.85 -5.37 -1.89
N ASN A 59 5.00 -6.19 -2.48
CA ASN A 59 5.46 -7.35 -3.23
C ASN A 59 6.39 -8.21 -2.39
N GLY A 60 6.16 -8.23 -1.08
CA GLY A 60 6.99 -9.00 -0.19
C GLY A 60 8.35 -8.39 0.03
N VAL A 61 8.41 -7.06 -0.02
CA VAL A 61 9.67 -6.34 0.17
C VAL A 61 9.50 -5.22 1.19
N SER A 62 10.20 -5.34 2.32
CA SER A 62 10.13 -4.33 3.37
C SER A 62 10.48 -2.96 2.82
N VAL A 63 9.47 -2.11 2.67
CA VAL A 63 9.66 -0.76 2.16
C VAL A 63 9.62 0.27 3.29
N GLU A 64 9.78 -0.20 4.52
CA GLU A 64 9.76 0.67 5.68
C GLU A 64 11.03 1.51 5.76
N GLY A 65 10.94 2.78 5.35
CA GLY A 65 12.08 3.66 5.39
C GLY A 65 12.64 3.94 4.00
N GLU A 66 12.61 2.93 3.14
CA GLU A 66 13.11 3.08 1.78
C GLU A 66 12.44 4.25 1.07
N GLN A 67 13.07 4.74 0.00
CA GLN A 67 12.53 5.86 -0.75
C GLN A 67 11.09 5.60 -1.16
N HIS A 68 10.46 6.60 -1.77
CA HIS A 68 9.08 6.48 -2.22
C HIS A 68 8.99 5.75 -3.56
N GLU A 69 9.88 6.12 -4.48
CA GLU A 69 9.91 5.51 -5.80
C GLU A 69 10.04 3.99 -5.70
N LYS A 70 11.05 3.53 -4.96
CA LYS A 70 11.27 2.11 -4.77
C LYS A 70 9.96 1.35 -4.71
N ALA A 71 9.05 1.82 -3.85
CA ALA A 71 7.75 1.19 -3.69
C ALA A 71 6.96 1.23 -4.99
N VAL A 72 6.94 2.39 -5.64
CA VAL A 72 6.22 2.56 -6.90
C VAL A 72 6.76 1.62 -7.97
N GLU A 73 8.05 1.76 -8.28
CA GLU A 73 8.69 0.93 -9.29
C GLU A 73 8.39 -0.54 -9.05
N LEU A 74 8.32 -0.93 -7.78
CA LEU A 74 8.04 -2.32 -7.41
C LEU A 74 6.67 -2.75 -7.95
N LEU A 75 5.64 -1.98 -7.63
CA LEU A 75 4.29 -2.29 -8.09
C LEU A 75 4.25 -2.47 -9.60
N LYS A 76 4.72 -1.46 -10.32
CA LYS A 76 4.75 -1.50 -11.78
C LYS A 76 5.50 -2.73 -12.28
N ALA A 77 6.60 -3.04 -11.62
CA ALA A 77 7.42 -4.20 -11.99
C ALA A 77 6.65 -5.50 -11.77
N ALA A 78 5.88 -5.55 -10.69
CA ALA A 78 5.09 -6.74 -10.36
C ALA A 78 4.24 -7.17 -11.55
N GLN A 79 3.75 -8.40 -11.51
CA GLN A 79 2.92 -8.94 -12.58
C GLN A 79 1.90 -9.93 -12.04
N GLY A 80 0.66 -9.83 -12.52
CA GLY A 80 -0.38 -10.73 -12.07
C GLY A 80 -1.11 -10.21 -10.85
N SER A 81 -0.37 -9.90 -9.80
CA SER A 81 -0.96 -9.39 -8.56
C SER A 81 0.12 -8.83 -7.64
N VAL A 82 -0.28 -7.91 -6.77
CA VAL A 82 0.66 -7.28 -5.84
C VAL A 82 0.11 -7.32 -4.41
N LYS A 83 0.97 -7.68 -3.47
CA LYS A 83 0.58 -7.75 -2.07
C LYS A 83 1.08 -6.54 -1.30
N LEU A 84 0.15 -5.66 -0.92
CA LEU A 84 0.50 -4.45 -0.18
C LEU A 84 0.19 -4.62 1.31
N VAL A 85 1.24 -4.71 2.11
CA VAL A 85 1.09 -4.88 3.55
C VAL A 85 0.88 -3.53 4.24
N VAL A 86 -0.01 -3.50 5.22
CA VAL A 86 -0.30 -2.27 5.96
C VAL A 86 -0.66 -2.58 7.41
N ARG A 87 -0.69 -1.54 8.23
CA ARG A 87 -1.03 -1.69 9.64
C ARG A 87 -2.49 -1.33 9.90
N SER A 88 -3.22 -2.25 10.53
CA SER A 88 -4.63 -2.02 10.83
C SER A 88 -4.89 -2.17 12.33
N GLY A 89 -5.96 -1.54 12.80
CA GLY A 89 -6.31 -1.61 14.20
C GLY A 89 -6.48 -3.03 14.69
N PRO A 90 -6.90 -3.18 15.95
CA PRO A 90 -7.12 -4.50 16.56
C PRO A 90 -8.32 -5.23 15.96
N SER A 91 -9.45 -4.54 15.91
CA SER A 91 -10.67 -5.12 15.37
C SER A 91 -11.50 -4.07 14.64
N SER A 92 -12.48 -4.52 13.87
CA SER A 92 -13.34 -3.62 13.11
C SER A 92 -14.53 -3.18 13.95
N GLY A 93 -14.53 -1.92 14.36
CA GLY A 93 -15.61 -1.39 15.17
C GLY A 93 -16.95 -1.51 14.47
N GLY A 1 5.32 -18.55 13.42
CA GLY A 1 4.07 -19.16 12.99
C GLY A 1 2.87 -18.29 13.30
N SER A 2 2.74 -17.90 14.56
CA SER A 2 1.62 -17.06 14.99
C SER A 2 1.64 -15.71 14.28
N SER A 3 2.76 -14.99 14.45
CA SER A 3 2.91 -13.68 13.83
C SER A 3 3.97 -13.72 12.73
N GLY A 4 3.75 -12.95 11.67
CA GLY A 4 4.69 -12.91 10.57
C GLY A 4 4.36 -11.82 9.57
N SER A 5 3.25 -11.98 8.86
CA SER A 5 2.83 -11.00 7.85
C SER A 5 1.61 -10.22 8.34
N SER A 6 1.62 -8.92 8.11
CA SER A 6 0.52 -8.06 8.53
C SER A 6 -0.53 -7.95 7.41
N GLY A 7 -1.61 -7.23 7.71
CA GLY A 7 -2.67 -7.06 6.73
C GLY A 7 -2.14 -6.88 5.33
N VAL A 8 -2.43 -7.85 4.46
CA VAL A 8 -1.97 -7.79 3.07
C VAL A 8 -3.15 -7.73 2.11
N VAL A 9 -3.22 -6.63 1.35
CA VAL A 9 -4.30 -6.44 0.39
C VAL A 9 -3.84 -6.76 -1.03
N GLU A 10 -4.29 -7.88 -1.56
CA GLU A 10 -3.92 -8.29 -2.91
C GLU A 10 -4.85 -7.66 -3.95
N LEU A 11 -4.29 -6.81 -4.80
CA LEU A 11 -5.06 -6.15 -5.84
C LEU A 11 -4.57 -6.54 -7.23
N PRO A 12 -5.48 -6.49 -8.21
CA PRO A 12 -5.16 -6.84 -9.60
C PRO A 12 -4.24 -5.81 -10.25
N LYS A 13 -3.05 -6.26 -10.64
CA LYS A 13 -2.08 -5.38 -11.28
C LYS A 13 -2.33 -5.30 -12.78
N THR A 14 -2.75 -4.12 -13.24
CA THR A 14 -3.02 -3.90 -14.66
C THR A 14 -3.11 -2.41 -14.97
N ASP A 15 -2.83 -2.06 -16.22
CA ASP A 15 -2.88 -0.67 -16.66
C ASP A 15 -4.02 0.06 -15.98
N GLU A 16 -5.16 -0.63 -15.82
CA GLU A 16 -6.32 -0.03 -15.19
C GLU A 16 -5.93 0.85 -14.02
N GLY A 17 -5.07 0.31 -13.15
CA GLY A 17 -4.62 1.06 -11.99
C GLY A 17 -5.19 0.51 -10.69
N LEU A 18 -4.77 1.09 -9.57
CA LEU A 18 -5.24 0.66 -8.27
C LEU A 18 -6.26 1.64 -7.70
N GLY A 19 -6.03 2.92 -7.94
CA GLY A 19 -6.94 3.95 -7.44
C GLY A 19 -6.52 4.49 -6.09
N PHE A 20 -5.22 4.70 -5.91
CA PHE A 20 -4.70 5.22 -4.65
C PHE A 20 -3.48 6.10 -4.89
N ASN A 21 -3.21 7.00 -3.94
CA ASN A 21 -2.07 7.90 -4.06
C ASN A 21 -1.32 8.00 -2.73
N ILE A 22 0.00 7.89 -2.79
CA ILE A 22 0.83 7.96 -1.60
C ILE A 22 1.77 9.16 -1.66
N MET A 23 2.09 9.72 -0.49
CA MET A 23 2.98 10.86 -0.41
C MET A 23 4.11 10.61 0.59
N GLY A 24 5.18 11.39 0.47
CA GLY A 24 6.31 11.23 1.36
C GLY A 24 7.22 10.10 0.95
N GLY A 25 8.52 10.26 1.18
CA GLY A 25 9.48 9.23 0.82
C GLY A 25 10.79 9.39 1.55
N LYS A 26 11.86 9.59 0.79
CA LYS A 26 13.20 9.76 1.36
C LYS A 26 13.48 11.22 1.67
N GLU A 27 13.54 12.03 0.63
CA GLU A 27 13.81 13.46 0.78
C GLU A 27 12.96 14.06 1.89
N GLN A 28 11.67 13.70 1.90
CA GLN A 28 10.75 14.20 2.91
C GLN A 28 11.10 13.64 4.29
N ASN A 29 11.64 12.43 4.31
CA ASN A 29 12.02 11.78 5.56
C ASN A 29 10.80 11.47 6.41
N SER A 30 9.73 11.00 5.75
CA SER A 30 8.49 10.67 6.44
C SER A 30 8.00 9.29 6.05
N PRO A 31 7.13 8.71 6.89
CA PRO A 31 6.57 7.37 6.65
C PRO A 31 5.61 7.35 5.47
N ILE A 32 5.71 6.32 4.64
CA ILE A 32 4.85 6.18 3.47
C ILE A 32 3.45 5.71 3.87
N TYR A 33 2.44 6.40 3.37
CA TYR A 33 1.06 6.06 3.69
C TYR A 33 0.12 6.51 2.57
N ILE A 34 -1.16 6.16 2.70
CA ILE A 34 -2.16 6.53 1.70
C ILE A 34 -2.61 7.97 1.88
N SER A 35 -2.23 8.83 0.94
CA SER A 35 -2.60 10.24 1.00
C SER A 35 -4.01 10.45 0.47
N ARG A 36 -4.28 9.92 -0.72
CA ARG A 36 -5.60 10.05 -1.32
C ARG A 36 -6.08 8.71 -1.88
N VAL A 37 -7.39 8.52 -1.89
CA VAL A 37 -7.99 7.28 -2.39
C VAL A 37 -9.13 7.57 -3.35
N ILE A 38 -9.07 6.97 -4.53
CA ILE A 38 -10.10 7.16 -5.55
C ILE A 38 -11.43 6.56 -5.10
N PRO A 39 -12.47 7.39 -5.01
CA PRO A 39 -13.81 6.95 -4.60
C PRO A 39 -14.48 6.08 -5.66
N GLY A 40 -13.75 5.79 -6.73
CA GLY A 40 -14.29 4.97 -7.79
C GLY A 40 -13.22 4.16 -8.51
N GLY A 41 -12.30 3.59 -7.73
CA GLY A 41 -11.22 2.80 -8.31
C GLY A 41 -11.24 1.36 -7.83
N VAL A 42 -10.08 0.71 -7.89
CA VAL A 42 -9.96 -0.67 -7.46
C VAL A 42 -9.84 -0.76 -5.94
N ALA A 43 -9.02 0.12 -5.37
CA ALA A 43 -8.82 0.15 -3.92
C ALA A 43 -10.15 0.30 -3.18
N ASP A 44 -10.86 1.36 -3.49
CA ASP A 44 -12.15 1.63 -2.86
C ASP A 44 -13.09 0.43 -3.00
N ARG A 45 -13.39 0.06 -4.24
CA ARG A 45 -14.27 -1.06 -4.52
C ARG A 45 -13.84 -2.30 -3.72
N HIS A 46 -12.57 -2.67 -3.86
CA HIS A 46 -12.04 -3.83 -3.15
C HIS A 46 -12.34 -3.74 -1.66
N GLY A 47 -12.14 -2.56 -1.09
CA GLY A 47 -12.39 -2.36 0.33
C GLY A 47 -11.27 -2.90 1.19
N GLY A 48 -10.23 -2.10 1.38
CA GLY A 48 -9.11 -2.53 2.19
C GLY A 48 -8.10 -1.42 2.42
N LEU A 49 -7.86 -0.63 1.38
CA LEU A 49 -6.90 0.48 1.47
C LEU A 49 -7.63 1.81 1.61
N LYS A 50 -7.22 2.61 2.59
CA LYS A 50 -7.82 3.92 2.81
C LYS A 50 -6.77 4.94 3.23
N ARG A 51 -7.07 6.21 3.00
CA ARG A 51 -6.15 7.30 3.35
C ARG A 51 -5.71 7.19 4.81
N GLY A 52 -4.41 7.01 5.03
CA GLY A 52 -3.89 6.90 6.37
C GLY A 52 -3.05 5.65 6.57
N ASP A 53 -3.48 4.55 5.96
CA ASP A 53 -2.76 3.28 6.07
C ASP A 53 -1.30 3.46 5.70
N GLN A 54 -0.41 3.06 6.60
CA GLN A 54 1.02 3.18 6.38
C GLN A 54 1.56 1.95 5.65
N LEU A 55 2.20 2.17 4.51
CA LEU A 55 2.76 1.07 3.72
C LEU A 55 3.92 0.41 4.45
N LEU A 56 3.76 -0.87 4.79
CA LEU A 56 4.80 -1.61 5.50
C LEU A 56 5.74 -2.28 4.51
N SER A 57 5.20 -3.10 3.62
CA SER A 57 6.00 -3.80 2.63
C SER A 57 5.18 -4.07 1.36
N VAL A 58 5.84 -3.99 0.21
CA VAL A 58 5.18 -4.22 -1.06
C VAL A 58 5.82 -5.40 -1.80
N ASN A 59 4.98 -6.24 -2.40
CA ASN A 59 5.46 -7.40 -3.14
C ASN A 59 6.41 -8.23 -2.28
N GLY A 60 6.17 -8.24 -0.98
CA GLY A 60 7.01 -9.00 -0.07
C GLY A 60 8.35 -8.33 0.17
N VAL A 61 8.39 -7.01 -0.01
CA VAL A 61 9.62 -6.25 0.19
C VAL A 61 9.41 -5.12 1.20
N SER A 62 10.26 -5.08 2.22
CA SER A 62 10.17 -4.06 3.26
C SER A 62 10.42 -2.67 2.68
N VAL A 63 9.36 -1.87 2.61
CA VAL A 63 9.47 -0.51 2.08
C VAL A 63 9.70 0.50 3.19
N GLU A 64 9.09 0.27 4.34
CA GLU A 64 9.23 1.16 5.49
C GLU A 64 10.67 1.66 5.60
N GLY A 65 11.62 0.78 5.32
CA GLY A 65 13.02 1.15 5.40
C GLY A 65 13.63 1.43 4.04
N GLU A 66 12.85 2.07 3.18
CA GLU A 66 13.32 2.39 1.83
C GLU A 66 12.64 3.66 1.31
N GLN A 67 13.16 4.18 0.20
CA GLN A 67 12.60 5.39 -0.40
C GLN A 67 11.28 5.09 -1.10
N HIS A 68 10.56 6.15 -1.49
CA HIS A 68 9.28 5.99 -2.16
C HIS A 68 9.44 5.25 -3.48
N GLU A 69 10.33 5.76 -4.33
CA GLU A 69 10.58 5.14 -5.63
C GLU A 69 10.53 3.62 -5.53
N LYS A 70 11.18 3.08 -4.50
CA LYS A 70 11.21 1.64 -4.29
C LYS A 70 9.81 1.03 -4.42
N ALA A 71 8.85 1.61 -3.69
CA ALA A 71 7.48 1.14 -3.73
C ALA A 71 6.90 1.23 -5.14
N VAL A 72 7.01 2.42 -5.74
CA VAL A 72 6.50 2.64 -7.08
C VAL A 72 7.03 1.60 -8.05
N GLU A 73 8.35 1.43 -8.08
CA GLU A 73 8.98 0.45 -8.97
C GLU A 73 8.53 -0.96 -8.62
N LEU A 74 8.28 -1.21 -7.34
CA LEU A 74 7.86 -2.52 -6.87
C LEU A 74 6.46 -2.85 -7.39
N LEU A 75 5.61 -1.84 -7.45
CA LEU A 75 4.23 -2.02 -7.93
C LEU A 75 4.19 -2.02 -9.45
N LYS A 76 4.91 -1.09 -10.07
CA LYS A 76 4.96 -0.98 -11.52
C LYS A 76 5.68 -2.18 -12.13
N ALA A 77 6.77 -2.59 -11.48
CA ALA A 77 7.55 -3.73 -11.96
C ALA A 77 6.77 -5.03 -11.81
N ALA A 78 5.94 -5.10 -10.78
CA ALA A 78 5.14 -6.29 -10.52
C ALA A 78 4.18 -6.57 -11.68
N GLN A 79 3.47 -7.69 -11.60
CA GLN A 79 2.53 -8.08 -12.64
C GLN A 79 1.49 -9.06 -12.09
N GLY A 80 0.37 -9.16 -12.80
CA GLY A 80 -0.68 -10.07 -12.37
C GLY A 80 -1.39 -9.60 -11.12
N SER A 81 -0.70 -9.66 -9.99
CA SER A 81 -1.26 -9.23 -8.72
C SER A 81 -0.17 -8.75 -7.76
N VAL A 82 -0.41 -7.63 -7.10
CA VAL A 82 0.54 -7.07 -6.16
C VAL A 82 0.01 -7.12 -4.73
N LYS A 83 0.87 -7.55 -3.80
CA LYS A 83 0.48 -7.64 -2.40
C LYS A 83 0.94 -6.41 -1.63
N LEU A 84 -0.02 -5.61 -1.16
CA LEU A 84 0.27 -4.41 -0.41
C LEU A 84 0.01 -4.62 1.08
N VAL A 85 1.07 -4.60 1.88
CA VAL A 85 0.96 -4.78 3.32
C VAL A 85 0.75 -3.45 4.03
N VAL A 86 -0.30 -3.37 4.82
CA VAL A 86 -0.62 -2.14 5.56
C VAL A 86 -0.88 -2.45 7.03
N ARG A 87 -0.76 -1.42 7.88
CA ARG A 87 -0.99 -1.57 9.30
C ARG A 87 -2.35 -1.02 9.70
N SER A 88 -3.30 -1.94 9.97
CA SER A 88 -4.64 -1.53 10.35
C SER A 88 -5.19 -2.47 11.43
N GLY A 89 -5.66 -1.88 12.52
CA GLY A 89 -6.21 -2.66 13.61
C GLY A 89 -7.45 -2.03 14.22
N PRO A 90 -8.42 -2.88 14.60
CA PRO A 90 -9.67 -2.41 15.20
C PRO A 90 -9.47 -1.86 16.62
N SER A 91 -8.22 -1.83 17.06
CA SER A 91 -7.89 -1.32 18.38
C SER A 91 -8.49 0.06 18.60
N SER A 92 -9.35 0.18 19.61
CA SER A 92 -10.00 1.45 19.92
C SER A 92 -9.06 2.35 20.72
N GLY A 93 -9.46 3.60 20.90
CA GLY A 93 -8.65 4.54 21.64
C GLY A 93 -9.21 5.96 21.59
N GLY A 1 4.43 -11.95 17.28
CA GLY A 1 3.99 -13.33 17.21
C GLY A 1 2.54 -13.49 17.62
N SER A 2 2.19 -12.97 18.78
CA SER A 2 0.82 -13.06 19.29
C SER A 2 -0.19 -12.98 18.14
N SER A 3 -0.12 -11.91 17.37
CA SER A 3 -1.02 -11.71 16.24
C SER A 3 -0.79 -12.76 15.17
N GLY A 4 -1.82 -13.02 14.36
CA GLY A 4 -1.71 -14.00 13.30
C GLY A 4 -1.09 -13.44 12.04
N SER A 5 -1.93 -13.10 11.08
CA SER A 5 -1.47 -12.54 9.81
C SER A 5 -1.77 -11.05 9.73
N SER A 6 -1.01 -10.35 8.89
CA SER A 6 -1.20 -8.91 8.72
C SER A 6 -2.30 -8.62 7.70
N GLY A 7 -2.93 -7.45 7.84
CA GLY A 7 -3.99 -7.07 6.94
C GLY A 7 -3.48 -6.80 5.53
N VAL A 8 -3.16 -7.87 4.80
CA VAL A 8 -2.67 -7.75 3.44
C VAL A 8 -3.81 -7.57 2.45
N VAL A 9 -3.65 -6.62 1.54
CA VAL A 9 -4.68 -6.35 0.53
C VAL A 9 -4.15 -6.66 -0.87
N GLU A 10 -4.58 -7.80 -1.42
CA GLU A 10 -4.16 -8.20 -2.75
C GLU A 10 -5.04 -7.57 -3.82
N LEU A 11 -4.42 -6.75 -4.67
CA LEU A 11 -5.15 -6.06 -5.73
C LEU A 11 -4.65 -6.51 -7.11
N PRO A 12 -5.54 -6.46 -8.10
CA PRO A 12 -5.22 -6.86 -9.48
C PRO A 12 -4.26 -5.88 -10.15
N LYS A 13 -3.16 -6.41 -10.66
CA LYS A 13 -2.16 -5.58 -11.35
C LYS A 13 -2.44 -5.50 -12.84
N THR A 14 -2.84 -4.33 -13.31
CA THR A 14 -3.14 -4.12 -14.72
C THR A 14 -3.25 -2.64 -15.05
N ASP A 15 -2.97 -2.30 -16.31
CA ASP A 15 -3.04 -0.91 -16.75
C ASP A 15 -4.21 -0.18 -16.09
N GLU A 16 -5.33 -0.88 -15.95
CA GLU A 16 -6.51 -0.30 -15.33
C GLU A 16 -6.13 0.63 -14.18
N GLY A 17 -5.27 0.15 -13.29
CA GLY A 17 -4.83 0.95 -12.16
C GLY A 17 -5.36 0.42 -10.84
N LEU A 18 -4.86 0.97 -9.74
CA LEU A 18 -5.29 0.55 -8.41
C LEU A 18 -6.33 1.51 -7.86
N GLY A 19 -5.99 2.80 -7.83
CA GLY A 19 -6.91 3.79 -7.31
C GLY A 19 -6.50 4.33 -5.96
N PHE A 20 -5.19 4.51 -5.77
CA PHE A 20 -4.66 5.02 -4.51
C PHE A 20 -3.42 5.89 -4.75
N ASN A 21 -3.11 6.74 -3.78
CA ASN A 21 -1.96 7.62 -3.88
C ASN A 21 -1.18 7.64 -2.57
N ILE A 22 0.13 7.83 -2.68
CA ILE A 22 1.00 7.87 -1.50
C ILE A 22 1.87 9.13 -1.50
N MET A 23 1.99 9.75 -0.33
CA MET A 23 2.79 10.96 -0.20
C MET A 23 4.00 10.72 0.71
N GLY A 24 4.85 11.72 0.84
CA GLY A 24 6.03 11.60 1.68
C GLY A 24 6.95 10.48 1.23
N GLY A 25 8.25 10.67 1.42
CA GLY A 25 9.23 9.67 1.02
C GLY A 25 10.50 9.75 1.82
N LYS A 26 11.63 9.91 1.12
CA LYS A 26 12.93 10.00 1.78
C LYS A 26 13.30 11.45 2.05
N GLU A 27 13.14 12.30 1.04
CA GLU A 27 13.47 13.71 1.16
C GLU A 27 13.15 14.22 2.57
N GLN A 28 11.99 13.83 3.08
CA GLN A 28 11.57 14.23 4.42
C GLN A 28 11.27 13.03 5.30
N ASN A 29 11.95 12.93 6.44
CA ASN A 29 11.76 11.82 7.35
C ASN A 29 10.29 11.70 7.77
N SER A 30 9.59 10.75 7.17
CA SER A 30 8.18 10.53 7.48
C SER A 30 7.73 9.16 6.98
N PRO A 31 6.71 8.60 7.65
CA PRO A 31 6.16 7.29 7.31
C PRO A 31 5.41 7.31 5.99
N ILE A 32 5.54 6.23 5.23
CA ILE A 32 4.86 6.12 3.93
C ILE A 32 3.43 5.62 4.10
N TYR A 33 2.47 6.51 3.89
CA TYR A 33 1.06 6.17 4.02
C TYR A 33 0.27 6.65 2.81
N ILE A 34 -1.00 6.27 2.75
CA ILE A 34 -1.87 6.67 1.65
C ILE A 34 -2.32 8.13 1.79
N SER A 35 -1.96 8.94 0.80
CA SER A 35 -2.32 10.36 0.82
C SER A 35 -3.78 10.55 0.43
N ARG A 36 -4.16 9.99 -0.72
CA ARG A 36 -5.52 10.10 -1.22
C ARG A 36 -6.00 8.77 -1.81
N VAL A 37 -7.30 8.53 -1.74
CA VAL A 37 -7.88 7.30 -2.27
C VAL A 37 -9.00 7.60 -3.26
N ILE A 38 -9.02 6.86 -4.36
CA ILE A 38 -10.03 7.05 -5.39
C ILE A 38 -11.40 6.55 -4.91
N PRO A 39 -12.39 7.45 -4.91
CA PRO A 39 -13.75 7.12 -4.48
C PRO A 39 -14.46 6.19 -5.47
N GLY A 40 -13.74 5.77 -6.50
CA GLY A 40 -14.32 4.89 -7.50
C GLY A 40 -13.28 4.02 -8.17
N GLY A 41 -12.24 3.63 -7.42
CA GLY A 41 -11.20 2.80 -7.98
C GLY A 41 -11.14 1.43 -7.33
N VAL A 42 -10.31 0.55 -7.87
CA VAL A 42 -10.15 -0.80 -7.35
C VAL A 42 -9.91 -0.78 -5.84
N ALA A 43 -8.94 0.02 -5.42
CA ALA A 43 -8.61 0.14 -4.00
C ALA A 43 -9.86 0.28 -3.15
N ASP A 44 -10.73 1.21 -3.53
CA ASP A 44 -11.96 1.45 -2.80
C ASP A 44 -12.92 0.27 -2.97
N ARG A 45 -13.15 -0.12 -4.22
CA ARG A 45 -14.04 -1.23 -4.52
C ARG A 45 -13.73 -2.44 -3.64
N HIS A 46 -12.50 -2.92 -3.70
CA HIS A 46 -12.08 -4.06 -2.91
C HIS A 46 -12.47 -3.88 -1.45
N GLY A 47 -12.14 -2.73 -0.88
CA GLY A 47 -12.47 -2.44 0.50
C GLY A 47 -11.39 -2.92 1.45
N GLY A 48 -10.20 -2.33 1.34
CA GLY A 48 -9.10 -2.70 2.19
C GLY A 48 -8.10 -1.57 2.39
N LEU A 49 -7.81 -0.85 1.30
CA LEU A 49 -6.87 0.25 1.36
C LEU A 49 -7.60 1.59 1.42
N LYS A 50 -7.28 2.40 2.44
CA LYS A 50 -7.91 3.70 2.61
C LYS A 50 -6.88 4.76 2.99
N ARG A 51 -7.31 6.01 3.02
CA ARG A 51 -6.41 7.11 3.37
C ARG A 51 -5.96 7.01 4.82
N GLY A 52 -4.67 6.80 5.02
CA GLY A 52 -4.13 6.69 6.37
C GLY A 52 -3.33 5.42 6.56
N ASP A 53 -3.75 4.34 5.92
CA ASP A 53 -3.05 3.06 6.02
C ASP A 53 -1.59 3.20 5.63
N GLN A 54 -0.69 2.91 6.56
CA GLN A 54 0.74 3.00 6.31
C GLN A 54 1.25 1.77 5.56
N LEU A 55 1.97 2.00 4.47
CA LEU A 55 2.51 0.89 3.68
C LEU A 55 3.71 0.26 4.37
N LEU A 56 3.56 -1.00 4.77
CA LEU A 56 4.63 -1.72 5.44
C LEU A 56 5.58 -2.36 4.43
N SER A 57 5.02 -3.11 3.50
CA SER A 57 5.82 -3.79 2.47
C SER A 57 4.97 -4.10 1.24
N VAL A 58 5.58 -4.00 0.07
CA VAL A 58 4.88 -4.28 -1.18
C VAL A 58 5.59 -5.38 -1.97
N ASN A 59 4.80 -6.26 -2.58
CA ASN A 59 5.33 -7.36 -3.36
C ASN A 59 6.36 -8.15 -2.55
N GLY A 60 6.06 -8.34 -1.27
CA GLY A 60 6.97 -9.08 -0.40
C GLY A 60 8.30 -8.39 -0.23
N VAL A 61 8.30 -7.07 -0.32
CA VAL A 61 9.52 -6.29 -0.17
C VAL A 61 9.33 -5.16 0.84
N SER A 62 10.22 -5.11 1.83
CA SER A 62 10.15 -4.08 2.86
C SER A 62 10.41 -2.70 2.27
N VAL A 63 9.40 -1.83 2.35
CA VAL A 63 9.52 -0.48 1.82
C VAL A 63 9.66 0.54 2.95
N GLU A 64 9.19 0.16 4.14
CA GLU A 64 9.28 1.04 5.29
C GLU A 64 10.71 1.49 5.54
N GLY A 65 11.03 2.71 5.15
CA GLY A 65 12.37 3.24 5.33
C GLY A 65 13.03 3.61 4.02
N GLU A 66 12.83 2.77 3.01
CA GLU A 66 13.42 3.02 1.69
C GLU A 66 12.85 4.29 1.07
N GLN A 67 13.36 4.63 -0.11
CA GLN A 67 12.90 5.82 -0.82
C GLN A 67 11.55 5.58 -1.48
N HIS A 68 10.77 6.65 -1.64
CA HIS A 68 9.45 6.55 -2.25
C HIS A 68 9.53 5.76 -3.56
N GLU A 69 10.40 6.20 -4.46
CA GLU A 69 10.58 5.54 -5.75
C GLU A 69 10.57 4.02 -5.58
N LYS A 70 11.28 3.54 -4.58
CA LYS A 70 11.36 2.11 -4.31
C LYS A 70 9.98 1.46 -4.36
N ALA A 71 9.00 2.12 -3.73
CA ALA A 71 7.64 1.62 -3.71
C ALA A 71 7.01 1.67 -5.10
N VAL A 72 7.24 2.76 -5.81
CA VAL A 72 6.71 2.93 -7.16
C VAL A 72 7.25 1.87 -8.10
N GLU A 73 8.57 1.79 -8.21
CA GLU A 73 9.21 0.81 -9.09
C GLU A 73 8.70 -0.60 -8.78
N LEU A 74 8.38 -0.85 -7.52
CA LEU A 74 7.89 -2.15 -7.10
C LEU A 74 6.57 -2.48 -7.79
N LEU A 75 5.60 -1.59 -7.66
CA LEU A 75 4.29 -1.77 -8.27
C LEU A 75 4.43 -2.23 -9.72
N LYS A 76 5.22 -1.48 -10.49
CA LYS A 76 5.43 -1.81 -11.90
C LYS A 76 6.24 -3.10 -12.04
N ALA A 77 7.18 -3.30 -11.14
CA ALA A 77 8.02 -4.50 -11.15
C ALA A 77 7.17 -5.76 -11.10
N ALA A 78 6.09 -5.71 -10.33
CA ALA A 78 5.19 -6.85 -10.19
C ALA A 78 4.36 -7.05 -11.45
N GLN A 79 3.59 -8.14 -11.48
CA GLN A 79 2.75 -8.44 -12.64
C GLN A 79 1.59 -9.34 -12.23
N GLY A 80 0.47 -9.23 -12.95
CA GLY A 80 -0.69 -10.04 -12.65
C GLY A 80 -1.41 -9.58 -11.39
N SER A 81 -0.74 -9.73 -10.25
CA SER A 81 -1.32 -9.34 -8.97
C SER A 81 -0.24 -8.90 -7.99
N VAL A 82 -0.52 -7.83 -7.25
CA VAL A 82 0.43 -7.30 -6.28
C VAL A 82 -0.12 -7.39 -4.87
N LYS A 83 0.75 -7.67 -3.90
CA LYS A 83 0.34 -7.77 -2.51
C LYS A 83 0.78 -6.54 -1.72
N LEU A 84 -0.20 -5.73 -1.31
CA LEU A 84 0.08 -4.53 -0.55
C LEU A 84 -0.26 -4.72 0.92
N VAL A 85 0.77 -4.70 1.77
CA VAL A 85 0.57 -4.86 3.21
C VAL A 85 0.37 -3.53 3.90
N VAL A 86 -0.45 -3.53 4.95
CA VAL A 86 -0.72 -2.30 5.70
C VAL A 86 -0.79 -2.59 7.20
N ARG A 87 -0.58 -1.54 8.00
CA ARG A 87 -0.61 -1.67 9.44
C ARG A 87 -1.88 -1.04 10.02
N SER A 88 -2.74 -1.88 10.58
CA SER A 88 -3.99 -1.40 11.16
C SER A 88 -3.92 -1.41 12.69
N GLY A 89 -4.82 -0.66 13.32
CA GLY A 89 -4.83 -0.60 14.77
C GLY A 89 -6.01 -1.36 15.37
N PRO A 90 -5.82 -1.88 16.59
CA PRO A 90 -6.85 -2.63 17.30
C PRO A 90 -8.02 -1.74 17.74
N SER A 91 -9.19 -1.97 17.15
CA SER A 91 -10.37 -1.19 17.49
C SER A 91 -11.56 -2.10 17.76
N SER A 92 -12.60 -1.55 18.39
CA SER A 92 -13.80 -2.32 18.70
C SER A 92 -14.83 -2.18 17.60
N GLY A 93 -15.18 -3.31 16.98
CA GLY A 93 -16.16 -3.31 15.91
C GLY A 93 -15.51 -3.30 14.53
N GLY A 1 -6.01 -7.80 14.52
CA GLY A 1 -5.71 -8.90 15.41
C GLY A 1 -4.25 -8.94 15.83
N SER A 2 -4.01 -9.09 17.12
CA SER A 2 -2.65 -9.13 17.65
C SER A 2 -1.84 -10.24 16.97
N SER A 3 -2.46 -11.41 16.83
CA SER A 3 -1.79 -12.55 16.20
C SER A 3 -2.55 -13.00 14.96
N GLY A 4 -1.91 -13.84 14.15
CA GLY A 4 -2.53 -14.32 12.94
C GLY A 4 -1.84 -13.83 11.68
N SER A 5 -2.48 -12.89 10.98
CA SER A 5 -1.92 -12.34 9.76
C SER A 5 -2.22 -10.84 9.65
N SER A 6 -1.16 -10.05 9.47
CA SER A 6 -1.31 -8.61 9.36
C SER A 6 -2.36 -8.26 8.29
N GLY A 7 -2.67 -6.97 8.18
CA GLY A 7 -3.64 -6.51 7.21
C GLY A 7 -3.05 -6.38 5.81
N VAL A 8 -3.08 -7.47 5.06
CA VAL A 8 -2.54 -7.47 3.70
C VAL A 8 -3.65 -7.37 2.67
N VAL A 9 -3.51 -6.41 1.75
CA VAL A 9 -4.51 -6.21 0.70
C VAL A 9 -3.96 -6.59 -0.66
N GLU A 10 -4.66 -7.48 -1.35
CA GLU A 10 -4.24 -7.93 -2.68
C GLU A 10 -5.14 -7.34 -3.76
N LEU A 11 -4.51 -6.63 -4.70
CA LEU A 11 -5.26 -6.01 -5.80
C LEU A 11 -4.72 -6.47 -7.15
N PRO A 12 -5.60 -6.47 -8.16
CA PRO A 12 -5.24 -6.89 -9.52
C PRO A 12 -4.30 -5.90 -10.21
N LYS A 13 -3.19 -6.40 -10.72
CA LYS A 13 -2.22 -5.56 -11.40
C LYS A 13 -2.52 -5.48 -12.90
N THR A 14 -3.00 -4.32 -13.33
CA THR A 14 -3.33 -4.11 -14.74
C THR A 14 -3.35 -2.62 -15.08
N ASP A 15 -3.09 -2.31 -16.35
CA ASP A 15 -3.08 -0.92 -16.81
C ASP A 15 -4.22 -0.13 -16.17
N GLU A 16 -5.38 -0.77 -16.06
CA GLU A 16 -6.55 -0.11 -15.47
C GLU A 16 -6.14 0.78 -14.31
N GLY A 17 -5.42 0.22 -13.34
CA GLY A 17 -4.98 0.98 -12.20
C GLY A 17 -5.56 0.46 -10.89
N LEU A 18 -5.06 0.98 -9.78
CA LEU A 18 -5.54 0.56 -8.46
C LEU A 18 -6.59 1.52 -7.92
N GLY A 19 -6.23 2.80 -7.87
CA GLY A 19 -7.14 3.80 -7.36
C GLY A 19 -6.75 4.32 -5.99
N PHE A 20 -5.46 4.53 -5.78
CA PHE A 20 -4.96 5.02 -4.51
C PHE A 20 -3.74 5.93 -4.71
N ASN A 21 -3.51 6.81 -3.75
CA ASN A 21 -2.39 7.74 -3.82
C ASN A 21 -1.55 7.68 -2.54
N ILE A 22 -0.25 7.89 -2.68
CA ILE A 22 0.66 7.85 -1.54
C ILE A 22 1.66 9.02 -1.60
N MET A 23 2.02 9.53 -0.44
CA MET A 23 2.96 10.64 -0.34
C MET A 23 3.89 10.48 0.85
N GLY A 24 5.11 10.99 0.73
CA GLY A 24 6.07 10.89 1.81
C GLY A 24 7.29 10.07 1.42
N GLY A 25 7.52 8.97 2.13
CA GLY A 25 8.66 8.13 1.83
C GLY A 25 9.96 8.71 2.36
N LYS A 26 10.74 9.31 1.47
CA LYS A 26 12.02 9.91 1.85
C LYS A 26 11.91 11.43 1.91
N GLU A 27 10.68 11.93 1.96
CA GLU A 27 10.43 13.37 2.02
C GLU A 27 10.40 13.85 3.47
N GLN A 28 11.47 14.52 3.88
CA GLN A 28 11.56 15.05 5.24
C GLN A 28 11.38 13.92 6.26
N ASN A 29 11.94 12.75 5.96
CA ASN A 29 11.84 11.60 6.84
C ASN A 29 10.38 11.29 7.17
N SER A 30 9.53 11.35 6.15
CA SER A 30 8.10 11.07 6.33
C SER A 30 7.77 9.64 5.89
N PRO A 31 6.88 8.99 6.66
CA PRO A 31 6.46 7.61 6.39
C PRO A 31 5.60 7.52 5.14
N ILE A 32 5.57 6.34 4.54
CA ILE A 32 4.77 6.11 3.34
C ILE A 32 3.35 5.67 3.68
N TYR A 33 2.37 6.51 3.36
CA TYR A 33 0.98 6.21 3.64
C TYR A 33 0.09 6.62 2.48
N ILE A 34 -1.20 6.34 2.61
CA ILE A 34 -2.16 6.69 1.56
C ILE A 34 -2.60 8.15 1.68
N SER A 35 -2.22 8.95 0.68
CA SER A 35 -2.57 10.37 0.67
C SER A 35 -4.03 10.56 0.25
N ARG A 36 -4.41 9.96 -0.86
CA ARG A 36 -5.77 10.07 -1.37
C ARG A 36 -6.27 8.71 -1.89
N VAL A 37 -7.59 8.56 -1.94
CA VAL A 37 -8.19 7.32 -2.42
C VAL A 37 -9.39 7.60 -3.32
N ILE A 38 -9.50 6.85 -4.40
CA ILE A 38 -10.60 7.02 -5.34
C ILE A 38 -11.92 6.55 -4.73
N PRO A 39 -12.95 7.41 -4.84
CA PRO A 39 -14.28 7.12 -4.31
C PRO A 39 -14.99 6.02 -5.09
N GLY A 40 -14.26 5.41 -6.02
CA GLY A 40 -14.84 4.34 -6.82
C GLY A 40 -13.80 3.61 -7.64
N GLY A 41 -12.68 3.28 -7.00
CA GLY A 41 -11.61 2.57 -7.70
C GLY A 41 -11.41 1.17 -7.16
N VAL A 42 -10.58 0.39 -7.84
CA VAL A 42 -10.30 -0.98 -7.43
C VAL A 42 -9.97 -1.05 -5.95
N ALA A 43 -9.13 -0.13 -5.48
CA ALA A 43 -8.74 -0.08 -4.08
C ALA A 43 -9.95 0.10 -3.18
N ASP A 44 -10.73 1.14 -3.45
CA ASP A 44 -11.93 1.43 -2.66
C ASP A 44 -12.95 0.31 -2.80
N ARG A 45 -13.45 0.10 -4.02
CA ARG A 45 -14.44 -0.93 -4.27
C ARG A 45 -14.08 -2.22 -3.53
N HIS A 46 -12.82 -2.63 -3.64
CA HIS A 46 -12.35 -3.84 -2.97
C HIS A 46 -12.66 -3.80 -1.48
N GLY A 47 -12.22 -2.73 -0.82
CA GLY A 47 -12.45 -2.59 0.61
C GLY A 47 -11.30 -3.11 1.44
N GLY A 48 -10.35 -2.22 1.75
CA GLY A 48 -9.20 -2.62 2.54
C GLY A 48 -8.23 -1.48 2.76
N LEU A 49 -7.97 -0.72 1.70
CA LEU A 49 -7.05 0.41 1.77
C LEU A 49 -7.80 1.72 2.01
N LYS A 50 -7.32 2.50 2.98
CA LYS A 50 -7.94 3.78 3.31
C LYS A 50 -6.89 4.85 3.56
N ARG A 51 -7.30 6.12 3.52
CA ARG A 51 -6.39 7.22 3.75
C ARG A 51 -5.74 7.11 5.12
N GLY A 52 -4.41 7.04 5.14
CA GLY A 52 -3.69 6.94 6.39
C GLY A 52 -2.93 5.63 6.50
N ASP A 53 -3.46 4.58 5.90
CA ASP A 53 -2.83 3.27 5.94
C ASP A 53 -1.38 3.35 5.49
N GLN A 54 -0.46 3.08 6.42
CA GLN A 54 0.97 3.12 6.11
C GLN A 54 1.41 1.85 5.41
N LEU A 55 2.24 2.00 4.37
CA LEU A 55 2.74 0.86 3.62
C LEU A 55 3.88 0.17 4.36
N LEU A 56 3.67 -1.08 4.75
CA LEU A 56 4.68 -1.85 5.47
C LEU A 56 5.64 -2.51 4.49
N SER A 57 5.10 -3.15 3.45
CA SER A 57 5.91 -3.83 2.46
C SER A 57 5.08 -4.14 1.21
N VAL A 58 5.76 -4.30 0.08
CA VAL A 58 5.10 -4.60 -1.18
C VAL A 58 5.72 -5.83 -1.84
N ASN A 59 4.87 -6.70 -2.39
CA ASN A 59 5.33 -7.90 -3.06
C ASN A 59 6.28 -8.69 -2.15
N GLY A 60 6.02 -8.66 -0.86
CA GLY A 60 6.86 -9.37 0.09
C GLY A 60 8.23 -8.74 0.23
N VAL A 61 8.32 -7.45 -0.03
CA VAL A 61 9.58 -6.73 0.07
C VAL A 61 9.47 -5.54 1.03
N SER A 62 10.30 -5.55 2.07
CA SER A 62 10.29 -4.49 3.06
C SER A 62 10.49 -3.13 2.40
N VAL A 63 9.48 -2.27 2.50
CA VAL A 63 9.54 -0.94 1.90
C VAL A 63 9.72 0.13 2.98
N GLU A 64 9.17 -0.14 4.16
CA GLU A 64 9.28 0.81 5.27
C GLU A 64 10.66 1.45 5.30
N GLY A 65 11.70 0.63 5.10
CA GLY A 65 13.06 1.15 5.11
C GLY A 65 13.62 1.34 3.73
N GLU A 66 12.81 1.91 2.83
CA GLU A 66 13.22 2.15 1.46
C GLU A 66 12.83 3.55 1.01
N GLN A 67 13.28 3.94 -0.18
CA GLN A 67 12.98 5.25 -0.73
C GLN A 67 11.67 5.23 -1.51
N HIS A 68 10.90 6.31 -1.41
CA HIS A 68 9.63 6.42 -2.11
C HIS A 68 9.71 5.78 -3.49
N GLU A 69 10.76 6.11 -4.23
CA GLU A 69 10.96 5.57 -5.57
C GLU A 69 10.91 4.05 -5.55
N LYS A 70 11.73 3.45 -4.69
CA LYS A 70 11.78 1.99 -4.58
C LYS A 70 10.37 1.40 -4.49
N ALA A 71 9.49 2.08 -3.77
CA ALA A 71 8.11 1.63 -3.61
C ALA A 71 7.38 1.63 -4.95
N VAL A 72 7.47 2.75 -5.66
CA VAL A 72 6.81 2.88 -6.95
C VAL A 72 7.33 1.83 -7.95
N GLU A 73 8.62 1.89 -8.22
CA GLU A 73 9.24 0.95 -9.15
C GLU A 73 8.74 -0.47 -8.90
N LEU A 74 8.64 -0.84 -7.63
CA LEU A 74 8.19 -2.17 -7.25
C LEU A 74 6.79 -2.45 -7.82
N LEU A 75 5.85 -1.57 -7.51
CA LEU A 75 4.48 -1.71 -8.00
C LEU A 75 4.46 -2.04 -9.48
N LYS A 76 5.24 -1.30 -10.26
CA LYS A 76 5.32 -1.52 -11.70
C LYS A 76 6.12 -2.78 -12.02
N ALA A 77 7.12 -3.06 -11.20
CA ALA A 77 7.96 -4.24 -11.38
C ALA A 77 7.13 -5.53 -11.33
N ALA A 78 6.05 -5.49 -10.55
CA ALA A 78 5.17 -6.64 -10.41
C ALA A 78 4.39 -6.89 -11.68
N GLN A 79 3.63 -7.99 -11.70
CA GLN A 79 2.82 -8.33 -12.86
C GLN A 79 1.68 -9.27 -12.47
N GLY A 80 0.52 -9.08 -13.12
CA GLY A 80 -0.62 -9.92 -12.83
C GLY A 80 -1.35 -9.47 -11.58
N SER A 81 -0.66 -9.50 -10.45
CA SER A 81 -1.24 -9.11 -9.17
C SER A 81 -0.17 -8.60 -8.21
N VAL A 82 -0.56 -7.67 -7.35
CA VAL A 82 0.37 -7.10 -6.37
C VAL A 82 -0.18 -7.20 -4.96
N LYS A 83 0.68 -7.54 -4.01
CA LYS A 83 0.28 -7.68 -2.62
C LYS A 83 0.76 -6.50 -1.79
N LEU A 84 -0.17 -5.64 -1.38
CA LEU A 84 0.17 -4.46 -0.59
C LEU A 84 -0.13 -4.71 0.89
N VAL A 85 0.92 -4.71 1.70
CA VAL A 85 0.78 -4.93 3.14
C VAL A 85 0.72 -3.61 3.89
N VAL A 86 -0.28 -3.46 4.75
CA VAL A 86 -0.44 -2.24 5.53
C VAL A 86 -0.63 -2.56 7.01
N ARG A 87 -0.61 -1.52 7.84
CA ARG A 87 -0.77 -1.69 9.27
C ARG A 87 -2.03 -0.99 9.77
N SER A 88 -3.05 -1.78 10.07
CA SER A 88 -4.33 -1.24 10.54
C SER A 88 -4.30 -1.06 12.06
N GLY A 89 -3.10 -1.04 12.63
CA GLY A 89 -2.97 -0.88 14.06
C GLY A 89 -1.69 -0.15 14.45
N PRO A 90 -1.59 0.23 15.73
CA PRO A 90 -0.42 0.95 16.24
C PRO A 90 0.82 0.07 16.31
N SER A 91 1.96 0.61 15.89
CA SER A 91 3.22 -0.14 15.90
C SER A 91 3.82 -0.17 17.30
N SER A 92 4.39 -1.30 17.67
CA SER A 92 5.00 -1.47 18.98
C SER A 92 5.93 -0.29 19.30
N GLY A 93 6.72 0.11 18.32
CA GLY A 93 7.64 1.22 18.52
C GLY A 93 9.09 0.78 18.61
N GLY A 1 -2.42 -20.95 18.29
CA GLY A 1 -1.97 -20.41 19.56
C GLY A 1 -1.73 -18.91 19.51
N SER A 2 -0.94 -18.47 18.55
CA SER A 2 -0.62 -17.06 18.40
C SER A 2 -0.47 -16.68 16.92
N SER A 3 -1.17 -15.63 16.51
CA SER A 3 -1.13 -15.18 15.12
C SER A 3 -1.65 -13.75 15.01
N GLY A 4 -1.54 -13.18 13.81
CA GLY A 4 -1.99 -11.82 13.58
C GLY A 4 -1.44 -11.23 12.30
N SER A 5 -2.33 -10.88 11.38
CA SER A 5 -1.94 -10.31 10.10
C SER A 5 -2.32 -8.83 10.03
N SER A 6 -1.32 -7.96 9.99
CA SER A 6 -1.56 -6.52 9.93
C SER A 6 -2.70 -6.21 8.97
N GLY A 7 -2.60 -6.70 7.74
CA GLY A 7 -3.63 -6.47 6.76
C GLY A 7 -3.09 -6.39 5.34
N VAL A 8 -2.94 -7.55 4.71
CA VAL A 8 -2.42 -7.61 3.35
C VAL A 8 -3.52 -7.32 2.32
N VAL A 9 -3.19 -6.52 1.32
CA VAL A 9 -4.15 -6.16 0.28
C VAL A 9 -3.63 -6.57 -1.09
N GLU A 10 -4.15 -7.67 -1.62
CA GLU A 10 -3.73 -8.17 -2.94
C GLU A 10 -4.66 -7.64 -4.02
N LEU A 11 -4.16 -6.69 -4.81
CA LEU A 11 -4.94 -6.10 -5.89
C LEU A 11 -4.36 -6.48 -7.25
N PRO A 12 -5.21 -6.45 -8.29
CA PRO A 12 -4.80 -6.79 -9.65
C PRO A 12 -3.88 -5.72 -10.25
N LYS A 13 -2.77 -6.17 -10.83
CA LYS A 13 -1.81 -5.26 -11.45
C LYS A 13 -2.05 -5.15 -12.96
N THR A 14 -2.50 -3.99 -13.40
CA THR A 14 -2.77 -3.75 -14.81
C THR A 14 -2.94 -2.27 -15.09
N ASP A 15 -2.77 -1.89 -16.36
CA ASP A 15 -2.91 -0.50 -16.77
C ASP A 15 -4.08 0.17 -16.03
N GLU A 16 -5.16 -0.58 -15.84
CA GLU A 16 -6.33 -0.06 -15.16
C GLU A 16 -5.93 0.80 -13.97
N GLY A 17 -4.97 0.33 -13.19
CA GLY A 17 -4.52 1.06 -12.03
C GLY A 17 -5.13 0.56 -10.74
N LEU A 18 -4.65 1.09 -9.61
CA LEU A 18 -5.16 0.69 -8.30
C LEU A 18 -6.20 1.68 -7.80
N GLY A 19 -5.86 2.97 -7.89
CA GLY A 19 -6.78 4.01 -7.44
C GLY A 19 -6.41 4.53 -6.07
N PHE A 20 -5.12 4.65 -5.81
CA PHE A 20 -4.64 5.15 -4.52
C PHE A 20 -3.39 6.00 -4.70
N ASN A 21 -3.26 7.02 -3.85
CA ASN A 21 -2.10 7.91 -3.92
C ASN A 21 -1.30 7.87 -2.62
N ILE A 22 0.02 7.82 -2.75
CA ILE A 22 0.90 7.77 -1.59
C ILE A 22 1.88 8.95 -1.59
N MET A 23 2.20 9.44 -0.40
CA MET A 23 3.13 10.56 -0.26
C MET A 23 4.13 10.30 0.85
N GLY A 24 5.37 10.79 0.67
CA GLY A 24 6.39 10.59 1.68
C GLY A 24 7.38 9.51 1.28
N GLY A 25 8.55 9.53 1.92
CA GLY A 25 9.58 8.54 1.62
C GLY A 25 10.84 8.76 2.42
N LYS A 26 11.95 8.96 1.71
CA LYS A 26 13.24 9.18 2.37
C LYS A 26 13.49 10.67 2.58
N GLU A 27 13.68 11.39 1.48
CA GLU A 27 13.93 12.82 1.55
C GLU A 27 12.96 13.50 2.51
N GLN A 28 11.70 13.09 2.46
CA GLN A 28 10.68 13.67 3.33
C GLN A 28 10.89 13.23 4.78
N ASN A 29 11.53 12.08 4.96
CA ASN A 29 11.81 11.57 6.30
C ASN A 29 10.50 11.26 7.04
N SER A 30 9.50 10.81 6.29
CA SER A 30 8.19 10.49 6.87
C SER A 30 7.75 9.10 6.44
N PRO A 31 6.85 8.50 7.25
CA PRO A 31 6.32 7.15 6.97
C PRO A 31 5.39 7.13 5.76
N ILE A 32 5.54 6.11 4.93
CA ILE A 32 4.71 5.97 3.74
C ILE A 32 3.29 5.55 4.10
N TYR A 33 2.32 6.31 3.61
CA TYR A 33 0.91 6.01 3.88
C TYR A 33 0.02 6.56 2.78
N ILE A 34 -1.22 6.08 2.74
CA ILE A 34 -2.18 6.52 1.72
C ILE A 34 -2.61 7.97 1.97
N SER A 35 -2.24 8.85 1.06
CA SER A 35 -2.59 10.26 1.17
C SER A 35 -4.01 10.52 0.68
N ARG A 36 -4.36 9.90 -0.45
CA ARG A 36 -5.69 10.06 -1.03
C ARG A 36 -6.11 8.79 -1.77
N VAL A 37 -7.38 8.43 -1.63
CA VAL A 37 -7.91 7.24 -2.28
C VAL A 37 -8.99 7.61 -3.30
N ILE A 38 -8.92 6.98 -4.47
CA ILE A 38 -9.89 7.25 -5.53
C ILE A 38 -11.28 6.77 -5.13
N PRO A 39 -12.25 7.68 -5.18
CA PRO A 39 -13.65 7.38 -4.82
C PRO A 39 -14.32 6.46 -5.85
N GLY A 40 -13.54 6.01 -6.83
CA GLY A 40 -14.08 5.13 -7.86
C GLY A 40 -13.00 4.33 -8.54
N GLY A 41 -12.04 3.83 -7.76
CA GLY A 41 -10.97 3.04 -8.31
C GLY A 41 -11.05 1.57 -7.92
N VAL A 42 -9.94 0.86 -8.01
CA VAL A 42 -9.90 -0.55 -7.66
C VAL A 42 -9.75 -0.75 -6.16
N ALA A 43 -8.90 0.08 -5.55
CA ALA A 43 -8.67 0.00 -4.11
C ALA A 43 -9.95 0.28 -3.32
N ASP A 44 -10.72 1.27 -3.78
CA ASP A 44 -11.97 1.63 -3.13
C ASP A 44 -12.96 0.47 -3.16
N ARG A 45 -13.22 -0.03 -4.37
CA ARG A 45 -14.14 -1.14 -4.53
C ARG A 45 -13.71 -2.36 -3.72
N HIS A 46 -12.42 -2.70 -3.81
CA HIS A 46 -11.87 -3.83 -3.09
C HIS A 46 -12.21 -3.74 -1.60
N GLY A 47 -11.83 -2.63 -0.98
CA GLY A 47 -12.10 -2.44 0.44
C GLY A 47 -10.95 -2.89 1.32
N GLY A 48 -9.76 -2.38 1.04
CA GLY A 48 -8.60 -2.75 1.82
C GLY A 48 -7.65 -1.58 2.02
N LEU A 49 -7.57 -0.70 1.04
CA LEU A 49 -6.69 0.46 1.12
C LEU A 49 -7.49 1.73 1.44
N LYS A 50 -7.10 2.41 2.50
CA LYS A 50 -7.78 3.63 2.92
C LYS A 50 -6.77 4.73 3.26
N ARG A 51 -7.22 5.97 3.22
CA ARG A 51 -6.35 7.10 3.52
C ARG A 51 -5.87 7.05 4.97
N GLY A 52 -4.56 7.00 5.15
CA GLY A 52 -4.00 6.96 6.49
C GLY A 52 -3.15 5.72 6.71
N ASP A 53 -3.55 4.60 6.12
CA ASP A 53 -2.83 3.35 6.26
C ASP A 53 -1.35 3.54 5.92
N GLN A 54 -0.48 2.96 6.74
CA GLN A 54 0.96 3.07 6.53
C GLN A 54 1.50 1.86 5.79
N LEU A 55 2.05 2.09 4.60
CA LEU A 55 2.59 1.01 3.78
C LEU A 55 3.79 0.36 4.48
N LEU A 56 3.64 -0.91 4.81
CA LEU A 56 4.72 -1.65 5.48
C LEU A 56 5.64 -2.31 4.46
N SER A 57 5.10 -3.25 3.69
CA SER A 57 5.87 -3.96 2.68
C SER A 57 5.05 -4.16 1.41
N VAL A 58 5.73 -4.28 0.28
CA VAL A 58 5.07 -4.48 -1.00
C VAL A 58 5.71 -5.63 -1.78
N ASN A 59 4.87 -6.48 -2.36
CA ASN A 59 5.35 -7.62 -3.13
C ASN A 59 6.34 -8.44 -2.32
N GLY A 60 6.14 -8.48 -1.01
CA GLY A 60 7.02 -9.24 -0.14
C GLY A 60 8.34 -8.55 0.08
N VAL A 61 8.34 -7.22 0.03
CA VAL A 61 9.55 -6.44 0.23
C VAL A 61 9.33 -5.31 1.22
N SER A 62 10.27 -5.14 2.15
CA SER A 62 10.17 -4.11 3.17
C SER A 62 10.43 -2.73 2.57
N VAL A 63 9.54 -1.79 2.86
CA VAL A 63 9.69 -0.42 2.34
C VAL A 63 9.86 0.58 3.49
N GLU A 64 9.37 0.22 4.66
CA GLU A 64 9.46 1.08 5.83
C GLU A 64 10.81 1.80 5.87
N GLY A 65 11.85 1.12 5.41
CA GLY A 65 13.18 1.71 5.39
C GLY A 65 13.75 1.81 3.99
N GLU A 66 12.98 2.41 3.09
CA GLU A 66 13.42 2.57 1.70
C GLU A 66 12.85 3.85 1.10
N GLN A 67 13.37 4.23 -0.06
CA GLN A 67 12.91 5.44 -0.75
C GLN A 67 11.53 5.23 -1.35
N HIS A 68 10.83 6.32 -1.63
CA HIS A 68 9.50 6.26 -2.22
C HIS A 68 9.54 5.56 -3.58
N GLU A 69 10.42 6.04 -4.45
CA GLU A 69 10.55 5.46 -5.79
C GLU A 69 10.37 3.95 -5.74
N LYS A 70 11.03 3.31 -4.78
CA LYS A 70 10.96 1.86 -4.62
C LYS A 70 9.51 1.39 -4.73
N ALA A 71 8.69 1.77 -3.76
CA ALA A 71 7.28 1.37 -3.75
C ALA A 71 6.68 1.48 -5.14
N VAL A 72 7.00 2.56 -5.84
CA VAL A 72 6.48 2.78 -7.18
C VAL A 72 7.00 1.74 -8.15
N GLU A 73 8.30 1.78 -8.42
CA GLU A 73 8.92 0.82 -9.33
C GLU A 73 8.45 -0.61 -9.03
N LEU A 74 8.25 -0.89 -7.75
CA LEU A 74 7.80 -2.22 -7.32
C LEU A 74 6.44 -2.55 -7.92
N LEU A 75 5.47 -1.68 -7.69
CA LEU A 75 4.11 -1.88 -8.20
C LEU A 75 4.15 -2.32 -9.66
N LYS A 76 4.88 -1.57 -10.48
CA LYS A 76 5.00 -1.88 -11.89
C LYS A 76 5.78 -3.18 -12.11
N ALA A 77 6.98 -3.25 -11.51
CA ALA A 77 7.82 -4.43 -11.64
C ALA A 77 7.00 -5.70 -11.46
N ALA A 78 6.05 -5.66 -10.53
CA ALA A 78 5.20 -6.83 -10.27
C ALA A 78 4.43 -7.24 -11.52
N GLN A 79 3.65 -8.31 -11.41
CA GLN A 79 2.87 -8.81 -12.53
C GLN A 79 1.63 -9.54 -12.03
N GLY A 80 0.50 -9.30 -12.70
CA GLY A 80 -0.74 -9.94 -12.32
C GLY A 80 -1.40 -9.28 -11.13
N SER A 81 -0.63 -9.09 -10.06
CA SER A 81 -1.15 -8.47 -8.85
C SER A 81 -0.02 -8.04 -7.93
N VAL A 82 -0.34 -7.24 -6.93
CA VAL A 82 0.65 -6.75 -5.97
C VAL A 82 0.16 -6.89 -4.54
N LYS A 83 1.05 -7.31 -3.65
CA LYS A 83 0.71 -7.48 -2.24
C LYS A 83 1.12 -6.26 -1.42
N LEU A 84 0.13 -5.49 -0.98
CA LEU A 84 0.40 -4.29 -0.19
C LEU A 84 -0.03 -4.50 1.26
N VAL A 85 0.96 -4.75 2.13
CA VAL A 85 0.69 -4.97 3.55
C VAL A 85 0.59 -3.64 4.29
N VAL A 86 -0.51 -3.45 5.01
CA VAL A 86 -0.73 -2.22 5.77
C VAL A 86 -1.35 -2.52 7.13
N ARG A 87 -1.47 -1.49 7.96
CA ARG A 87 -2.04 -1.64 9.29
C ARG A 87 -3.44 -1.03 9.35
N SER A 88 -4.45 -1.88 9.34
CA SER A 88 -5.84 -1.41 9.39
C SER A 88 -6.15 -0.78 10.74
N GLY A 89 -7.20 0.03 10.78
CA GLY A 89 -7.59 0.69 12.01
C GLY A 89 -8.62 -0.10 12.79
N PRO A 90 -8.58 0.01 14.13
CA PRO A 90 -9.50 -0.69 15.03
C PRO A 90 -10.93 -0.15 14.92
N SER A 91 -11.12 0.87 14.09
CA SER A 91 -12.42 1.48 13.90
C SER A 91 -13.42 0.46 13.37
N SER A 92 -14.65 0.53 13.87
CA SER A 92 -15.70 -0.39 13.45
C SER A 92 -17.04 0.34 13.31
N GLY A 93 -17.87 -0.13 12.37
CA GLY A 93 -19.16 0.49 12.15
C GLY A 93 -19.79 0.06 10.84
N GLY A 1 5.42 -13.27 13.84
CA GLY A 1 4.65 -12.95 15.02
C GLY A 1 3.45 -13.84 15.20
N SER A 2 3.12 -14.14 16.47
CA SER A 2 1.99 -15.00 16.77
C SER A 2 0.80 -14.69 15.86
N SER A 3 0.40 -13.42 15.83
CA SER A 3 -0.72 -12.99 15.01
C SER A 3 -0.77 -13.78 13.71
N GLY A 4 0.34 -13.77 12.98
CA GLY A 4 0.40 -14.48 11.72
C GLY A 4 0.93 -13.63 10.59
N SER A 5 0.02 -12.95 9.88
CA SER A 5 0.40 -12.10 8.76
C SER A 5 -0.41 -10.80 8.77
N SER A 6 0.25 -9.69 8.52
CA SER A 6 -0.41 -8.39 8.50
C SER A 6 -1.48 -8.34 7.40
N GLY A 7 -2.40 -7.40 7.53
CA GLY A 7 -3.46 -7.26 6.55
C GLY A 7 -2.93 -6.95 5.16
N VAL A 8 -2.55 -7.99 4.43
CA VAL A 8 -2.02 -7.82 3.08
C VAL A 8 -3.15 -7.77 2.05
N VAL A 9 -3.27 -6.62 1.39
CA VAL A 9 -4.30 -6.43 0.38
C VAL A 9 -3.79 -6.77 -1.01
N GLU A 10 -4.27 -7.87 -1.56
CA GLU A 10 -3.85 -8.32 -2.89
C GLU A 10 -4.84 -7.84 -3.95
N LEU A 11 -4.42 -6.85 -4.73
CA LEU A 11 -5.27 -6.30 -5.79
C LEU A 11 -4.79 -6.76 -7.17
N PRO A 12 -5.72 -6.83 -8.12
CA PRO A 12 -5.42 -7.25 -9.49
C PRO A 12 -4.59 -6.20 -10.24
N LYS A 13 -3.41 -6.62 -10.71
CA LYS A 13 -2.52 -5.73 -11.44
C LYS A 13 -3.17 -5.26 -12.74
N THR A 14 -3.54 -3.99 -12.79
CA THR A 14 -4.16 -3.41 -13.97
C THR A 14 -3.55 -2.06 -14.32
N ASP A 15 -2.81 -2.02 -15.43
CA ASP A 15 -2.17 -0.79 -15.88
C ASP A 15 -3.08 0.41 -15.66
N GLU A 16 -4.38 0.20 -15.86
CA GLU A 16 -5.36 1.27 -15.69
C GLU A 16 -5.09 2.05 -14.41
N GLY A 17 -4.84 1.33 -13.32
CA GLY A 17 -4.57 1.97 -12.05
C GLY A 17 -5.21 1.24 -10.89
N LEU A 18 -4.84 1.63 -9.67
CA LEU A 18 -5.39 1.01 -8.47
C LEU A 18 -6.40 1.93 -7.80
N GLY A 19 -6.13 3.23 -7.82
CA GLY A 19 -7.03 4.20 -7.21
C GLY A 19 -6.59 4.61 -5.82
N PHE A 20 -5.28 4.80 -5.65
CA PHE A 20 -4.74 5.19 -4.36
C PHE A 20 -3.53 6.11 -4.54
N ASN A 21 -3.39 7.08 -3.64
CA ASN A 21 -2.28 8.02 -3.70
C ASN A 21 -1.39 7.89 -2.46
N ILE A 22 -0.09 8.07 -2.64
CA ILE A 22 0.86 7.98 -1.54
C ILE A 22 1.73 9.22 -1.46
N MET A 23 2.15 9.57 -0.25
CA MET A 23 2.99 10.74 -0.04
C MET A 23 4.04 10.48 1.03
N GLY A 24 5.20 11.10 0.90
CA GLY A 24 6.27 10.92 1.86
C GLY A 24 7.32 9.92 1.39
N GLY A 25 8.48 9.95 2.04
CA GLY A 25 9.55 9.04 1.66
C GLY A 25 10.76 9.16 2.57
N LYS A 26 11.91 9.50 1.98
CA LYS A 26 13.14 9.66 2.74
C LYS A 26 13.34 11.11 3.17
N GLU A 27 13.44 11.99 2.18
CA GLU A 27 13.63 13.42 2.45
C GLU A 27 12.63 13.92 3.49
N GLN A 28 11.38 13.47 3.36
CA GLN A 28 10.33 13.86 4.28
C GLN A 28 10.61 13.34 5.69
N ASN A 29 11.34 12.23 5.77
CA ASN A 29 11.68 11.63 7.05
C ASN A 29 10.42 11.19 7.79
N SER A 30 9.46 10.63 7.06
CA SER A 30 8.21 10.17 7.64
C SER A 30 7.78 8.84 7.02
N PRO A 31 6.88 8.13 7.72
CA PRO A 31 6.37 6.83 7.26
C PRO A 31 5.46 6.96 6.04
N ILE A 32 5.67 6.11 5.06
CA ILE A 32 4.87 6.13 3.84
C ILE A 32 3.46 5.60 4.10
N TYR A 33 2.46 6.40 3.78
CA TYR A 33 1.07 6.01 3.97
C TYR A 33 0.18 6.54 2.86
N ILE A 34 -1.09 6.19 2.89
CA ILE A 34 -2.04 6.63 1.88
C ILE A 34 -2.52 8.05 2.16
N SER A 35 -2.29 8.94 1.20
CA SER A 35 -2.69 10.34 1.34
C SER A 35 -4.15 10.53 0.92
N ARG A 36 -4.52 9.93 -0.20
CA ARG A 36 -5.88 10.04 -0.70
C ARG A 36 -6.28 8.77 -1.48
N VAL A 37 -7.57 8.50 -1.52
CA VAL A 37 -8.08 7.32 -2.22
C VAL A 37 -9.13 7.71 -3.25
N ILE A 38 -9.00 7.17 -4.46
CA ILE A 38 -9.94 7.47 -5.53
C ILE A 38 -11.32 6.88 -5.23
N PRO A 39 -12.34 7.75 -5.23
CA PRO A 39 -13.72 7.34 -4.96
C PRO A 39 -14.31 6.49 -6.08
N GLY A 40 -13.49 6.21 -7.09
CA GLY A 40 -13.95 5.41 -8.21
C GLY A 40 -12.83 4.60 -8.84
N GLY A 41 -12.05 3.92 -8.01
CA GLY A 41 -10.96 3.11 -8.50
C GLY A 41 -11.12 1.65 -8.18
N VAL A 42 -10.03 0.89 -8.30
CA VAL A 42 -10.05 -0.54 -8.01
C VAL A 42 -10.00 -0.80 -6.50
N ALA A 43 -9.20 -0.01 -5.81
CA ALA A 43 -9.06 -0.14 -4.36
C ALA A 43 -10.38 0.16 -3.65
N ASP A 44 -10.91 1.35 -3.89
CA ASP A 44 -12.17 1.76 -3.27
C ASP A 44 -13.19 0.63 -3.32
N ARG A 45 -13.45 0.12 -4.52
CA ARG A 45 -14.41 -0.96 -4.72
C ARG A 45 -14.01 -2.19 -3.90
N HIS A 46 -12.72 -2.51 -3.90
CA HIS A 46 -12.23 -3.66 -3.16
C HIS A 46 -12.69 -3.62 -1.71
N GLY A 47 -12.49 -2.48 -1.06
CA GLY A 47 -12.89 -2.33 0.32
C GLY A 47 -11.86 -2.88 1.29
N GLY A 48 -10.67 -2.29 1.28
CA GLY A 48 -9.62 -2.75 2.17
C GLY A 48 -8.59 -1.66 2.45
N LEU A 49 -8.29 -0.87 1.43
CA LEU A 49 -7.32 0.21 1.58
C LEU A 49 -8.02 1.54 1.86
N LYS A 50 -7.49 2.29 2.82
CA LYS A 50 -8.05 3.58 3.19
C LYS A 50 -6.96 4.58 3.56
N ARG A 51 -7.30 5.85 3.56
CA ARG A 51 -6.36 6.90 3.91
C ARG A 51 -5.79 6.69 5.31
N GLY A 52 -4.47 6.63 5.41
CA GLY A 52 -3.83 6.42 6.70
C GLY A 52 -3.03 5.14 6.75
N ASP A 53 -3.44 4.16 5.95
CA ASP A 53 -2.75 2.86 5.92
C ASP A 53 -1.27 3.05 5.62
N GLN A 54 -0.43 2.83 6.64
CA GLN A 54 1.00 2.97 6.48
C GLN A 54 1.59 1.81 5.68
N LEU A 55 2.16 2.13 4.52
CA LEU A 55 2.75 1.13 3.66
C LEU A 55 3.97 0.48 4.30
N LEU A 56 3.84 -0.77 4.69
CA LEU A 56 4.94 -1.49 5.33
C LEU A 56 5.85 -2.13 4.29
N SER A 57 5.26 -2.90 3.37
CA SER A 57 6.03 -3.57 2.32
C SER A 57 5.14 -3.87 1.12
N VAL A 58 5.75 -3.89 -0.06
CA VAL A 58 5.02 -4.17 -1.30
C VAL A 58 5.67 -5.29 -2.09
N ASN A 59 4.85 -6.18 -2.62
CA ASN A 59 5.35 -7.32 -3.39
C ASN A 59 6.39 -8.10 -2.61
N GLY A 60 6.22 -8.15 -1.29
CA GLY A 60 7.15 -8.86 -0.44
C GLY A 60 8.48 -8.15 -0.30
N VAL A 61 8.46 -6.82 -0.45
CA VAL A 61 9.67 -6.02 -0.33
C VAL A 61 9.47 -4.87 0.65
N SER A 62 10.35 -4.79 1.64
CA SER A 62 10.28 -3.73 2.65
C SER A 62 10.40 -2.35 2.00
N VAL A 63 9.34 -1.56 2.12
CA VAL A 63 9.33 -0.21 1.55
C VAL A 63 9.43 0.85 2.65
N GLU A 64 9.11 0.45 3.88
CA GLU A 64 9.16 1.36 5.01
C GLU A 64 10.58 1.91 5.21
N GLY A 65 11.57 1.07 4.97
CA GLY A 65 12.95 1.48 5.12
C GLY A 65 13.65 1.68 3.79
N GLU A 66 12.93 2.26 2.83
CA GLU A 66 13.49 2.50 1.51
C GLU A 66 12.94 3.80 0.92
N GLN A 67 13.56 4.25 -0.17
CA GLN A 67 13.13 5.48 -0.83
C GLN A 67 11.77 5.30 -1.50
N HIS A 68 11.03 6.39 -1.62
CA HIS A 68 9.71 6.35 -2.24
C HIS A 68 9.74 5.56 -3.55
N GLU A 69 10.63 5.96 -4.46
CA GLU A 69 10.75 5.29 -5.74
C GLU A 69 10.58 3.78 -5.58
N LYS A 70 11.29 3.19 -4.63
CA LYS A 70 11.20 1.76 -4.38
C LYS A 70 9.75 1.29 -4.42
N ALA A 71 8.88 2.01 -3.75
CA ALA A 71 7.46 1.67 -3.73
C ALA A 71 6.87 1.63 -5.13
N VAL A 72 7.10 2.70 -5.89
CA VAL A 72 6.60 2.79 -7.26
C VAL A 72 7.13 1.65 -8.11
N GLU A 73 8.44 1.61 -8.29
CA GLU A 73 9.08 0.57 -9.09
C GLU A 73 8.58 -0.81 -8.69
N LEU A 74 8.33 -0.99 -7.40
CA LEU A 74 7.84 -2.27 -6.88
C LEU A 74 6.48 -2.61 -7.46
N LEU A 75 5.52 -1.70 -7.29
CA LEU A 75 4.17 -1.89 -7.80
C LEU A 75 4.21 -2.50 -9.21
N LYS A 76 5.09 -1.99 -10.05
CA LYS A 76 5.23 -2.48 -11.42
C LYS A 76 5.92 -3.84 -11.43
N ALA A 77 7.00 -3.96 -10.67
CA ALA A 77 7.75 -5.21 -10.60
C ALA A 77 6.81 -6.40 -10.49
N ALA A 78 5.76 -6.26 -9.69
CA ALA A 78 4.79 -7.33 -9.51
C ALA A 78 4.21 -7.79 -10.85
N GLN A 79 3.45 -8.87 -10.81
CA GLN A 79 2.85 -9.42 -12.02
C GLN A 79 1.60 -10.23 -11.69
N GLY A 80 0.53 -10.02 -12.46
CA GLY A 80 -0.70 -10.74 -12.23
C GLY A 80 -1.46 -10.21 -11.03
N SER A 81 -0.77 -10.06 -9.91
CA SER A 81 -1.39 -9.56 -8.68
C SER A 81 -0.34 -8.97 -7.75
N VAL A 82 -0.60 -7.76 -7.26
CA VAL A 82 0.30 -7.08 -6.35
C VAL A 82 -0.12 -7.28 -4.90
N LYS A 83 0.86 -7.30 -4.01
CA LYS A 83 0.59 -7.47 -2.58
C LYS A 83 0.99 -6.22 -1.80
N LEU A 84 -0.01 -5.56 -1.22
CA LEU A 84 0.23 -4.35 -0.44
C LEU A 84 0.03 -4.60 1.05
N VAL A 85 1.11 -4.55 1.81
CA VAL A 85 1.06 -4.78 3.24
C VAL A 85 0.86 -3.46 4.01
N VAL A 86 -0.09 -3.46 4.93
CA VAL A 86 -0.37 -2.28 5.73
C VAL A 86 -0.52 -2.62 7.20
N ARG A 87 -0.56 -1.60 8.04
CA ARG A 87 -0.71 -1.79 9.49
C ARG A 87 -2.10 -1.37 9.95
N SER A 88 -2.86 -2.34 10.47
CA SER A 88 -4.20 -2.07 10.95
C SER A 88 -4.20 -1.81 12.46
N GLY A 89 -5.14 -0.98 12.91
CA GLY A 89 -5.23 -0.66 14.32
C GLY A 89 -5.94 0.65 14.58
N PRO A 90 -6.82 0.67 15.58
CA PRO A 90 -7.58 1.87 15.95
C PRO A 90 -6.70 2.94 16.57
N SER A 91 -6.92 4.19 16.18
CA SER A 91 -6.14 5.32 16.70
C SER A 91 -6.63 5.71 18.08
N SER A 92 -5.70 5.92 19.00
CA SER A 92 -6.04 6.30 20.37
C SER A 92 -5.22 7.51 20.81
N GLY A 93 -5.87 8.44 21.51
CA GLY A 93 -5.18 9.64 21.97
C GLY A 93 -5.60 10.88 21.20
N GLY A 1 -7.77 -22.98 11.60
CA GLY A 1 -7.49 -21.81 12.43
C GLY A 1 -6.65 -20.78 11.72
N SER A 2 -7.06 -19.52 11.79
CA SER A 2 -6.33 -18.43 11.14
C SER A 2 -5.51 -17.65 12.16
N SER A 3 -4.53 -16.90 11.67
CA SER A 3 -3.67 -16.10 12.53
C SER A 3 -3.86 -14.62 12.26
N GLY A 4 -3.50 -13.79 13.23
CA GLY A 4 -3.64 -12.35 13.08
C GLY A 4 -2.55 -11.76 12.22
N SER A 5 -2.38 -12.30 11.02
CA SER A 5 -1.36 -11.82 10.10
C SER A 5 -1.72 -10.44 9.55
N SER A 6 -0.74 -9.76 8.97
CA SER A 6 -0.96 -8.43 8.41
C SER A 6 -2.01 -8.47 7.31
N GLY A 7 -2.93 -7.50 7.34
CA GLY A 7 -3.97 -7.44 6.34
C GLY A 7 -3.44 -7.06 4.96
N VAL A 8 -3.00 -8.06 4.21
CA VAL A 8 -2.47 -7.83 2.87
C VAL A 8 -3.59 -7.67 1.85
N VAL A 9 -3.61 -6.52 1.18
CA VAL A 9 -4.63 -6.24 0.16
C VAL A 9 -4.11 -6.54 -1.23
N GLU A 10 -4.54 -7.68 -1.78
CA GLU A 10 -4.12 -8.09 -3.12
C GLU A 10 -4.95 -7.39 -4.18
N LEU A 11 -4.33 -6.45 -4.89
CA LEU A 11 -5.02 -5.70 -5.94
C LEU A 11 -4.48 -6.08 -7.32
N PRO A 12 -5.37 -6.07 -8.32
CA PRO A 12 -5.01 -6.41 -9.70
C PRO A 12 -4.12 -5.35 -10.34
N LYS A 13 -2.92 -5.76 -10.76
CA LYS A 13 -1.97 -4.84 -11.39
C LYS A 13 -2.29 -4.69 -12.87
N THR A 14 -2.80 -3.52 -13.25
CA THR A 14 -3.14 -3.24 -14.63
C THR A 14 -3.34 -1.75 -14.86
N ASP A 15 -3.17 -1.31 -16.11
CA ASP A 15 -3.33 0.09 -16.46
C ASP A 15 -4.69 0.60 -16.00
N GLU A 16 -5.67 -0.29 -15.95
CA GLU A 16 -7.03 0.08 -15.54
C GLU A 16 -6.98 1.10 -14.39
N GLY A 17 -6.08 0.87 -13.44
CA GLY A 17 -5.95 1.76 -12.31
C GLY A 17 -6.22 1.08 -10.99
N LEU A 18 -5.57 1.55 -9.94
CA LEU A 18 -5.73 0.98 -8.61
C LEU A 18 -6.74 1.77 -7.78
N GLY A 19 -6.57 3.09 -7.77
CA GLY A 19 -7.47 3.95 -7.02
C GLY A 19 -6.86 4.42 -5.71
N PHE A 20 -5.55 4.54 -5.69
CA PHE A 20 -4.84 4.98 -4.48
C PHE A 20 -3.61 5.79 -4.85
N ASN A 21 -3.26 6.76 -4.00
CA ASN A 21 -2.11 7.61 -4.23
C ASN A 21 -1.32 7.81 -2.94
N ILE A 22 0.01 7.87 -3.06
CA ILE A 22 0.87 8.07 -1.90
C ILE A 22 1.58 9.41 -1.97
N MET A 23 2.03 9.90 -0.81
CA MET A 23 2.73 11.18 -0.74
C MET A 23 3.99 11.06 0.12
N GLY A 24 4.75 12.15 0.19
CA GLY A 24 5.97 12.15 0.98
C GLY A 24 7.08 11.35 0.33
N GLY A 25 7.84 10.61 1.14
CA GLY A 25 8.93 9.82 0.62
C GLY A 25 10.20 9.98 1.42
N LYS A 26 11.34 10.02 0.74
CA LYS A 26 12.63 10.17 1.39
C LYS A 26 12.96 11.64 1.61
N GLU A 27 12.74 12.45 0.58
CA GLU A 27 13.02 13.88 0.66
C GLU A 27 12.73 14.41 2.06
N GLN A 28 11.61 13.97 2.64
CA GLN A 28 11.22 14.40 3.97
C GLN A 28 10.97 13.20 4.88
N ASN A 29 11.71 13.12 5.97
CA ASN A 29 11.56 12.03 6.92
C ASN A 29 10.11 11.87 7.35
N SER A 30 9.43 10.87 6.80
CA SER A 30 8.03 10.62 7.11
C SER A 30 7.61 9.23 6.65
N PRO A 31 6.62 8.65 7.36
CA PRO A 31 6.10 7.32 7.04
C PRO A 31 5.32 7.30 5.72
N ILE A 32 5.57 6.27 4.92
CA ILE A 32 4.88 6.13 3.63
C ILE A 32 3.46 5.64 3.82
N TYR A 33 2.50 6.54 3.64
CA TYR A 33 1.09 6.19 3.79
C TYR A 33 0.29 6.60 2.55
N ILE A 34 -1.00 6.29 2.56
CA ILE A 34 -1.87 6.62 1.44
C ILE A 34 -2.33 8.07 1.51
N SER A 35 -1.96 8.86 0.51
CA SER A 35 -2.33 10.27 0.46
C SER A 35 -3.79 10.43 0.04
N ARG A 36 -4.15 9.83 -1.09
CA ARG A 36 -5.51 9.90 -1.60
C ARG A 36 -6.02 8.53 -2.01
N VAL A 37 -7.34 8.36 -2.00
CA VAL A 37 -7.95 7.09 -2.38
C VAL A 37 -9.17 7.31 -3.27
N ILE A 38 -9.10 6.80 -4.49
CA ILE A 38 -10.20 6.94 -5.44
C ILE A 38 -11.43 6.19 -4.96
N PRO A 39 -12.55 6.92 -4.76
CA PRO A 39 -13.81 6.34 -4.30
C PRO A 39 -14.46 5.45 -5.36
N GLY A 40 -13.83 5.38 -6.53
CA GLY A 40 -14.36 4.57 -7.61
C GLY A 40 -13.28 3.76 -8.31
N GLY A 41 -12.38 3.18 -7.54
CA GLY A 41 -11.31 2.39 -8.12
C GLY A 41 -11.31 0.96 -7.60
N VAL A 42 -10.11 0.35 -7.53
CA VAL A 42 -9.98 -1.01 -7.06
C VAL A 42 -9.85 -1.06 -5.53
N ALA A 43 -9.07 -0.14 -4.99
CA ALA A 43 -8.87 -0.07 -3.54
C ALA A 43 -10.19 0.11 -2.81
N ASP A 44 -10.89 1.20 -3.14
CA ASP A 44 -12.17 1.48 -2.51
C ASP A 44 -13.13 0.30 -2.65
N ARG A 45 -13.40 -0.08 -3.89
CA ARG A 45 -14.30 -1.19 -4.17
C ARG A 45 -13.90 -2.43 -3.36
N HIS A 46 -12.62 -2.77 -3.42
CA HIS A 46 -12.11 -3.93 -2.69
C HIS A 46 -12.52 -3.88 -1.22
N GLY A 47 -12.18 -2.77 -0.57
CA GLY A 47 -12.51 -2.61 0.84
C GLY A 47 -11.39 -3.06 1.76
N GLY A 48 -10.50 -2.14 2.10
CA GLY A 48 -9.39 -2.47 2.97
C GLY A 48 -8.35 -1.36 3.03
N LEU A 49 -8.04 -0.79 1.87
CA LEU A 49 -7.06 0.29 1.78
C LEU A 49 -7.73 1.66 1.81
N LYS A 50 -7.30 2.50 2.74
CA LYS A 50 -7.85 3.84 2.87
C LYS A 50 -6.77 4.84 3.25
N ARG A 51 -7.06 6.13 3.05
CA ARG A 51 -6.11 7.18 3.38
C ARG A 51 -5.63 7.06 4.82
N GLY A 52 -4.31 7.03 5.00
CA GLY A 52 -3.75 6.91 6.33
C GLY A 52 -2.98 5.61 6.51
N ASP A 53 -3.48 4.53 5.90
CA ASP A 53 -2.84 3.24 6.01
C ASP A 53 -1.36 3.32 5.65
N GLN A 54 -0.51 3.04 6.64
CA GLN A 54 0.94 3.09 6.42
C GLN A 54 1.43 1.85 5.70
N LEU A 55 2.08 2.05 4.57
CA LEU A 55 2.61 0.94 3.77
C LEU A 55 3.75 0.23 4.51
N LEU A 56 3.53 -1.04 4.84
CA LEU A 56 4.53 -1.82 5.54
C LEU A 56 5.51 -2.48 4.55
N SER A 57 4.96 -3.26 3.63
CA SER A 57 5.77 -3.94 2.64
C SER A 57 4.95 -4.28 1.40
N VAL A 58 5.56 -4.13 0.22
CA VAL A 58 4.89 -4.41 -1.04
C VAL A 58 5.56 -5.57 -1.78
N ASN A 59 4.74 -6.43 -2.37
CA ASN A 59 5.25 -7.59 -3.10
C ASN A 59 6.23 -8.39 -2.24
N GLY A 60 5.93 -8.48 -0.95
CA GLY A 60 6.79 -9.22 -0.04
C GLY A 60 8.15 -8.57 0.13
N VAL A 61 8.18 -7.24 0.06
CA VAL A 61 9.42 -6.49 0.21
C VAL A 61 9.29 -5.40 1.27
N SER A 62 10.15 -5.46 2.28
CA SER A 62 10.13 -4.48 3.36
C SER A 62 10.54 -3.10 2.85
N VAL A 63 9.63 -2.14 2.96
CA VAL A 63 9.90 -0.77 2.51
C VAL A 63 9.84 0.21 3.67
N GLU A 64 9.37 -0.27 4.82
CA GLU A 64 9.25 0.57 6.01
C GLU A 64 10.42 1.54 6.11
N GLY A 65 11.63 1.04 5.84
CA GLY A 65 12.81 1.88 5.90
C GLY A 65 13.51 1.99 4.55
N GLU A 66 12.73 2.27 3.52
CA GLU A 66 13.29 2.41 2.17
C GLU A 66 12.82 3.71 1.52
N GLN A 67 13.43 4.05 0.39
CA GLN A 67 13.08 5.27 -0.32
C GLN A 67 11.68 5.17 -0.92
N HIS A 68 11.16 6.31 -1.37
CA HIS A 68 9.83 6.34 -1.97
C HIS A 68 9.81 5.64 -3.32
N GLU A 69 10.65 6.10 -4.23
CA GLU A 69 10.73 5.51 -5.56
C GLU A 69 10.71 3.98 -5.49
N LYS A 70 11.56 3.42 -4.64
CA LYS A 70 11.64 1.97 -4.47
C LYS A 70 10.24 1.36 -4.45
N ALA A 71 9.33 1.99 -3.72
CA ALA A 71 7.96 1.49 -3.63
C ALA A 71 7.26 1.59 -4.98
N VAL A 72 7.37 2.74 -5.62
CA VAL A 72 6.75 2.96 -6.92
C VAL A 72 7.23 1.94 -7.95
N GLU A 73 8.53 1.85 -8.13
CA GLU A 73 9.12 0.92 -9.08
C GLU A 73 8.62 -0.50 -8.81
N LEU A 74 8.50 -0.85 -7.54
CA LEU A 74 8.02 -2.17 -7.15
C LEU A 74 6.67 -2.48 -7.78
N LEU A 75 5.73 -1.56 -7.62
CA LEU A 75 4.39 -1.73 -8.18
C LEU A 75 4.46 -2.02 -9.68
N LYS A 76 5.09 -1.11 -10.43
CA LYS A 76 5.23 -1.28 -11.87
C LYS A 76 5.98 -2.56 -12.20
N ALA A 77 6.98 -2.88 -11.39
CA ALA A 77 7.78 -4.09 -11.59
C ALA A 77 6.90 -5.34 -11.57
N ALA A 78 5.90 -5.34 -10.69
CA ALA A 78 5.00 -6.47 -10.56
C ALA A 78 4.26 -6.73 -11.87
N GLN A 79 3.63 -7.90 -11.97
CA GLN A 79 2.89 -8.27 -13.17
C GLN A 79 1.78 -9.26 -12.83
N GLY A 80 0.54 -8.78 -12.91
CA GLY A 80 -0.60 -9.63 -12.60
C GLY A 80 -1.32 -9.22 -11.33
N SER A 81 -0.58 -9.15 -10.24
CA SER A 81 -1.15 -8.76 -8.95
C SER A 81 -0.07 -8.29 -7.98
N VAL A 82 -0.46 -7.45 -7.04
CA VAL A 82 0.48 -6.91 -6.05
C VAL A 82 -0.09 -7.01 -4.64
N LYS A 83 0.70 -7.55 -3.73
CA LYS A 83 0.28 -7.69 -2.33
C LYS A 83 0.72 -6.51 -1.50
N LEU A 84 -0.22 -5.61 -1.21
CA LEU A 84 0.09 -4.42 -0.41
C LEU A 84 -0.22 -4.67 1.07
N VAL A 85 0.85 -4.73 1.88
CA VAL A 85 0.70 -4.95 3.31
C VAL A 85 0.48 -3.64 4.05
N VAL A 86 -0.38 -3.67 5.06
CA VAL A 86 -0.67 -2.49 5.85
C VAL A 86 -0.87 -2.84 7.32
N ARG A 87 -0.76 -1.84 8.19
CA ARG A 87 -0.93 -2.05 9.62
C ARG A 87 -2.33 -1.66 10.06
N SER A 88 -3.03 -2.59 10.71
CA SER A 88 -4.39 -2.34 11.18
C SER A 88 -4.38 -1.87 12.63
N GLY A 89 -5.16 -0.82 12.91
CA GLY A 89 -5.23 -0.29 14.26
C GLY A 89 -6.64 -0.26 14.80
N PRO A 90 -7.02 -1.32 15.54
CA PRO A 90 -8.35 -1.44 16.13
C PRO A 90 -8.57 -0.44 17.26
N SER A 91 -9.04 0.76 16.91
CA SER A 91 -9.29 1.81 17.89
C SER A 91 -7.99 2.28 18.53
N SER A 92 -6.95 2.41 17.71
CA SER A 92 -5.64 2.85 18.20
C SER A 92 -5.52 4.37 18.13
N GLY A 93 -5.86 4.93 16.96
CA GLY A 93 -5.77 6.38 16.78
C GLY A 93 -4.75 6.77 15.73
N GLY A 1 1.02 -8.66 14.26
CA GLY A 1 0.86 -8.90 15.69
C GLY A 1 0.91 -10.38 16.04
N SER A 2 -0.11 -10.85 16.76
CA SER A 2 -0.18 -12.24 17.16
C SER A 2 -0.84 -13.10 16.08
N SER A 3 -2.04 -12.71 15.68
CA SER A 3 -2.78 -13.43 14.66
C SER A 3 -1.84 -13.99 13.60
N GLY A 4 -0.91 -13.14 13.14
CA GLY A 4 0.04 -13.57 12.13
C GLY A 4 0.05 -12.65 10.93
N SER A 5 -1.13 -12.42 10.36
CA SER A 5 -1.26 -11.56 9.19
C SER A 5 -1.77 -10.18 9.58
N SER A 6 -0.96 -9.16 9.33
CA SER A 6 -1.32 -7.78 9.66
C SER A 6 -2.47 -7.30 8.78
N GLY A 7 -2.28 -7.36 7.46
CA GLY A 7 -3.30 -6.94 6.53
C GLY A 7 -2.80 -6.90 5.10
N VAL A 8 -2.56 -8.08 4.54
CA VAL A 8 -2.09 -8.18 3.16
C VAL A 8 -3.21 -7.92 2.16
N VAL A 9 -3.12 -6.80 1.46
CA VAL A 9 -4.13 -6.43 0.48
C VAL A 9 -3.68 -6.78 -0.94
N GLU A 10 -4.23 -7.86 -1.48
CA GLU A 10 -3.88 -8.30 -2.83
C GLU A 10 -4.85 -7.74 -3.86
N LEU A 11 -4.36 -6.80 -4.67
CA LEU A 11 -5.18 -6.18 -5.70
C LEU A 11 -4.76 -6.64 -7.09
N PRO A 12 -5.72 -6.65 -8.03
CA PRO A 12 -5.47 -7.07 -9.42
C PRO A 12 -4.61 -6.07 -10.18
N LYS A 13 -3.57 -6.58 -10.84
CA LYS A 13 -2.66 -5.73 -11.60
C LYS A 13 -3.00 -5.78 -13.09
N THR A 14 -3.67 -4.74 -13.58
CA THR A 14 -4.05 -4.67 -14.98
C THR A 14 -4.35 -3.23 -15.39
N ASP A 15 -4.39 -2.98 -16.69
CA ASP A 15 -4.67 -1.65 -17.21
C ASP A 15 -5.74 -0.96 -16.39
N GLU A 16 -6.69 -1.74 -15.87
CA GLU A 16 -7.77 -1.20 -15.05
C GLU A 16 -7.25 -0.12 -14.10
N GLY A 17 -6.10 -0.39 -13.49
CA GLY A 17 -5.52 0.57 -12.56
C GLY A 17 -5.90 0.29 -11.12
N LEU A 18 -5.23 0.96 -10.19
CA LEU A 18 -5.51 0.77 -8.76
C LEU A 18 -6.43 1.87 -8.25
N GLY A 19 -5.93 3.10 -8.24
CA GLY A 19 -6.73 4.21 -7.77
C GLY A 19 -6.34 4.65 -6.37
N PHE A 20 -5.04 4.66 -6.09
CA PHE A 20 -4.54 5.06 -4.79
C PHE A 20 -3.19 5.75 -4.91
N ASN A 21 -2.96 6.74 -4.05
CA ASN A 21 -1.70 7.49 -4.06
C ASN A 21 -0.97 7.33 -2.74
N ILE A 22 0.29 7.75 -2.72
CA ILE A 22 1.11 7.65 -1.51
C ILE A 22 2.07 8.83 -1.40
N MET A 23 2.34 9.26 -0.17
CA MET A 23 3.24 10.37 0.08
C MET A 23 4.41 9.95 0.96
N GLY A 24 5.35 10.87 1.18
CA GLY A 24 6.51 10.57 2.00
C GLY A 24 7.58 9.83 1.24
N GLY A 25 8.48 9.18 1.96
CA GLY A 25 9.56 8.44 1.34
C GLY A 25 10.86 8.52 2.11
N LYS A 26 11.96 8.76 1.40
CA LYS A 26 13.27 8.86 2.04
C LYS A 26 13.60 10.31 2.37
N GLU A 27 13.69 11.14 1.33
CA GLU A 27 14.00 12.55 1.51
C GLU A 27 13.09 13.18 2.57
N GLN A 28 11.79 13.12 2.31
CA GLN A 28 10.80 13.68 3.23
C GLN A 28 11.03 13.18 4.65
N ASN A 29 11.67 12.01 4.77
CA ASN A 29 11.96 11.43 6.07
C ASN A 29 10.67 11.06 6.80
N SER A 30 9.75 10.42 6.08
CA SER A 30 8.46 10.03 6.66
C SER A 30 7.98 8.71 6.05
N PRO A 31 7.12 8.01 6.79
CA PRO A 31 6.56 6.72 6.35
C PRO A 31 5.57 6.89 5.20
N ILE A 32 5.65 5.98 4.23
CA ILE A 32 4.77 6.01 3.07
C ILE A 32 3.37 5.51 3.43
N TYR A 33 2.37 6.34 3.18
CA TYR A 33 0.99 5.97 3.47
C TYR A 33 0.04 6.48 2.39
N ILE A 34 -1.23 6.11 2.49
CA ILE A 34 -2.24 6.54 1.52
C ILE A 34 -2.77 7.92 1.87
N SER A 35 -2.50 8.89 1.01
CA SER A 35 -2.96 10.26 1.23
C SER A 35 -4.24 10.53 0.45
N ARG A 36 -4.36 9.92 -0.72
CA ARG A 36 -5.55 10.10 -1.56
C ARG A 36 -6.00 8.76 -2.15
N VAL A 37 -7.31 8.53 -2.13
CA VAL A 37 -7.87 7.30 -2.66
C VAL A 37 -9.00 7.58 -3.64
N ILE A 38 -8.92 6.98 -4.82
CA ILE A 38 -9.94 7.17 -5.85
C ILE A 38 -11.29 6.60 -5.41
N PRO A 39 -12.31 7.47 -5.35
CA PRO A 39 -13.66 7.07 -4.94
C PRO A 39 -14.33 6.18 -5.99
N GLY A 40 -13.60 5.83 -7.03
CA GLY A 40 -14.14 4.99 -8.07
C GLY A 40 -13.09 4.13 -8.74
N GLY A 41 -12.20 3.54 -7.94
CA GLY A 41 -11.15 2.70 -8.47
C GLY A 41 -11.09 1.34 -7.80
N VAL A 42 -9.98 0.64 -8.00
CA VAL A 42 -9.82 -0.69 -7.41
C VAL A 42 -9.46 -0.59 -5.93
N ALA A 43 -8.60 0.36 -5.59
CA ALA A 43 -8.19 0.56 -4.22
C ALA A 43 -9.38 0.72 -3.29
N ASP A 44 -10.38 1.46 -3.75
CA ASP A 44 -11.60 1.70 -2.98
C ASP A 44 -12.56 0.52 -3.11
N ARG A 45 -12.95 0.20 -4.34
CA ARG A 45 -13.87 -0.90 -4.60
C ARG A 45 -13.50 -2.11 -3.76
N HIS A 46 -12.21 -2.44 -3.72
CA HIS A 46 -11.73 -3.59 -2.95
C HIS A 46 -12.34 -3.60 -1.55
N GLY A 47 -12.22 -2.48 -0.86
CA GLY A 47 -12.78 -2.37 0.49
C GLY A 47 -11.79 -2.81 1.55
N GLY A 48 -10.66 -2.08 1.64
CA GLY A 48 -9.65 -2.42 2.62
C GLY A 48 -8.62 -1.32 2.78
N LEU A 49 -8.19 -0.75 1.66
CA LEU A 49 -7.19 0.33 1.67
C LEU A 49 -7.86 1.68 1.91
N LYS A 50 -7.35 2.41 2.89
CA LYS A 50 -7.89 3.72 3.23
C LYS A 50 -6.77 4.75 3.40
N ARG A 51 -7.12 6.02 3.38
CA ARG A 51 -6.15 7.09 3.53
C ARG A 51 -5.51 7.06 4.91
N GLY A 52 -4.22 6.74 4.96
CA GLY A 52 -3.53 6.68 6.22
C GLY A 52 -2.76 5.38 6.40
N ASP A 53 -3.28 4.31 5.80
CA ASP A 53 -2.64 3.00 5.90
C ASP A 53 -1.17 3.08 5.51
N GLN A 54 -0.30 2.95 6.50
CA GLN A 54 1.14 3.01 6.27
C GLN A 54 1.63 1.77 5.53
N LEU A 55 2.16 1.97 4.34
CA LEU A 55 2.66 0.86 3.53
C LEU A 55 3.82 0.16 4.23
N LEU A 56 3.56 -1.04 4.73
CA LEU A 56 4.59 -1.82 5.42
C LEU A 56 5.53 -2.50 4.43
N SER A 57 4.96 -3.33 3.57
CA SER A 57 5.74 -4.05 2.57
C SER A 57 4.91 -4.30 1.31
N VAL A 58 5.55 -4.22 0.15
CA VAL A 58 4.87 -4.44 -1.13
C VAL A 58 5.59 -5.50 -1.94
N ASN A 59 4.82 -6.41 -2.54
CA ASN A 59 5.38 -7.47 -3.36
C ASN A 59 6.44 -8.25 -2.58
N GLY A 60 6.23 -8.37 -1.28
CA GLY A 60 7.18 -9.10 -0.45
C GLY A 60 8.48 -8.35 -0.26
N VAL A 61 8.39 -7.02 -0.24
CA VAL A 61 9.57 -6.18 -0.07
C VAL A 61 9.35 -5.13 1.02
N SER A 62 10.38 -4.89 1.83
CA SER A 62 10.28 -3.92 2.91
C SER A 62 10.42 -2.50 2.36
N VAL A 63 9.30 -1.78 2.31
CA VAL A 63 9.29 -0.41 1.81
C VAL A 63 9.54 0.58 2.94
N GLU A 64 9.02 0.27 4.12
CA GLU A 64 9.19 1.14 5.28
C GLU A 64 10.57 1.80 5.28
N GLY A 65 11.58 1.02 4.93
CA GLY A 65 12.94 1.53 4.89
C GLY A 65 13.46 1.69 3.48
N GLU A 66 12.70 2.38 2.64
CA GLU A 66 13.09 2.60 1.24
C GLU A 66 12.61 3.96 0.76
N GLN A 67 13.06 4.34 -0.44
CA GLN A 67 12.68 5.62 -1.03
C GLN A 67 11.33 5.52 -1.75
N HIS A 68 10.51 6.54 -1.60
CA HIS A 68 9.20 6.57 -2.23
C HIS A 68 9.24 5.90 -3.61
N GLU A 69 10.18 6.34 -4.44
CA GLU A 69 10.34 5.78 -5.78
C GLU A 69 10.26 4.25 -5.74
N LYS A 70 10.96 3.66 -4.78
CA LYS A 70 10.98 2.20 -4.64
C LYS A 70 9.56 1.65 -4.58
N ALA A 71 8.80 2.06 -3.56
CA ALA A 71 7.43 1.60 -3.40
C ALA A 71 6.68 1.64 -4.72
N VAL A 72 6.90 2.69 -5.49
CA VAL A 72 6.24 2.85 -6.79
C VAL A 72 6.79 1.86 -7.81
N GLU A 73 8.11 1.72 -7.84
CA GLU A 73 8.76 0.80 -8.77
C GLU A 73 8.23 -0.62 -8.59
N LEU A 74 8.11 -1.05 -7.35
CA LEU A 74 7.60 -2.39 -7.04
C LEU A 74 6.22 -2.60 -7.66
N LEU A 75 5.30 -1.70 -7.37
CA LEU A 75 3.95 -1.79 -7.90
C LEU A 75 3.96 -2.13 -9.38
N LYS A 76 4.83 -1.45 -10.14
CA LYS A 76 4.95 -1.68 -11.57
C LYS A 76 5.64 -3.01 -11.85
N ALA A 77 6.71 -3.28 -11.12
CA ALA A 77 7.47 -4.52 -11.28
C ALA A 77 6.55 -5.73 -11.17
N ALA A 78 5.59 -5.67 -10.25
CA ALA A 78 4.65 -6.75 -10.05
C ALA A 78 3.85 -7.04 -11.31
N GLN A 79 3.22 -8.21 -11.35
CA GLN A 79 2.42 -8.60 -12.52
C GLN A 79 1.26 -9.49 -12.10
N GLY A 80 0.12 -9.32 -12.75
CA GLY A 80 -1.06 -10.12 -12.43
C GLY A 80 -1.74 -9.66 -11.16
N SER A 81 -0.97 -9.57 -10.08
CA SER A 81 -1.52 -9.15 -8.79
C SER A 81 -0.41 -8.61 -7.88
N VAL A 82 -0.73 -7.58 -7.11
CA VAL A 82 0.23 -6.98 -6.21
C VAL A 82 -0.20 -7.13 -4.75
N LYS A 83 0.76 -7.32 -3.86
CA LYS A 83 0.47 -7.48 -2.44
C LYS A 83 0.95 -6.28 -1.65
N LEU A 84 0.01 -5.55 -1.05
CA LEU A 84 0.34 -4.37 -0.26
C LEU A 84 0.00 -4.58 1.21
N VAL A 85 1.03 -4.75 2.04
CA VAL A 85 0.83 -4.97 3.46
C VAL A 85 0.81 -3.64 4.22
N VAL A 86 -0.19 -3.47 5.08
CA VAL A 86 -0.31 -2.25 5.87
C VAL A 86 -0.62 -2.56 7.33
N ARG A 87 -0.60 -1.53 8.17
CA ARG A 87 -0.87 -1.69 9.59
C ARG A 87 -2.15 -0.96 9.99
N SER A 88 -3.19 -1.74 10.30
CA SER A 88 -4.47 -1.16 10.71
C SER A 88 -4.56 -1.04 12.22
N GLY A 89 -5.32 -0.05 12.68
CA GLY A 89 -5.48 0.16 14.11
C GLY A 89 -6.81 -0.35 14.62
N PRO A 90 -6.81 -0.89 15.86
CA PRO A 90 -8.02 -1.42 16.49
C PRO A 90 -9.01 -0.32 16.86
N SER A 91 -8.59 0.93 16.69
CA SER A 91 -9.44 2.07 17.01
C SER A 91 -9.03 3.30 16.21
N SER A 92 -9.89 4.30 16.19
CA SER A 92 -9.61 5.54 15.46
C SER A 92 -9.58 6.74 16.41
N GLY A 93 -8.71 7.70 16.10
CA GLY A 93 -8.60 8.88 16.94
C GLY A 93 -7.26 9.58 16.78
N GLY A 1 0.52 -10.37 16.87
CA GLY A 1 1.96 -10.27 16.71
C GLY A 1 2.49 -11.22 15.65
N SER A 2 2.72 -12.47 16.04
CA SER A 2 3.24 -13.47 15.13
C SER A 2 2.11 -14.29 14.51
N SER A 3 1.31 -14.93 15.37
CA SER A 3 0.20 -15.75 14.91
C SER A 3 -0.61 -15.01 13.85
N GLY A 4 -1.05 -13.80 14.19
CA GLY A 4 -1.83 -13.01 13.25
C GLY A 4 -0.99 -12.46 12.11
N SER A 5 -1.59 -12.39 10.93
CA SER A 5 -0.89 -11.89 9.75
C SER A 5 -1.25 -10.42 9.49
N SER A 6 -0.40 -9.74 8.72
CA SER A 6 -0.62 -8.33 8.40
C SER A 6 -1.81 -8.19 7.46
N GLY A 7 -2.38 -6.97 7.41
CA GLY A 7 -3.52 -6.72 6.55
C GLY A 7 -3.11 -6.52 5.11
N VAL A 8 -2.58 -7.58 4.50
CA VAL A 8 -2.14 -7.52 3.10
C VAL A 8 -3.33 -7.39 2.16
N VAL A 9 -3.23 -6.47 1.21
CA VAL A 9 -4.30 -6.24 0.25
C VAL A 9 -3.83 -6.51 -1.18
N GLU A 10 -4.20 -7.67 -1.71
CA GLU A 10 -3.80 -8.06 -3.06
C GLU A 10 -4.79 -7.51 -4.09
N LEU A 11 -4.31 -6.59 -4.92
CA LEU A 11 -5.15 -5.99 -5.95
C LEU A 11 -4.64 -6.34 -7.34
N PRO A 12 -5.57 -6.35 -8.32
CA PRO A 12 -5.24 -6.66 -9.71
C PRO A 12 -4.40 -5.58 -10.38
N LYS A 13 -3.27 -5.98 -10.95
CA LYS A 13 -2.38 -5.04 -11.62
C LYS A 13 -2.68 -4.97 -13.10
N THR A 14 -3.21 -3.83 -13.54
CA THR A 14 -3.56 -3.63 -14.94
C THR A 14 -3.77 -2.16 -15.25
N ASP A 15 -3.59 -1.79 -16.51
CA ASP A 15 -3.76 -0.40 -16.94
C ASP A 15 -4.89 0.26 -16.16
N GLU A 16 -5.95 -0.49 -15.91
CA GLU A 16 -7.10 0.03 -15.17
C GLU A 16 -6.66 0.90 -14.00
N GLY A 17 -5.74 0.38 -13.19
CA GLY A 17 -5.25 1.12 -12.05
C GLY A 17 -5.79 0.62 -10.73
N LEU A 18 -5.27 1.14 -9.63
CA LEU A 18 -5.72 0.73 -8.31
C LEU A 18 -6.67 1.76 -7.71
N GLY A 19 -6.39 3.04 -7.96
CA GLY A 19 -7.23 4.10 -7.44
C GLY A 19 -6.81 4.55 -6.06
N PHE A 20 -5.51 4.74 -5.88
CA PHE A 20 -4.98 5.17 -4.59
C PHE A 20 -3.74 6.04 -4.79
N ASN A 21 -3.46 6.90 -3.81
CA ASN A 21 -2.31 7.79 -3.87
C ASN A 21 -1.45 7.66 -2.61
N ILE A 22 -0.17 7.97 -2.75
CA ILE A 22 0.76 7.88 -1.63
C ILE A 22 1.75 9.04 -1.64
N MET A 23 2.06 9.58 -0.46
CA MET A 23 2.99 10.69 -0.35
C MET A 23 4.08 10.37 0.67
N GLY A 24 5.18 11.12 0.61
CA GLY A 24 6.28 10.90 1.53
C GLY A 24 7.40 10.10 0.92
N GLY A 25 8.29 9.59 1.76
CA GLY A 25 9.41 8.80 1.27
C GLY A 25 10.69 9.08 2.04
N LYS A 26 11.76 9.37 1.32
CA LYS A 26 13.05 9.65 1.94
C LYS A 26 13.26 11.16 2.12
N GLU A 27 13.35 11.87 1.01
CA GLU A 27 13.54 13.32 1.04
C GLU A 27 12.59 13.97 2.04
N GLN A 28 11.33 13.53 2.01
CA GLN A 28 10.32 14.06 2.92
C GLN A 28 10.62 13.69 4.36
N ASN A 29 11.32 12.57 4.55
CA ASN A 29 11.66 12.10 5.89
C ASN A 29 10.41 11.77 6.70
N SER A 30 9.43 11.17 6.03
CA SER A 30 8.18 10.80 6.69
C SER A 30 7.75 9.38 6.31
N PRO A 31 6.86 8.80 7.12
CA PRO A 31 6.36 7.45 6.89
C PRO A 31 5.45 7.36 5.67
N ILE A 32 5.66 6.34 4.85
CA ILE A 32 4.86 6.15 3.65
C ILE A 32 3.44 5.69 4.00
N TYR A 33 2.45 6.42 3.50
CA TYR A 33 1.06 6.09 3.76
C TYR A 33 0.16 6.58 2.63
N ILE A 34 -1.09 6.15 2.64
CA ILE A 34 -2.06 6.55 1.62
C ILE A 34 -2.47 8.01 1.79
N SER A 35 -2.17 8.82 0.78
CA SER A 35 -2.50 10.24 0.82
C SER A 35 -3.98 10.46 0.49
N ARG A 36 -4.45 9.82 -0.58
CA ARG A 36 -5.83 9.94 -0.99
C ARG A 36 -6.34 8.63 -1.57
N VAL A 37 -7.67 8.48 -1.61
CA VAL A 37 -8.28 7.27 -2.15
C VAL A 37 -9.44 7.61 -3.09
N ILE A 38 -9.42 7.00 -4.27
CA ILE A 38 -10.47 7.23 -5.26
C ILE A 38 -11.79 6.62 -4.82
N PRO A 39 -12.83 7.47 -4.71
CA PRO A 39 -14.16 7.03 -4.30
C PRO A 39 -14.84 6.18 -5.36
N GLY A 40 -14.13 5.90 -6.44
CA GLY A 40 -14.68 5.10 -7.52
C GLY A 40 -13.62 4.33 -8.28
N GLY A 41 -12.76 3.62 -7.55
CA GLY A 41 -11.71 2.85 -8.17
C GLY A 41 -11.66 1.42 -7.68
N VAL A 42 -10.50 0.79 -7.80
CA VAL A 42 -10.32 -0.59 -7.35
C VAL A 42 -10.12 -0.66 -5.85
N ALA A 43 -9.36 0.29 -5.32
CA ALA A 43 -9.08 0.33 -3.87
C ALA A 43 -10.37 0.47 -3.08
N ASP A 44 -11.21 1.42 -3.48
CA ASP A 44 -12.47 1.66 -2.79
C ASP A 44 -13.36 0.41 -2.84
N ARG A 45 -13.65 -0.05 -4.05
CA ARG A 45 -14.49 -1.24 -4.23
C ARG A 45 -13.94 -2.42 -3.44
N HIS A 46 -12.70 -2.79 -3.75
CA HIS A 46 -12.05 -3.91 -3.06
C HIS A 46 -12.35 -3.87 -1.56
N GLY A 47 -12.02 -2.75 -0.93
CA GLY A 47 -12.25 -2.62 0.50
C GLY A 47 -11.08 -3.11 1.34
N GLY A 48 -9.99 -2.36 1.31
CA GLY A 48 -8.82 -2.75 2.07
C GLY A 48 -7.84 -1.60 2.26
N LEU A 49 -7.70 -0.76 1.23
CA LEU A 49 -6.80 0.38 1.28
C LEU A 49 -7.58 1.67 1.48
N LYS A 50 -7.03 2.56 2.32
CA LYS A 50 -7.68 3.84 2.60
C LYS A 50 -6.65 4.86 3.06
N ARG A 51 -7.06 6.13 3.12
CA ARG A 51 -6.19 7.21 3.55
C ARG A 51 -5.76 7.01 5.01
N GLY A 52 -4.44 6.91 5.22
CA GLY A 52 -3.93 6.72 6.57
C GLY A 52 -3.07 5.48 6.69
N ASP A 53 -3.51 4.40 6.05
CA ASP A 53 -2.77 3.14 6.09
C ASP A 53 -1.31 3.34 5.69
N GLN A 54 -0.41 3.04 6.61
CA GLN A 54 1.02 3.20 6.36
C GLN A 54 1.57 1.99 5.59
N LEU A 55 2.22 2.27 4.46
CA LEU A 55 2.79 1.21 3.64
C LEU A 55 3.91 0.49 4.38
N LEU A 56 3.70 -0.80 4.66
CA LEU A 56 4.70 -1.59 5.36
C LEU A 56 5.64 -2.28 4.38
N SER A 57 5.08 -3.10 3.50
CA SER A 57 5.86 -3.83 2.50
C SER A 57 5.06 -4.05 1.23
N VAL A 58 5.72 -3.95 0.09
CA VAL A 58 5.07 -4.14 -1.20
C VAL A 58 5.72 -5.28 -1.98
N ASN A 59 4.89 -6.10 -2.61
CA ASN A 59 5.39 -7.23 -3.40
C ASN A 59 6.33 -8.10 -2.57
N GLY A 60 6.03 -8.21 -1.28
CA GLY A 60 6.86 -9.01 -0.40
C GLY A 60 8.22 -8.38 -0.14
N VAL A 61 8.26 -7.05 -0.16
CA VAL A 61 9.51 -6.32 0.08
C VAL A 61 9.31 -5.24 1.12
N SER A 62 10.10 -5.30 2.19
CA SER A 62 10.01 -4.33 3.27
C SER A 62 10.35 -2.93 2.76
N VAL A 63 9.36 -2.03 2.84
CA VAL A 63 9.55 -0.66 2.39
C VAL A 63 9.38 0.33 3.54
N GLU A 64 9.42 -0.19 4.76
CA GLU A 64 9.28 0.65 5.95
C GLU A 64 10.39 1.69 6.02
N GLY A 65 11.58 1.29 5.62
CA GLY A 65 12.72 2.19 5.65
C GLY A 65 13.35 2.38 4.29
N GLU A 66 12.51 2.66 3.28
CA GLU A 66 13.00 2.86 1.92
C GLU A 66 12.37 4.11 1.30
N GLN A 67 13.01 4.63 0.26
CA GLN A 67 12.52 5.81 -0.43
C GLN A 67 11.24 5.52 -1.19
N HIS A 68 10.48 6.56 -1.51
CA HIS A 68 9.23 6.41 -2.24
C HIS A 68 9.45 5.65 -3.53
N GLU A 69 10.38 6.12 -4.35
CA GLU A 69 10.68 5.49 -5.63
C GLU A 69 10.70 3.97 -5.48
N LYS A 70 11.49 3.48 -4.54
CA LYS A 70 11.61 2.04 -4.29
C LYS A 70 10.23 1.38 -4.37
N ALA A 71 9.27 1.91 -3.63
CA ALA A 71 7.92 1.37 -3.63
C ALA A 71 7.31 1.38 -5.03
N VAL A 72 7.31 2.55 -5.65
CA VAL A 72 6.76 2.70 -7.00
C VAL A 72 7.33 1.65 -7.94
N GLU A 73 8.65 1.49 -7.91
CA GLU A 73 9.31 0.51 -8.77
C GLU A 73 8.67 -0.87 -8.62
N LEU A 74 8.55 -1.33 -7.38
CA LEU A 74 7.96 -2.63 -7.09
C LEU A 74 6.63 -2.80 -7.82
N LEU A 75 5.71 -1.86 -7.58
CA LEU A 75 4.40 -1.90 -8.22
C LEU A 75 4.52 -2.32 -9.68
N LYS A 76 5.39 -1.65 -10.41
CA LYS A 76 5.60 -1.96 -11.83
C LYS A 76 6.17 -3.36 -12.00
N ALA A 77 7.11 -3.73 -11.13
CA ALA A 77 7.72 -5.05 -11.19
C ALA A 77 6.67 -6.15 -11.19
N ALA A 78 5.66 -5.99 -10.35
CA ALA A 78 4.58 -6.97 -10.24
C ALA A 78 3.80 -7.07 -11.56
N GLN A 79 3.13 -8.20 -11.75
CA GLN A 79 2.35 -8.42 -12.97
C GLN A 79 1.07 -9.19 -12.65
N GLY A 80 -0.06 -8.68 -13.14
CA GLY A 80 -1.33 -9.34 -12.92
C GLY A 80 -1.95 -8.95 -11.58
N SER A 81 -1.11 -8.80 -10.56
CA SER A 81 -1.57 -8.44 -9.23
C SER A 81 -0.40 -8.05 -8.33
N VAL A 82 -0.67 -7.20 -7.36
CA VAL A 82 0.36 -6.74 -6.43
C VAL A 82 -0.03 -7.07 -4.98
N LYS A 83 0.96 -7.03 -4.10
CA LYS A 83 0.74 -7.32 -2.69
C LYS A 83 1.16 -6.14 -1.82
N LEU A 84 0.18 -5.44 -1.27
CA LEU A 84 0.45 -4.29 -0.41
C LEU A 84 0.13 -4.61 1.04
N VAL A 85 1.16 -4.65 1.87
CA VAL A 85 1.01 -4.94 3.28
C VAL A 85 0.85 -3.66 4.10
N VAL A 86 -0.32 -3.51 4.73
CA VAL A 86 -0.60 -2.34 5.54
C VAL A 86 -0.77 -2.70 7.01
N ARG A 87 -0.70 -1.70 7.88
CA ARG A 87 -0.84 -1.92 9.32
C ARG A 87 -2.20 -1.43 9.81
N SER A 88 -3.09 -2.37 10.10
CA SER A 88 -4.42 -2.04 10.58
C SER A 88 -4.51 -2.18 12.10
N GLY A 89 -5.28 -1.30 12.73
CA GLY A 89 -5.44 -1.34 14.17
C GLY A 89 -6.63 -0.54 14.65
N PRO A 90 -6.36 0.59 15.32
CA PRO A 90 -7.40 1.47 15.85
C PRO A 90 -8.16 2.19 14.74
N SER A 91 -9.38 2.63 15.06
CA SER A 91 -10.22 3.33 14.09
C SER A 91 -10.97 4.47 14.76
N SER A 92 -11.19 5.55 14.00
CA SER A 92 -11.89 6.72 14.52
C SER A 92 -12.43 7.58 13.38
N GLY A 93 -13.38 8.45 13.69
CA GLY A 93 -13.97 9.32 12.69
C GLY A 93 -13.44 10.74 12.77
N GLY A 1 -3.26 -14.89 18.89
CA GLY A 1 -2.22 -15.29 19.83
C GLY A 1 -1.03 -14.35 19.81
N SER A 2 0.17 -14.91 19.92
CA SER A 2 1.39 -14.11 19.92
C SER A 2 1.61 -13.46 18.56
N SER A 3 1.67 -14.28 17.52
CA SER A 3 1.88 -13.80 16.16
C SER A 3 0.78 -14.29 15.23
N GLY A 4 0.72 -13.69 14.04
CA GLY A 4 -0.29 -14.08 13.07
C GLY A 4 -0.04 -13.48 11.71
N SER A 5 -1.10 -13.39 10.90
CA SER A 5 -0.98 -12.83 9.55
C SER A 5 -1.51 -11.40 9.51
N SER A 6 -0.67 -10.49 8.99
CA SER A 6 -1.05 -9.09 8.89
C SER A 6 -2.14 -8.89 7.83
N GLY A 7 -2.69 -7.68 7.79
CA GLY A 7 -3.73 -7.37 6.82
C GLY A 7 -3.17 -7.03 5.46
N VAL A 8 -2.77 -8.04 4.70
CA VAL A 8 -2.22 -7.84 3.37
C VAL A 8 -3.32 -7.75 2.32
N VAL A 9 -3.31 -6.67 1.54
CA VAL A 9 -4.30 -6.46 0.50
C VAL A 9 -3.73 -6.78 -0.88
N GLU A 10 -4.36 -7.73 -1.57
CA GLU A 10 -3.91 -8.13 -2.90
C GLU A 10 -4.81 -7.53 -3.98
N LEU A 11 -4.26 -6.61 -4.76
CA LEU A 11 -5.01 -5.95 -5.83
C LEU A 11 -4.48 -6.37 -7.19
N PRO A 12 -5.39 -6.43 -8.18
CA PRO A 12 -5.03 -6.81 -9.56
C PRO A 12 -4.20 -5.75 -10.25
N LYS A 13 -2.96 -6.08 -10.57
CA LYS A 13 -2.07 -5.15 -11.25
C LYS A 13 -2.54 -4.87 -12.67
N THR A 14 -3.11 -3.68 -12.87
CA THR A 14 -3.61 -3.28 -14.18
C THR A 14 -3.48 -1.78 -14.39
N ASP A 15 -2.67 -1.39 -15.36
CA ASP A 15 -2.46 0.02 -15.66
C ASP A 15 -3.76 0.81 -15.52
N GLU A 16 -4.87 0.15 -15.83
CA GLU A 16 -6.19 0.78 -15.73
C GLU A 16 -6.23 1.78 -14.58
N GLY A 17 -5.55 1.43 -13.49
CA GLY A 17 -5.53 2.30 -12.33
C GLY A 17 -6.02 1.61 -11.08
N LEU A 18 -5.30 1.80 -9.97
CA LEU A 18 -5.66 1.20 -8.70
C LEU A 18 -6.68 2.05 -7.95
N GLY A 19 -6.34 3.32 -7.75
CA GLY A 19 -7.24 4.22 -7.05
C GLY A 19 -6.72 4.62 -5.68
N PHE A 20 -5.39 4.73 -5.57
CA PHE A 20 -4.76 5.10 -4.30
C PHE A 20 -3.51 5.93 -4.55
N ASN A 21 -3.28 6.92 -3.69
CA ASN A 21 -2.11 7.78 -3.82
C ASN A 21 -1.31 7.80 -2.51
N ILE A 22 0.01 7.85 -2.64
CA ILE A 22 0.89 7.87 -1.48
C ILE A 22 1.93 8.98 -1.60
N MET A 23 2.40 9.47 -0.45
CA MET A 23 3.40 10.52 -0.42
C MET A 23 4.43 10.28 0.68
N GLY A 24 5.68 10.69 0.42
CA GLY A 24 6.74 10.50 1.40
C GLY A 24 7.64 9.33 1.04
N GLY A 25 8.81 9.29 1.69
CA GLY A 25 9.76 8.23 1.42
C GLY A 25 11.05 8.40 2.18
N LYS A 26 12.17 8.48 1.45
CA LYS A 26 13.48 8.64 2.08
C LYS A 26 13.83 10.12 2.21
N GLU A 27 13.99 10.79 1.08
CA GLU A 27 14.34 12.21 1.08
C GLU A 27 13.44 12.98 2.03
N GLN A 28 12.15 12.65 2.03
CA GLN A 28 11.19 13.32 2.90
C GLN A 28 11.38 12.90 4.34
N ASN A 29 11.96 11.73 4.55
CA ASN A 29 12.21 11.21 5.89
C ASN A 29 10.89 11.03 6.65
N SER A 30 9.86 10.58 5.94
CA SER A 30 8.55 10.37 6.55
C SER A 30 7.99 9.01 6.16
N PRO A 31 7.08 8.49 7.00
CA PRO A 31 6.45 7.18 6.76
C PRO A 31 5.49 7.20 5.59
N ILE A 32 5.60 6.21 4.71
CA ILE A 32 4.74 6.12 3.54
C ILE A 32 3.33 5.70 3.93
N TYR A 33 2.34 6.49 3.51
CA TYR A 33 0.95 6.21 3.82
C TYR A 33 0.04 6.63 2.67
N ILE A 34 -1.24 6.32 2.80
CA ILE A 34 -2.23 6.67 1.77
C ILE A 34 -2.68 8.11 1.93
N SER A 35 -2.16 9.00 1.09
CA SER A 35 -2.52 10.41 1.14
C SER A 35 -3.95 10.63 0.64
N ARG A 36 -4.27 10.02 -0.49
CA ARG A 36 -5.61 10.15 -1.07
C ARG A 36 -6.08 8.82 -1.65
N VAL A 37 -7.39 8.68 -1.82
CA VAL A 37 -7.96 7.46 -2.37
C VAL A 37 -9.06 7.76 -3.37
N ILE A 38 -9.04 7.07 -4.51
CA ILE A 38 -10.04 7.28 -5.55
C ILE A 38 -11.35 6.61 -5.19
N PRO A 39 -12.43 7.40 -5.11
CA PRO A 39 -13.76 6.90 -4.78
C PRO A 39 -14.36 6.04 -5.89
N GLY A 40 -13.58 5.83 -6.94
CA GLY A 40 -14.04 5.03 -8.07
C GLY A 40 -12.93 4.24 -8.71
N GLY A 41 -12.12 3.57 -7.90
CA GLY A 41 -11.02 2.78 -8.42
C GLY A 41 -11.04 1.36 -7.91
N VAL A 42 -10.00 0.60 -8.25
CA VAL A 42 -9.89 -0.79 -7.82
C VAL A 42 -9.81 -0.88 -6.30
N ALA A 43 -8.94 -0.06 -5.70
CA ALA A 43 -8.77 -0.05 -4.26
C ALA A 43 -10.10 0.12 -3.54
N ASP A 44 -10.73 1.29 -3.74
CA ASP A 44 -12.01 1.58 -3.11
C ASP A 44 -12.99 0.43 -3.32
N ARG A 45 -13.01 -0.10 -4.54
CA ARG A 45 -13.91 -1.21 -4.87
C ARG A 45 -13.62 -2.42 -3.99
N HIS A 46 -12.34 -2.72 -3.81
CA HIS A 46 -11.94 -3.85 -3.00
C HIS A 46 -12.45 -3.72 -1.57
N GLY A 47 -12.16 -2.59 -0.94
CA GLY A 47 -12.60 -2.35 0.42
C GLY A 47 -11.58 -2.79 1.45
N GLY A 48 -10.60 -1.92 1.70
CA GLY A 48 -9.57 -2.25 2.67
C GLY A 48 -8.55 -1.13 2.82
N LEU A 49 -8.14 -0.56 1.69
CA LEU A 49 -7.15 0.52 1.70
C LEU A 49 -7.85 1.88 1.79
N LYS A 50 -7.47 2.66 2.80
CA LYS A 50 -8.05 3.99 3.00
C LYS A 50 -6.97 5.00 3.35
N ARG A 51 -7.28 6.29 3.18
CA ARG A 51 -6.33 7.36 3.47
C ARG A 51 -5.85 7.26 4.91
N GLY A 52 -4.54 7.40 5.11
CA GLY A 52 -3.97 7.33 6.45
C GLY A 52 -3.15 6.07 6.65
N ASP A 53 -3.60 4.96 6.06
CA ASP A 53 -2.90 3.69 6.19
C ASP A 53 -1.42 3.84 5.83
N GLN A 54 -0.57 3.14 6.56
CA GLN A 54 0.87 3.20 6.31
C GLN A 54 1.35 1.97 5.56
N LEU A 55 2.12 2.18 4.50
CA LEU A 55 2.64 1.08 3.69
C LEU A 55 3.80 0.38 4.39
N LEU A 56 3.61 -0.89 4.73
CA LEU A 56 4.64 -1.66 5.41
C LEU A 56 5.57 -2.32 4.41
N SER A 57 5.00 -2.90 3.37
CA SER A 57 5.78 -3.57 2.33
C SER A 57 4.91 -3.89 1.11
N VAL A 58 5.56 -4.02 -0.04
CA VAL A 58 4.85 -4.32 -1.28
C VAL A 58 5.52 -5.47 -2.03
N ASN A 59 4.70 -6.35 -2.59
CA ASN A 59 5.21 -7.51 -3.33
C ASN A 59 6.19 -8.31 -2.49
N GLY A 60 5.94 -8.35 -1.18
CA GLY A 60 6.80 -9.09 -0.28
C GLY A 60 8.16 -8.45 -0.13
N VAL A 61 8.20 -7.12 -0.23
CA VAL A 61 9.45 -6.38 -0.10
C VAL A 61 9.31 -5.23 0.89
N SER A 62 10.21 -5.18 1.86
CA SER A 62 10.19 -4.13 2.87
C SER A 62 10.36 -2.75 2.24
N VAL A 63 9.41 -1.86 2.51
CA VAL A 63 9.45 -0.51 1.97
C VAL A 63 9.69 0.52 3.07
N GLU A 64 9.22 0.21 4.27
CA GLU A 64 9.37 1.11 5.41
C GLU A 64 10.76 1.77 5.39
N GLY A 65 11.78 0.98 5.08
CA GLY A 65 13.13 1.50 5.04
C GLY A 65 13.66 1.61 3.62
N GLU A 66 12.82 2.08 2.71
CA GLU A 66 13.21 2.22 1.31
C GLU A 66 12.89 3.63 0.80
N GLN A 67 13.36 3.93 -0.41
CA GLN A 67 13.13 5.24 -1.01
C GLN A 67 11.82 5.25 -1.79
N HIS A 68 11.08 6.35 -1.69
CA HIS A 68 9.80 6.49 -2.38
C HIS A 68 9.86 5.82 -3.76
N GLU A 69 10.82 6.24 -4.58
CA GLU A 69 10.99 5.68 -5.91
C GLU A 69 10.76 4.17 -5.91
N LYS A 70 11.45 3.48 -5.01
CA LYS A 70 11.31 2.03 -4.89
C LYS A 70 9.86 1.62 -4.84
N ALA A 71 9.14 2.08 -3.82
CA ALA A 71 7.73 1.76 -3.66
C ALA A 71 7.01 1.75 -5.00
N VAL A 72 7.03 2.90 -5.68
CA VAL A 72 6.38 3.03 -6.98
C VAL A 72 6.87 1.96 -7.95
N GLU A 73 8.18 1.67 -7.91
CA GLU A 73 8.77 0.68 -8.78
C GLU A 73 8.18 -0.70 -8.52
N LEU A 74 8.05 -1.04 -7.24
CA LEU A 74 7.49 -2.33 -6.84
C LEU A 74 6.14 -2.58 -7.51
N LEU A 75 5.21 -1.65 -7.30
CA LEU A 75 3.88 -1.76 -7.89
C LEU A 75 3.96 -2.16 -9.35
N LYS A 76 4.86 -1.54 -10.09
CA LYS A 76 5.05 -1.85 -11.50
C LYS A 76 5.69 -3.22 -11.69
N ALA A 77 6.73 -3.49 -10.90
CA ALA A 77 7.42 -4.77 -10.97
C ALA A 77 6.45 -5.92 -11.12
N ALA A 78 5.35 -5.86 -10.36
CA ALA A 78 4.33 -6.91 -10.40
C ALA A 78 3.78 -7.09 -11.82
N GLN A 79 3.57 -8.33 -12.22
CA GLN A 79 3.05 -8.62 -13.55
C GLN A 79 1.62 -9.15 -13.46
N GLY A 80 1.32 -9.91 -12.41
CA GLY A 80 -0.01 -10.45 -12.24
C GLY A 80 -0.80 -9.74 -11.16
N SER A 81 -0.23 -9.67 -9.96
CA SER A 81 -0.89 -9.01 -8.83
C SER A 81 0.14 -8.42 -7.88
N VAL A 82 -0.30 -7.50 -7.04
CA VAL A 82 0.58 -6.85 -6.07
C VAL A 82 0.10 -7.10 -4.65
N LYS A 83 1.03 -7.42 -3.76
CA LYS A 83 0.71 -7.67 -2.36
C LYS A 83 1.11 -6.49 -1.48
N LEU A 84 0.12 -5.69 -1.09
CA LEU A 84 0.37 -4.53 -0.25
C LEU A 84 0.04 -4.83 1.21
N VAL A 85 1.08 -4.92 2.03
CA VAL A 85 0.90 -5.21 3.45
C VAL A 85 0.72 -3.92 4.26
N VAL A 86 -0.47 -3.76 4.83
CA VAL A 86 -0.78 -2.58 5.62
C VAL A 86 -0.95 -2.94 7.10
N ARG A 87 -0.97 -1.92 7.95
CA ARG A 87 -1.13 -2.12 9.38
C ARG A 87 -2.58 -1.89 9.80
N SER A 88 -3.17 -2.90 10.45
CA SER A 88 -4.55 -2.82 10.90
C SER A 88 -4.66 -3.19 12.38
N GLY A 89 -5.70 -2.68 13.03
CA GLY A 89 -5.90 -2.98 14.43
C GLY A 89 -5.52 -1.82 15.33
N PRO A 90 -4.37 -1.95 16.03
CA PRO A 90 -3.88 -0.92 16.93
C PRO A 90 -3.39 0.31 16.18
N SER A 91 -4.10 1.43 16.36
CA SER A 91 -3.75 2.68 15.70
C SER A 91 -3.36 3.75 16.72
N SER A 92 -2.70 4.80 16.26
CA SER A 92 -2.26 5.88 17.13
C SER A 92 -3.47 6.55 17.79
N GLY A 93 -3.27 7.05 19.00
CA GLY A 93 -4.34 7.70 19.72
C GLY A 93 -3.84 8.41 20.98
N GLY A 1 0.86 -9.94 14.78
CA GLY A 1 -0.26 -10.74 14.32
C GLY A 1 -0.08 -12.22 14.61
N SER A 2 -0.66 -12.69 15.71
CA SER A 2 -0.56 -14.08 16.10
C SER A 2 -1.63 -14.93 15.42
N SER A 3 -1.29 -16.16 15.08
CA SER A 3 -2.22 -17.06 14.42
C SER A 3 -2.82 -16.41 13.18
N GLY A 4 -1.97 -15.73 12.41
CA GLY A 4 -2.44 -15.07 11.21
C GLY A 4 -1.48 -13.99 10.74
N SER A 5 -1.64 -13.57 9.48
CA SER A 5 -0.79 -12.54 8.91
C SER A 5 -1.42 -11.16 9.05
N SER A 6 -0.67 -10.13 8.67
CA SER A 6 -1.16 -8.75 8.76
C SER A 6 -2.24 -8.49 7.71
N GLY A 7 -2.86 -7.32 7.80
CA GLY A 7 -3.91 -6.97 6.85
C GLY A 7 -3.35 -6.58 5.50
N VAL A 8 -2.89 -7.58 4.74
CA VAL A 8 -2.33 -7.33 3.42
C VAL A 8 -3.43 -7.30 2.36
N VAL A 9 -3.33 -6.31 1.46
CA VAL A 9 -4.32 -6.16 0.40
C VAL A 9 -3.68 -6.36 -0.97
N GLU A 10 -4.09 -7.43 -1.66
CA GLU A 10 -3.56 -7.74 -2.98
C GLU A 10 -4.51 -7.25 -4.07
N LEU A 11 -4.11 -6.19 -4.77
CA LEU A 11 -4.92 -5.64 -5.85
C LEU A 11 -4.43 -6.13 -7.20
N PRO A 12 -5.37 -6.20 -8.17
CA PRO A 12 -5.05 -6.65 -9.53
C PRO A 12 -4.20 -5.64 -10.30
N LYS A 13 -3.22 -6.15 -11.04
CA LYS A 13 -2.34 -5.30 -11.83
C LYS A 13 -2.71 -5.34 -13.30
N THR A 14 -3.29 -4.24 -13.79
CA THR A 14 -3.70 -4.15 -15.18
C THR A 14 -3.99 -2.70 -15.58
N ASP A 15 -4.06 -2.45 -16.88
CA ASP A 15 -4.33 -1.11 -17.39
C ASP A 15 -5.41 -0.42 -16.55
N GLU A 16 -6.42 -1.19 -16.14
CA GLU A 16 -7.51 -0.66 -15.33
C GLU A 16 -6.98 0.35 -14.31
N GLY A 17 -5.97 -0.07 -13.55
CA GLY A 17 -5.40 0.80 -12.54
C GLY A 17 -5.82 0.42 -11.13
N LEU A 18 -5.21 1.06 -10.14
CA LEU A 18 -5.54 0.78 -8.74
C LEU A 18 -6.53 1.80 -8.20
N GLY A 19 -6.11 3.07 -8.19
CA GLY A 19 -6.97 4.12 -7.70
C GLY A 19 -6.57 4.60 -6.31
N PHE A 20 -5.28 4.83 -6.12
CA PHE A 20 -4.77 5.29 -4.83
C PHE A 20 -3.57 6.22 -5.02
N ASN A 21 -3.33 7.06 -4.02
CA ASN A 21 -2.22 8.01 -4.08
C ASN A 21 -1.42 7.98 -2.78
N ILE A 22 -0.14 7.61 -2.89
CA ILE A 22 0.73 7.54 -1.73
C ILE A 22 1.73 8.69 -1.73
N MET A 23 2.04 9.19 -0.53
CA MET A 23 2.99 10.30 -0.39
C MET A 23 3.85 10.10 0.84
N GLY A 24 5.17 10.19 0.65
CA GLY A 24 6.09 10.02 1.76
C GLY A 24 7.17 8.99 1.47
N GLY A 25 8.38 9.27 1.93
CA GLY A 25 9.49 8.35 1.70
C GLY A 25 10.71 8.69 2.53
N LYS A 26 11.87 8.74 1.87
CA LYS A 26 13.11 9.06 2.56
C LYS A 26 13.24 10.56 2.79
N GLU A 27 13.32 11.31 1.70
CA GLU A 27 13.45 12.77 1.79
C GLU A 27 12.34 13.35 2.65
N GLN A 28 11.12 12.88 2.45
CA GLN A 28 9.97 13.35 3.21
C GLN A 28 10.19 13.16 4.70
N ASN A 29 11.03 12.20 5.06
CA ASN A 29 11.32 11.91 6.46
C ASN A 29 10.06 11.51 7.20
N SER A 30 9.29 10.60 6.62
CA SER A 30 8.05 10.13 7.23
C SER A 30 7.64 8.77 6.66
N PRO A 31 6.78 8.06 7.41
CA PRO A 31 6.29 6.74 6.99
C PRO A 31 5.36 6.81 5.79
N ILE A 32 5.47 5.82 4.90
CA ILE A 32 4.63 5.78 3.71
C ILE A 32 3.20 5.39 4.06
N TYR A 33 2.25 6.15 3.53
CA TYR A 33 0.83 5.88 3.79
C TYR A 33 -0.04 6.35 2.62
N ILE A 34 -1.33 6.07 2.70
CA ILE A 34 -2.26 6.47 1.65
C ILE A 34 -2.80 7.87 1.89
N SER A 35 -2.43 8.80 1.00
CA SER A 35 -2.87 10.18 1.11
C SER A 35 -4.29 10.34 0.61
N ARG A 36 -4.55 9.86 -0.60
CA ARG A 36 -5.88 9.96 -1.20
C ARG A 36 -6.24 8.67 -1.93
N VAL A 37 -7.52 8.33 -1.92
CA VAL A 37 -7.99 7.12 -2.59
C VAL A 37 -9.22 7.40 -3.45
N ILE A 38 -9.27 6.79 -4.63
CA ILE A 38 -10.39 6.98 -5.55
C ILE A 38 -11.68 6.43 -4.95
N PRO A 39 -12.68 7.31 -4.81
CA PRO A 39 -13.99 6.93 -4.26
C PRO A 39 -14.77 6.03 -5.20
N GLY A 40 -14.14 5.63 -6.30
CA GLY A 40 -14.80 4.77 -7.28
C GLY A 40 -13.82 3.96 -8.09
N GLY A 41 -12.74 3.51 -7.46
CA GLY A 41 -11.74 2.73 -8.14
C GLY A 41 -11.59 1.34 -7.58
N VAL A 42 -10.48 0.67 -7.92
CA VAL A 42 -10.22 -0.68 -7.43
C VAL A 42 -9.84 -0.68 -5.96
N ALA A 43 -8.94 0.22 -5.59
CA ALA A 43 -8.49 0.34 -4.21
C ALA A 43 -9.66 0.43 -3.26
N ASP A 44 -10.53 1.42 -3.48
CA ASP A 44 -11.69 1.63 -2.64
C ASP A 44 -12.59 0.39 -2.64
N ARG A 45 -13.08 0.02 -3.82
CA ARG A 45 -13.94 -1.15 -3.96
C ARG A 45 -13.49 -2.28 -3.03
N HIS A 46 -12.21 -2.63 -3.13
CA HIS A 46 -11.65 -3.69 -2.31
C HIS A 46 -12.03 -3.51 -0.84
N GLY A 47 -11.84 -2.29 -0.33
CA GLY A 47 -12.18 -2.01 1.05
C GLY A 47 -11.00 -2.20 1.98
N GLY A 48 -10.14 -3.16 1.66
CA GLY A 48 -8.96 -3.41 2.48
C GLY A 48 -8.09 -2.19 2.65
N LEU A 49 -7.80 -1.52 1.54
CA LEU A 49 -6.96 -0.32 1.57
C LEU A 49 -7.81 0.93 1.73
N LYS A 50 -7.41 1.79 2.68
CA LYS A 50 -8.14 3.03 2.94
C LYS A 50 -7.17 4.20 3.12
N ARG A 51 -7.71 5.39 3.27
CA ARG A 51 -6.90 6.58 3.45
C ARG A 51 -6.31 6.64 4.85
N GLY A 52 -4.98 6.53 4.93
CA GLY A 52 -4.32 6.57 6.23
C GLY A 52 -3.43 5.35 6.45
N ASP A 53 -3.81 4.23 5.86
CA ASP A 53 -3.05 3.00 6.00
C ASP A 53 -1.58 3.22 5.63
N GLN A 54 -0.69 2.82 6.54
CA GLN A 54 0.74 2.98 6.30
C GLN A 54 1.31 1.81 5.52
N LEU A 55 1.91 2.09 4.37
CA LEU A 55 2.48 1.06 3.51
C LEU A 55 3.64 0.35 4.22
N LEU A 56 3.41 -0.90 4.61
CA LEU A 56 4.43 -1.69 5.30
C LEU A 56 5.42 -2.28 4.30
N SER A 57 4.91 -3.11 3.40
CA SER A 57 5.75 -3.76 2.38
C SER A 57 4.97 -4.00 1.10
N VAL A 58 5.66 -3.95 -0.03
CA VAL A 58 5.04 -4.16 -1.33
C VAL A 58 5.71 -5.29 -2.09
N ASN A 59 4.91 -6.14 -2.73
CA ASN A 59 5.43 -7.26 -3.49
C ASN A 59 6.40 -8.09 -2.65
N GLY A 60 6.10 -8.20 -1.36
CA GLY A 60 6.95 -8.97 -0.47
C GLY A 60 8.28 -8.31 -0.22
N VAL A 61 8.28 -6.98 -0.19
CA VAL A 61 9.51 -6.22 0.03
C VAL A 61 9.33 -5.20 1.15
N SER A 62 10.14 -5.32 2.20
CA SER A 62 10.06 -4.41 3.34
C SER A 62 10.39 -2.99 2.91
N VAL A 63 9.36 -2.15 2.78
CA VAL A 63 9.54 -0.76 2.39
C VAL A 63 9.22 0.18 3.54
N GLU A 64 9.12 -0.36 4.74
CA GLU A 64 8.82 0.43 5.92
C GLU A 64 9.77 1.62 6.04
N GLY A 65 11.04 1.38 5.75
CA GLY A 65 12.04 2.43 5.83
C GLY A 65 12.82 2.58 4.54
N GLU A 66 12.13 2.58 3.42
CA GLU A 66 12.77 2.71 2.12
C GLU A 66 12.35 4.01 1.42
N GLN A 67 12.92 4.27 0.26
CA GLN A 67 12.60 5.48 -0.49
C GLN A 67 11.27 5.32 -1.25
N HIS A 68 10.50 6.40 -1.29
CA HIS A 68 9.21 6.38 -1.98
C HIS A 68 9.31 5.67 -3.32
N GLU A 69 10.26 6.11 -4.15
CA GLU A 69 10.46 5.52 -5.46
C GLU A 69 10.45 4.00 -5.38
N LYS A 70 11.20 3.46 -4.42
CA LYS A 70 11.28 2.02 -4.24
C LYS A 70 9.92 1.37 -4.42
N ALA A 71 8.96 1.77 -3.58
CA ALA A 71 7.61 1.23 -3.64
C ALA A 71 7.08 1.26 -5.07
N VAL A 72 6.93 2.46 -5.63
CA VAL A 72 6.43 2.61 -6.98
C VAL A 72 7.06 1.59 -7.92
N GLU A 73 8.38 1.55 -7.96
CA GLU A 73 9.10 0.61 -8.82
C GLU A 73 8.52 -0.80 -8.67
N LEU A 74 8.49 -1.30 -7.44
CA LEU A 74 7.98 -2.64 -7.17
C LEU A 74 6.61 -2.84 -7.83
N LEU A 75 5.66 -1.99 -7.48
CA LEU A 75 4.32 -2.07 -8.05
C LEU A 75 4.37 -2.47 -9.52
N LYS A 76 5.14 -1.73 -10.30
CA LYS A 76 5.28 -2.02 -11.73
C LYS A 76 5.93 -3.38 -11.94
N ALA A 77 6.99 -3.65 -11.21
CA ALA A 77 7.71 -4.93 -11.31
C ALA A 77 6.74 -6.10 -11.25
N ALA A 78 5.70 -5.96 -10.43
CA ALA A 78 4.70 -7.01 -10.28
C ALA A 78 4.08 -7.38 -11.63
N GLN A 79 3.30 -8.45 -11.64
CA GLN A 79 2.65 -8.91 -12.87
C GLN A 79 1.31 -9.57 -12.56
N GLY A 80 0.26 -9.06 -13.18
CA GLY A 80 -1.07 -9.62 -12.96
C GLY A 80 -1.71 -9.09 -11.69
N SER A 81 -0.91 -8.96 -10.64
CA SER A 81 -1.41 -8.46 -9.37
C SER A 81 -0.26 -8.03 -8.46
N VAL A 82 -0.54 -7.09 -7.57
CA VAL A 82 0.47 -6.59 -6.65
C VAL A 82 0.05 -6.81 -5.20
N LYS A 83 1.04 -7.01 -4.33
CA LYS A 83 0.78 -7.24 -2.91
C LYS A 83 1.14 -6.00 -2.09
N LEU A 84 0.14 -5.42 -1.43
CA LEU A 84 0.34 -4.24 -0.60
C LEU A 84 0.04 -4.53 0.86
N VAL A 85 1.08 -4.61 1.67
CA VAL A 85 0.93 -4.88 3.09
C VAL A 85 0.81 -3.59 3.90
N VAL A 86 -0.11 -3.58 4.85
CA VAL A 86 -0.33 -2.40 5.69
C VAL A 86 -0.57 -2.79 7.14
N ARG A 87 -0.61 -1.80 8.01
CA ARG A 87 -0.84 -2.04 9.43
C ARG A 87 -2.22 -1.54 9.86
N SER A 88 -3.03 -2.44 10.41
CA SER A 88 -4.37 -2.09 10.85
C SER A 88 -4.34 -1.45 12.24
N GLY A 89 -5.38 -0.69 12.55
CA GLY A 89 -5.45 -0.03 13.85
C GLY A 89 -5.95 1.40 13.74
N PRO A 90 -6.47 1.92 14.86
CA PRO A 90 -7.00 3.29 14.92
C PRO A 90 -5.89 4.34 14.82
N SER A 91 -4.66 3.91 15.09
CA SER A 91 -3.52 4.82 15.04
C SER A 91 -3.66 5.81 13.90
N SER A 92 -3.81 5.30 12.69
CA SER A 92 -3.95 6.13 11.51
C SER A 92 -2.69 6.97 11.28
N GLY A 93 -1.53 6.35 11.46
CA GLY A 93 -0.27 7.04 11.27
C GLY A 93 -0.09 8.18 12.26
N GLY A 1 -5.97 -17.38 11.86
CA GLY A 1 -6.46 -17.63 13.20
C GLY A 1 -5.50 -17.15 14.27
N SER A 2 -5.07 -18.06 15.13
CA SER A 2 -4.14 -17.72 16.21
C SER A 2 -2.96 -16.92 15.68
N SER A 3 -2.36 -17.41 14.60
CA SER A 3 -1.22 -16.73 14.00
C SER A 3 -1.49 -15.24 13.83
N GLY A 4 -2.60 -14.92 13.16
CA GLY A 4 -2.94 -13.53 12.94
C GLY A 4 -1.90 -12.78 12.15
N SER A 5 -2.34 -12.02 11.16
CA SER A 5 -1.44 -11.25 10.31
C SER A 5 -1.94 -9.82 10.11
N SER A 6 -1.12 -8.99 9.48
CA SER A 6 -1.49 -7.60 9.23
C SER A 6 -2.48 -7.50 8.08
N GLY A 7 -3.18 -6.37 8.00
CA GLY A 7 -4.15 -6.17 6.94
C GLY A 7 -3.52 -6.22 5.56
N VAL A 8 -3.48 -7.41 4.98
CA VAL A 8 -2.90 -7.60 3.66
C VAL A 8 -3.92 -7.30 2.56
N VAL A 9 -3.55 -6.40 1.66
CA VAL A 9 -4.43 -6.02 0.56
C VAL A 9 -3.87 -6.48 -0.79
N GLU A 10 -4.61 -7.35 -1.47
CA GLU A 10 -4.19 -7.87 -2.75
C GLU A 10 -5.06 -7.32 -3.87
N LEU A 11 -4.44 -6.57 -4.79
CA LEU A 11 -5.17 -5.99 -5.92
C LEU A 11 -4.62 -6.52 -7.25
N PRO A 12 -5.54 -6.71 -8.22
CA PRO A 12 -5.18 -7.21 -9.54
C PRO A 12 -4.39 -6.19 -10.35
N LYS A 13 -3.21 -6.59 -10.81
CA LYS A 13 -2.35 -5.71 -11.59
C LYS A 13 -2.93 -5.48 -12.98
N THR A 14 -3.51 -4.29 -13.19
CA THR A 14 -4.11 -3.95 -14.47
C THR A 14 -3.84 -2.50 -14.83
N ASP A 15 -3.45 -2.26 -16.08
CA ASP A 15 -3.17 -0.90 -16.54
C ASP A 15 -4.16 0.09 -15.95
N GLU A 16 -5.43 -0.29 -15.92
CA GLU A 16 -6.47 0.57 -15.38
C GLU A 16 -5.96 1.36 -14.18
N GLY A 17 -5.26 0.67 -13.28
CA GLY A 17 -4.73 1.32 -12.10
C GLY A 17 -5.24 0.69 -10.82
N LEU A 18 -4.93 1.33 -9.69
CA LEU A 18 -5.37 0.83 -8.39
C LEU A 18 -6.38 1.77 -7.75
N GLY A 19 -6.17 3.07 -7.93
CA GLY A 19 -7.08 4.05 -7.38
C GLY A 19 -6.64 4.53 -6.00
N PHE A 20 -5.34 4.71 -5.82
CA PHE A 20 -4.81 5.16 -4.55
C PHE A 20 -3.58 6.06 -4.76
N ASN A 21 -3.42 7.03 -3.88
CA ASN A 21 -2.29 7.96 -3.97
C ASN A 21 -1.48 7.96 -2.67
N ILE A 22 -0.16 7.98 -2.81
CA ILE A 22 0.72 7.97 -1.65
C ILE A 22 1.67 9.17 -1.68
N MET A 23 2.20 9.53 -0.51
CA MET A 23 3.12 10.65 -0.40
C MET A 23 4.04 10.49 0.80
N GLY A 24 5.27 10.98 0.67
CA GLY A 24 6.23 10.87 1.75
C GLY A 24 7.11 9.65 1.64
N GLY A 25 8.28 9.70 2.26
CA GLY A 25 9.19 8.58 2.21
C GLY A 25 10.54 8.89 2.81
N LYS A 26 11.38 9.62 2.08
CA LYS A 26 12.70 10.00 2.55
C LYS A 26 12.70 11.43 3.07
N GLU A 27 11.89 12.28 2.45
CA GLU A 27 11.80 13.67 2.86
C GLU A 27 11.55 13.79 4.36
N GLN A 28 12.54 14.27 5.08
CA GLN A 28 12.42 14.43 6.53
C GLN A 28 12.00 13.12 7.19
N ASN A 29 12.50 12.01 6.67
CA ASN A 29 12.18 10.69 7.20
C ASN A 29 10.67 10.51 7.31
N SER A 30 9.96 10.93 6.27
CA SER A 30 8.50 10.81 6.24
C SER A 30 8.07 9.38 5.90
N PRO A 31 7.19 8.82 6.74
CA PRO A 31 6.68 7.46 6.55
C PRO A 31 5.77 7.34 5.33
N ILE A 32 5.85 6.20 4.64
CA ILE A 32 5.03 5.97 3.47
C ILE A 32 3.60 5.59 3.86
N TYR A 33 2.63 6.31 3.32
CA TYR A 33 1.23 6.05 3.61
C TYR A 33 0.33 6.57 2.49
N ILE A 34 -0.94 6.17 2.52
CA ILE A 34 -1.90 6.60 1.51
C ILE A 34 -2.38 8.03 1.77
N SER A 35 -2.03 8.93 0.86
CA SER A 35 -2.42 10.34 0.99
C SER A 35 -3.90 10.53 0.65
N ARG A 36 -4.32 9.94 -0.47
CA ARG A 36 -5.70 10.05 -0.92
C ARG A 36 -6.11 8.80 -1.70
N VAL A 37 -7.36 8.39 -1.53
CA VAL A 37 -7.88 7.21 -2.22
C VAL A 37 -8.96 7.60 -3.22
N ILE A 38 -8.95 6.95 -4.38
CA ILE A 38 -9.93 7.22 -5.42
C ILE A 38 -11.30 6.69 -5.04
N PRO A 39 -12.31 7.58 -5.03
CA PRO A 39 -13.68 7.21 -4.68
C PRO A 39 -14.34 6.35 -5.76
N GLY A 40 -13.58 6.00 -6.79
CA GLY A 40 -14.09 5.19 -7.86
C GLY A 40 -13.01 4.41 -8.59
N GLY A 41 -12.16 3.73 -7.81
CA GLY A 41 -11.08 2.96 -8.40
C GLY A 41 -11.18 1.48 -8.09
N VAL A 42 -10.04 0.81 -8.03
CA VAL A 42 -10.00 -0.62 -7.72
C VAL A 42 -9.88 -0.86 -6.22
N ALA A 43 -9.10 -0.01 -5.55
CA ALA A 43 -8.91 -0.14 -4.12
C ALA A 43 -10.19 0.13 -3.36
N ASP A 44 -10.90 1.18 -3.76
CA ASP A 44 -12.16 1.56 -3.12
C ASP A 44 -13.15 0.39 -3.16
N ARG A 45 -13.24 -0.25 -4.31
CA ARG A 45 -14.15 -1.38 -4.48
C ARG A 45 -13.73 -2.55 -3.60
N HIS A 46 -12.46 -2.93 -3.68
CA HIS A 46 -11.94 -4.03 -2.90
C HIS A 46 -12.30 -3.88 -1.42
N GLY A 47 -12.14 -2.67 -0.90
CA GLY A 47 -12.46 -2.41 0.49
C GLY A 47 -11.36 -2.85 1.43
N GLY A 48 -10.18 -2.24 1.27
CA GLY A 48 -9.05 -2.59 2.12
C GLY A 48 -8.07 -1.44 2.28
N LEU A 49 -7.81 -0.74 1.19
CA LEU A 49 -6.88 0.39 1.21
C LEU A 49 -7.61 1.69 1.51
N LYS A 50 -7.05 2.48 2.42
CA LYS A 50 -7.65 3.76 2.80
C LYS A 50 -6.57 4.77 3.20
N ARG A 51 -6.91 6.05 3.11
CA ARG A 51 -5.97 7.11 3.47
C ARG A 51 -5.49 6.95 4.91
N GLY A 52 -4.17 6.98 5.10
CA GLY A 52 -3.61 6.83 6.43
C GLY A 52 -2.75 5.59 6.56
N ASP A 53 -3.19 4.51 5.92
CA ASP A 53 -2.44 3.25 5.98
C ASP A 53 -0.98 3.45 5.58
N GLN A 54 -0.07 3.06 6.47
CA GLN A 54 1.35 3.21 6.21
C GLN A 54 1.90 2.00 5.47
N LEU A 55 2.45 2.24 4.28
CA LEU A 55 3.02 1.16 3.46
C LEU A 55 4.16 0.47 4.19
N LEU A 56 3.92 -0.76 4.61
CA LEU A 56 4.94 -1.54 5.32
C LEU A 56 5.86 -2.26 4.34
N SER A 57 5.28 -3.13 3.53
CA SER A 57 6.05 -3.89 2.54
C SER A 57 5.17 -4.25 1.34
N VAL A 58 5.79 -4.23 0.16
CA VAL A 58 5.07 -4.56 -1.07
C VAL A 58 5.73 -5.73 -1.79
N ASN A 59 4.90 -6.62 -2.32
CA ASN A 59 5.40 -7.80 -3.04
C ASN A 59 6.41 -8.56 -2.19
N GLY A 60 6.18 -8.59 -0.88
CA GLY A 60 7.09 -9.28 0.01
C GLY A 60 8.44 -8.59 0.13
N VAL A 61 8.43 -7.27 0.02
CA VAL A 61 9.66 -6.49 0.11
C VAL A 61 9.50 -5.34 1.10
N SER A 62 10.38 -5.30 2.10
CA SER A 62 10.34 -4.26 3.12
C SER A 62 10.63 -2.89 2.51
N VAL A 63 9.60 -2.07 2.41
CA VAL A 63 9.74 -0.73 1.84
C VAL A 63 9.99 0.30 2.94
N GLU A 64 9.66 -0.06 4.17
CA GLU A 64 9.84 0.85 5.30
C GLU A 64 11.27 1.36 5.36
N GLY A 65 12.23 0.48 5.06
CA GLY A 65 13.63 0.86 5.09
C GLY A 65 14.16 1.21 3.71
N GLU A 66 13.37 1.95 2.93
CA GLU A 66 13.77 2.35 1.60
C GLU A 66 13.09 3.65 1.19
N GLN A 67 13.45 4.16 0.01
CA GLN A 67 12.88 5.40 -0.49
C GLN A 67 11.50 5.16 -1.09
N HIS A 68 10.64 6.17 -1.01
CA HIS A 68 9.29 6.08 -1.55
C HIS A 68 9.30 5.50 -2.97
N GLU A 69 10.12 6.10 -3.83
CA GLU A 69 10.22 5.64 -5.21
C GLU A 69 10.13 4.12 -5.29
N LYS A 70 10.95 3.43 -4.51
CA LYS A 70 10.95 1.98 -4.49
C LYS A 70 9.54 1.43 -4.59
N ALA A 71 8.69 1.79 -3.64
CA ALA A 71 7.30 1.34 -3.63
C ALA A 71 6.70 1.38 -5.02
N VAL A 72 6.87 2.51 -5.70
CA VAL A 72 6.34 2.67 -7.06
C VAL A 72 7.02 1.71 -8.03
N GLU A 73 8.34 1.63 -7.93
CA GLU A 73 9.12 0.76 -8.80
C GLU A 73 8.64 -0.69 -8.70
N LEU A 74 8.47 -1.16 -7.47
CA LEU A 74 8.01 -2.53 -7.23
C LEU A 74 6.68 -2.78 -7.93
N LEU A 75 5.69 -1.96 -7.62
CA LEU A 75 4.37 -2.09 -8.21
C LEU A 75 4.47 -2.31 -9.72
N LYS A 76 5.13 -1.38 -10.41
CA LYS A 76 5.30 -1.48 -11.85
C LYS A 76 6.08 -2.74 -12.22
N ALA A 77 7.08 -3.06 -11.42
CA ALA A 77 7.91 -4.24 -11.67
C ALA A 77 7.07 -5.51 -11.58
N ALA A 78 6.12 -5.54 -10.66
CA ALA A 78 5.26 -6.69 -10.49
C ALA A 78 4.40 -6.94 -11.72
N GLN A 79 3.71 -8.07 -11.75
CA GLN A 79 2.85 -8.42 -12.88
C GLN A 79 1.78 -9.42 -12.45
N GLY A 80 0.61 -9.34 -13.10
CA GLY A 80 -0.47 -10.24 -12.78
C GLY A 80 -1.22 -9.83 -11.52
N SER A 81 -0.48 -9.59 -10.45
CA SER A 81 -1.07 -9.20 -9.18
C SER A 81 0.00 -8.66 -8.22
N VAL A 82 -0.42 -7.79 -7.31
CA VAL A 82 0.49 -7.21 -6.33
C VAL A 82 -0.08 -7.28 -4.92
N LYS A 83 0.77 -7.64 -3.96
CA LYS A 83 0.35 -7.75 -2.57
C LYS A 83 0.88 -6.58 -1.75
N LEU A 84 -0.01 -5.67 -1.38
CA LEU A 84 0.37 -4.50 -0.59
C LEU A 84 0.09 -4.74 0.89
N VAL A 85 1.09 -4.44 1.73
CA VAL A 85 0.96 -4.62 3.17
C VAL A 85 0.84 -3.28 3.88
N VAL A 86 0.05 -3.24 4.94
CA VAL A 86 -0.15 -2.01 5.71
C VAL A 86 -0.52 -2.33 7.16
N ARG A 87 -0.28 -1.36 8.04
CA ARG A 87 -0.60 -1.54 9.46
C ARG A 87 -1.93 -0.88 9.81
N SER A 88 -2.87 -1.69 10.29
CA SER A 88 -4.18 -1.18 10.65
C SER A 88 -4.30 -1.01 12.16
N GLY A 89 -4.81 0.14 12.59
CA GLY A 89 -4.96 0.40 14.00
C GLY A 89 -5.90 1.56 14.28
N PRO A 90 -6.59 1.51 15.44
CA PRO A 90 -7.53 2.56 15.84
C PRO A 90 -6.84 3.87 16.20
N SER A 91 -6.56 4.68 15.18
CA SER A 91 -5.90 5.96 15.40
C SER A 91 -6.90 7.05 15.77
N SER A 92 -7.96 7.16 14.96
CA SER A 92 -9.00 8.16 15.20
C SER A 92 -9.69 7.91 16.53
N GLY A 93 -10.43 8.92 17.00
CA GLY A 93 -11.15 8.78 18.25
C GLY A 93 -10.24 8.97 19.45
N GLY A 1 -5.71 -19.55 1.20
CA GLY A 1 -5.57 -18.25 1.83
C GLY A 1 -6.62 -18.01 2.90
N SER A 2 -7.50 -17.05 2.66
CA SER A 2 -8.56 -16.71 3.61
C SER A 2 -7.96 -16.26 4.94
N SER A 3 -6.93 -15.42 4.87
CA SER A 3 -6.27 -14.92 6.07
C SER A 3 -6.37 -13.40 6.14
N GLY A 4 -6.28 -12.87 7.36
CA GLY A 4 -6.37 -11.43 7.54
C GLY A 4 -5.38 -10.91 8.57
N SER A 5 -4.09 -10.97 8.23
CA SER A 5 -3.05 -10.51 9.13
C SER A 5 -2.09 -9.55 8.42
N SER A 6 -1.47 -8.67 9.19
CA SER A 6 -0.55 -7.69 8.63
C SER A 6 -1.19 -6.90 7.50
N GLY A 7 -2.48 -6.59 7.67
CA GLY A 7 -3.19 -5.84 6.65
C GLY A 7 -2.73 -6.17 5.25
N VAL A 8 -2.98 -7.39 4.81
CA VAL A 8 -2.58 -7.83 3.48
C VAL A 8 -3.67 -7.55 2.46
N VAL A 9 -3.39 -6.66 1.52
CA VAL A 9 -4.36 -6.31 0.48
C VAL A 9 -3.81 -6.62 -0.91
N GLU A 10 -4.28 -7.71 -1.50
CA GLU A 10 -3.83 -8.11 -2.83
C GLU A 10 -4.80 -7.61 -3.90
N LEU A 11 -4.28 -6.78 -4.82
CA LEU A 11 -5.09 -6.22 -5.89
C LEU A 11 -4.64 -6.77 -7.24
N PRO A 12 -5.62 -6.99 -8.14
CA PRO A 12 -5.35 -7.51 -9.48
C PRO A 12 -4.63 -6.51 -10.37
N LYS A 13 -3.40 -6.83 -10.76
CA LYS A 13 -2.61 -5.95 -11.60
C LYS A 13 -3.29 -5.73 -12.95
N THR A 14 -3.91 -4.58 -13.12
CA THR A 14 -4.60 -4.25 -14.36
C THR A 14 -4.33 -2.81 -14.78
N ASP A 15 -4.04 -2.61 -16.07
CA ASP A 15 -3.77 -1.27 -16.58
C ASP A 15 -4.75 -0.25 -16.02
N GLU A 16 -6.01 -0.66 -15.90
CA GLU A 16 -7.04 0.21 -15.37
C GLU A 16 -6.52 1.05 -14.21
N GLY A 17 -5.69 0.43 -13.37
CA GLY A 17 -5.13 1.13 -12.23
C GLY A 17 -5.68 0.64 -10.90
N LEU A 18 -5.05 1.04 -9.81
CA LEU A 18 -5.49 0.63 -8.48
C LEU A 18 -6.45 1.65 -7.88
N GLY A 19 -6.08 2.92 -7.96
CA GLY A 19 -6.92 3.97 -7.44
C GLY A 19 -6.49 4.43 -6.05
N PHE A 20 -5.18 4.53 -5.86
CA PHE A 20 -4.62 4.95 -4.58
C PHE A 20 -3.34 5.77 -4.77
N ASN A 21 -3.12 6.74 -3.89
CA ASN A 21 -1.94 7.58 -3.96
C ASN A 21 -1.20 7.60 -2.63
N ILE A 22 0.12 7.72 -2.69
CA ILE A 22 0.93 7.75 -1.48
C ILE A 22 1.88 8.95 -1.50
N MET A 23 2.30 9.38 -0.31
CA MET A 23 3.20 10.52 -0.19
C MET A 23 4.25 10.27 0.90
N GLY A 24 5.47 10.71 0.66
CA GLY A 24 6.54 10.52 1.62
C GLY A 24 7.38 9.29 1.33
N GLY A 25 8.59 9.26 1.89
CA GLY A 25 9.48 8.13 1.68
C GLY A 25 10.69 8.16 2.60
N LYS A 26 11.88 8.20 2.01
CA LYS A 26 13.11 8.23 2.78
C LYS A 26 13.41 9.64 3.28
N GLU A 27 12.41 10.51 3.19
CA GLU A 27 12.57 11.90 3.63
C GLU A 27 12.48 12.00 5.15
N GLN A 28 13.63 12.13 5.79
CA GLN A 28 13.68 12.25 7.24
C GLN A 28 13.10 11.00 7.90
N ASN A 29 13.33 9.85 7.28
CA ASN A 29 12.83 8.58 7.81
C ASN A 29 11.33 8.67 8.07
N SER A 30 10.60 9.23 7.12
CA SER A 30 9.15 9.37 7.25
C SER A 30 8.44 8.11 6.78
N PRO A 31 7.42 7.69 7.54
CA PRO A 31 6.64 6.49 7.23
C PRO A 31 5.76 6.68 5.99
N ILE A 32 5.68 5.65 5.16
CA ILE A 32 4.87 5.71 3.95
C ILE A 32 3.42 5.32 4.23
N TYR A 33 2.50 6.18 3.80
CA TYR A 33 1.07 5.93 4.01
C TYR A 33 0.26 6.40 2.82
N ILE A 34 -1.04 6.11 2.85
CA ILE A 34 -1.93 6.50 1.76
C ILE A 34 -2.34 7.97 1.89
N SER A 35 -1.86 8.79 0.95
CA SER A 35 -2.17 10.22 0.96
C SER A 35 -3.61 10.47 0.50
N ARG A 36 -3.98 9.81 -0.60
CA ARG A 36 -5.33 9.96 -1.15
C ARG A 36 -5.81 8.65 -1.78
N VAL A 37 -7.12 8.51 -1.89
CA VAL A 37 -7.71 7.30 -2.47
C VAL A 37 -8.77 7.66 -3.50
N ILE A 38 -8.74 6.98 -4.64
CA ILE A 38 -9.71 7.22 -5.70
C ILE A 38 -11.09 6.70 -5.32
N PRO A 39 -12.09 7.60 -5.33
CA PRO A 39 -13.47 7.26 -4.99
C PRO A 39 -14.12 6.36 -6.04
N GLY A 40 -13.36 5.99 -7.06
CA GLY A 40 -13.87 5.15 -8.12
C GLY A 40 -12.81 4.27 -8.74
N GLY A 41 -11.96 3.69 -7.89
CA GLY A 41 -10.90 2.82 -8.38
C GLY A 41 -11.02 1.40 -7.87
N VAL A 42 -10.01 0.59 -8.14
CA VAL A 42 -10.01 -0.81 -7.70
C VAL A 42 -9.91 -0.90 -6.19
N ALA A 43 -9.13 -0.01 -5.59
CA ALA A 43 -8.95 0.00 -4.15
C ALA A 43 -10.28 0.23 -3.43
N ASP A 44 -10.89 1.39 -3.69
CA ASP A 44 -12.17 1.74 -3.08
C ASP A 44 -13.13 0.56 -3.13
N ARG A 45 -13.14 -0.14 -4.26
CA ARG A 45 -14.02 -1.30 -4.43
C ARG A 45 -13.55 -2.47 -3.58
N HIS A 46 -12.27 -2.78 -3.65
CA HIS A 46 -11.69 -3.88 -2.88
C HIS A 46 -12.35 -3.98 -1.51
N GLY A 47 -12.14 -2.96 -0.68
CA GLY A 47 -12.73 -2.96 0.66
C GLY A 47 -11.68 -3.17 1.74
N GLY A 48 -10.57 -2.43 1.63
CA GLY A 48 -9.51 -2.55 2.62
C GLY A 48 -8.36 -1.60 2.35
N LEU A 49 -8.67 -0.46 1.76
CA LEU A 49 -7.65 0.53 1.44
C LEU A 49 -8.21 1.94 1.57
N LYS A 50 -7.67 2.71 2.51
CA LYS A 50 -8.11 4.09 2.74
C LYS A 50 -6.94 4.98 3.12
N ARG A 51 -7.18 6.28 3.15
CA ARG A 51 -6.14 7.25 3.50
C ARG A 51 -5.74 7.09 4.96
N GLY A 52 -4.45 6.81 5.19
CA GLY A 52 -3.96 6.64 6.53
C GLY A 52 -3.11 5.40 6.70
N ASP A 53 -3.53 4.32 6.04
CA ASP A 53 -2.80 3.05 6.12
C ASP A 53 -1.33 3.25 5.76
N GLN A 54 -0.45 2.76 6.63
CA GLN A 54 0.99 2.89 6.42
C GLN A 54 1.53 1.69 5.64
N LEU A 55 1.95 1.92 4.41
CA LEU A 55 2.50 0.86 3.57
C LEU A 55 3.66 0.16 4.26
N LEU A 56 3.43 -1.07 4.71
CA LEU A 56 4.46 -1.84 5.39
C LEU A 56 5.40 -2.50 4.38
N SER A 57 4.83 -3.08 3.34
CA SER A 57 5.61 -3.74 2.30
C SER A 57 4.77 -3.99 1.06
N VAL A 58 5.44 -4.10 -0.09
CA VAL A 58 4.75 -4.34 -1.35
C VAL A 58 5.43 -5.44 -2.15
N ASN A 59 4.64 -6.34 -2.72
CA ASN A 59 5.17 -7.44 -3.51
C ASN A 59 6.18 -8.26 -2.71
N GLY A 60 5.96 -8.33 -1.40
CA GLY A 60 6.85 -9.07 -0.53
C GLY A 60 8.19 -8.38 -0.35
N VAL A 61 8.17 -7.06 -0.36
CA VAL A 61 9.39 -6.27 -0.20
C VAL A 61 9.22 -5.20 0.87
N SER A 62 10.21 -5.08 1.75
CA SER A 62 10.16 -4.09 2.83
C SER A 62 10.29 -2.68 2.27
N VAL A 63 9.20 -1.92 2.35
CA VAL A 63 9.18 -0.55 1.85
C VAL A 63 9.43 0.45 2.98
N GLU A 64 8.96 0.10 4.18
CA GLU A 64 9.13 0.96 5.34
C GLU A 64 10.60 1.33 5.55
N GLY A 65 10.96 2.55 5.17
CA GLY A 65 12.33 2.99 5.32
C GLY A 65 12.96 3.37 3.99
N GLU A 66 12.62 2.63 2.94
CA GLU A 66 13.17 2.89 1.62
C GLU A 66 12.66 4.21 1.07
N GLN A 67 13.13 4.58 -0.12
CA GLN A 67 12.71 5.82 -0.75
C GLN A 67 11.42 5.63 -1.54
N HIS A 68 10.55 6.63 -1.47
CA HIS A 68 9.27 6.57 -2.19
C HIS A 68 9.45 5.97 -3.57
N GLU A 69 10.43 6.47 -4.32
CA GLU A 69 10.69 5.99 -5.66
C GLU A 69 10.60 4.47 -5.72
N LYS A 70 11.29 3.81 -4.80
CA LYS A 70 11.29 2.35 -4.74
C LYS A 70 9.86 1.80 -4.76
N ALA A 71 9.08 2.19 -3.75
CA ALA A 71 7.69 1.74 -3.66
C ALA A 71 7.04 1.69 -5.03
N VAL A 72 7.03 2.83 -5.72
CA VAL A 72 6.43 2.92 -7.05
C VAL A 72 6.98 1.83 -7.97
N GLU A 73 8.29 1.77 -8.08
CA GLU A 73 8.95 0.78 -8.94
C GLU A 73 8.38 -0.61 -8.68
N LEU A 74 8.31 -1.00 -7.41
CA LEU A 74 7.78 -2.30 -7.03
C LEU A 74 6.43 -2.55 -7.69
N LEU A 75 5.47 -1.69 -7.42
CA LEU A 75 4.13 -1.82 -7.98
C LEU A 75 4.20 -2.28 -9.44
N LYS A 76 5.02 -1.61 -10.23
CA LYS A 76 5.18 -1.95 -11.64
C LYS A 76 5.86 -3.30 -11.79
N ALA A 77 6.86 -3.55 -10.95
CA ALA A 77 7.59 -4.82 -10.99
C ALA A 77 6.63 -6.00 -11.14
N ALA A 78 5.52 -5.96 -10.41
CA ALA A 78 4.54 -7.03 -10.46
C ALA A 78 3.87 -7.09 -11.82
N GLN A 79 3.59 -8.30 -12.29
CA GLN A 79 2.96 -8.50 -13.59
C GLN A 79 1.56 -9.10 -13.43
N GLY A 80 1.40 -9.96 -12.42
CA GLY A 80 0.12 -10.58 -12.18
C GLY A 80 -0.70 -9.85 -11.14
N SER A 81 -0.14 -9.71 -9.94
CA SER A 81 -0.82 -9.03 -8.85
C SER A 81 0.18 -8.42 -7.87
N VAL A 82 -0.26 -7.44 -7.09
CA VAL A 82 0.58 -6.78 -6.11
C VAL A 82 0.04 -6.96 -4.69
N LYS A 83 0.93 -7.28 -3.76
CA LYS A 83 0.54 -7.48 -2.37
C LYS A 83 0.92 -6.28 -1.52
N LEU A 84 -0.06 -5.44 -1.20
CA LEU A 84 0.17 -4.25 -0.40
C LEU A 84 -0.12 -4.52 1.08
N VAL A 85 0.92 -4.53 1.89
CA VAL A 85 0.77 -4.78 3.32
C VAL A 85 0.60 -3.48 4.09
N VAL A 86 -0.30 -3.48 5.06
CA VAL A 86 -0.57 -2.29 5.87
C VAL A 86 -0.83 -2.67 7.33
N ARG A 87 -0.58 -1.73 8.23
CA ARG A 87 -0.79 -1.96 9.65
C ARG A 87 -2.02 -1.21 10.14
N SER A 88 -2.91 -1.93 10.83
CA SER A 88 -4.13 -1.34 11.36
C SER A 88 -4.13 -1.34 12.89
N GLY A 89 -4.26 -0.16 13.48
CA GLY A 89 -4.28 -0.06 14.92
C GLY A 89 -5.60 -0.49 15.53
N PRO A 90 -5.87 -0.01 16.75
CA PRO A 90 -7.11 -0.35 17.46
C PRO A 90 -8.34 0.28 16.82
N SER A 91 -8.12 0.99 15.72
CA SER A 91 -9.22 1.65 15.01
C SER A 91 -10.36 0.67 14.73
N SER A 92 -11.48 1.20 14.25
CA SER A 92 -12.64 0.37 13.94
C SER A 92 -12.70 0.06 12.45
N GLY A 93 -13.54 -0.91 12.09
CA GLY A 93 -13.68 -1.29 10.70
C GLY A 93 -13.83 -2.78 10.51
N GLY A 1 3.19 -13.32 14.00
CA GLY A 1 1.88 -13.70 14.48
C GLY A 1 0.87 -13.84 13.35
N SER A 2 0.73 -15.04 12.83
CA SER A 2 -0.21 -15.30 11.74
C SER A 2 -1.65 -15.11 12.20
N SER A 3 -1.99 -15.74 13.32
CA SER A 3 -3.33 -15.63 13.87
C SER A 3 -3.92 -14.24 13.64
N GLY A 4 -3.11 -13.22 13.88
CA GLY A 4 -3.57 -11.85 13.69
C GLY A 4 -2.62 -11.05 12.82
N SER A 5 -2.79 -11.16 11.50
CA SER A 5 -1.94 -10.44 10.56
C SER A 5 -2.24 -8.94 10.60
N SER A 6 -1.27 -8.14 10.16
CA SER A 6 -1.43 -6.69 10.14
C SER A 6 -2.61 -6.28 9.28
N GLY A 7 -2.71 -6.86 8.10
CA GLY A 7 -3.80 -6.55 7.19
C GLY A 7 -3.35 -6.46 5.74
N VAL A 8 -2.85 -7.57 5.23
CA VAL A 8 -2.39 -7.62 3.84
C VAL A 8 -3.53 -7.35 2.87
N VAL A 9 -3.21 -6.68 1.76
CA VAL A 9 -4.21 -6.35 0.75
C VAL A 9 -3.69 -6.67 -0.64
N GLU A 10 -4.16 -7.78 -1.20
CA GLU A 10 -3.75 -8.20 -2.54
C GLU A 10 -4.69 -7.64 -3.60
N LEU A 11 -4.13 -6.87 -4.53
CA LEU A 11 -4.92 -6.26 -5.59
C LEU A 11 -4.39 -6.67 -6.97
N PRO A 12 -5.30 -6.88 -7.92
CA PRO A 12 -4.95 -7.29 -9.29
C PRO A 12 -4.27 -6.16 -10.06
N LYS A 13 -3.05 -6.43 -10.53
CA LYS A 13 -2.29 -5.45 -11.28
C LYS A 13 -2.83 -5.30 -12.69
N THR A 14 -3.59 -4.24 -12.93
CA THR A 14 -4.18 -3.98 -14.23
C THR A 14 -4.08 -2.51 -14.61
N ASP A 15 -3.84 -2.24 -15.89
CA ASP A 15 -3.73 -0.87 -16.37
C ASP A 15 -4.79 0.02 -15.73
N GLU A 16 -5.99 -0.53 -15.56
CA GLU A 16 -7.09 0.22 -14.97
C GLU A 16 -6.60 1.09 -13.82
N GLY A 17 -5.74 0.54 -12.98
CA GLY A 17 -5.21 1.28 -11.85
C GLY A 17 -5.60 0.67 -10.52
N LEU A 18 -5.02 1.19 -9.44
CA LEU A 18 -5.30 0.69 -8.10
C LEU A 18 -6.34 1.57 -7.40
N GLY A 19 -6.32 2.86 -7.70
CA GLY A 19 -7.27 3.78 -7.10
C GLY A 19 -6.78 4.31 -5.77
N PHE A 20 -5.47 4.48 -5.65
CA PHE A 20 -4.88 4.98 -4.41
C PHE A 20 -3.64 5.82 -4.71
N ASN A 21 -3.30 6.73 -3.79
CA ASN A 21 -2.15 7.60 -3.96
C ASN A 21 -1.27 7.58 -2.70
N ILE A 22 -0.03 8.00 -2.86
CA ILE A 22 0.91 8.04 -1.75
C ILE A 22 1.81 9.27 -1.81
N MET A 23 2.36 9.66 -0.67
CA MET A 23 3.24 10.82 -0.60
C MET A 23 4.16 10.74 0.61
N GLY A 24 5.45 11.03 0.39
CA GLY A 24 6.41 10.98 1.47
C GLY A 24 7.43 9.86 1.29
N GLY A 25 8.57 10.01 1.95
CA GLY A 25 9.61 9.00 1.84
C GLY A 25 10.79 9.28 2.76
N LYS A 26 11.99 8.94 2.30
CA LYS A 26 13.19 9.15 3.10
C LYS A 26 13.47 10.65 3.27
N GLU A 27 13.61 11.35 2.16
CA GLU A 27 13.88 12.79 2.20
C GLU A 27 13.00 13.47 3.24
N GLN A 28 11.70 13.18 3.20
CA GLN A 28 10.76 13.78 4.14
C GLN A 28 10.96 13.21 5.55
N ASN A 29 11.56 12.03 5.62
CA ASN A 29 11.81 11.37 6.90
C ASN A 29 10.50 11.04 7.60
N SER A 30 9.55 10.50 6.85
CA SER A 30 8.24 10.14 7.41
C SER A 30 7.79 8.78 6.88
N PRO A 31 6.83 8.18 7.59
CA PRO A 31 6.29 6.87 7.22
C PRO A 31 5.44 6.93 5.95
N ILE A 32 5.66 5.97 5.06
CA ILE A 32 4.92 5.92 3.80
C ILE A 32 3.48 5.49 4.04
N TYR A 33 2.53 6.23 3.47
CA TYR A 33 1.12 5.93 3.61
C TYR A 33 0.33 6.41 2.40
N ILE A 34 -0.97 6.15 2.41
CA ILE A 34 -1.85 6.56 1.31
C ILE A 34 -2.26 8.01 1.46
N SER A 35 -1.96 8.82 0.44
CA SER A 35 -2.30 10.23 0.44
C SER A 35 -3.79 10.43 0.18
N ARG A 36 -4.27 9.86 -0.91
CA ARG A 36 -5.68 9.98 -1.28
C ARG A 36 -6.23 8.64 -1.78
N VAL A 37 -7.55 8.56 -1.89
CA VAL A 37 -8.20 7.34 -2.36
C VAL A 37 -9.20 7.64 -3.47
N ILE A 38 -9.01 7.00 -4.62
CA ILE A 38 -9.91 7.20 -5.75
C ILE A 38 -11.31 6.67 -5.45
N PRO A 39 -12.31 7.55 -5.55
CA PRO A 39 -13.71 7.20 -5.30
C PRO A 39 -14.28 6.27 -6.38
N GLY A 40 -13.43 5.89 -7.33
CA GLY A 40 -13.86 5.01 -8.39
C GLY A 40 -12.75 4.12 -8.92
N GLY A 41 -12.07 3.44 -8.00
CA GLY A 41 -10.97 2.57 -8.40
C GLY A 41 -11.10 1.17 -7.81
N VAL A 42 -10.12 0.33 -8.09
CA VAL A 42 -10.13 -1.04 -7.58
C VAL A 42 -10.10 -1.07 -6.06
N ALA A 43 -9.28 -0.19 -5.47
CA ALA A 43 -9.16 -0.10 -4.02
C ALA A 43 -10.51 0.19 -3.38
N ASP A 44 -11.03 1.38 -3.61
CA ASP A 44 -12.31 1.78 -3.06
C ASP A 44 -13.31 0.64 -3.12
N ARG A 45 -13.33 -0.07 -4.24
CA ARG A 45 -14.24 -1.19 -4.43
C ARG A 45 -13.88 -2.34 -3.49
N HIS A 46 -12.66 -2.85 -3.62
CA HIS A 46 -12.20 -3.95 -2.78
C HIS A 46 -12.48 -3.67 -1.31
N GLY A 47 -12.12 -2.48 -0.86
CA GLY A 47 -12.34 -2.11 0.53
C GLY A 47 -11.25 -2.61 1.44
N GLY A 48 -10.00 -2.21 1.16
CA GLY A 48 -8.88 -2.63 1.97
C GLY A 48 -7.88 -1.52 2.20
N LEU A 49 -7.68 -0.69 1.19
CA LEU A 49 -6.74 0.43 1.29
C LEU A 49 -7.48 1.75 1.47
N LYS A 50 -6.93 2.62 2.32
CA LYS A 50 -7.53 3.92 2.58
C LYS A 50 -6.46 4.94 2.97
N ARG A 51 -6.85 6.22 2.98
CA ARG A 51 -5.93 7.28 3.33
C ARG A 51 -5.36 7.08 4.72
N GLY A 52 -4.03 7.14 4.84
CA GLY A 52 -3.39 6.95 6.13
C GLY A 52 -2.74 5.59 6.27
N ASP A 53 -3.27 4.61 5.54
CA ASP A 53 -2.74 3.25 5.59
C ASP A 53 -1.23 3.25 5.32
N GLN A 54 -0.46 3.05 6.38
CA GLN A 54 1.00 3.03 6.27
C GLN A 54 1.47 1.77 5.54
N LEU A 55 2.12 1.96 4.39
CA LEU A 55 2.61 0.84 3.60
C LEU A 55 3.82 0.18 4.29
N LEU A 56 3.62 -1.05 4.74
CA LEU A 56 4.69 -1.79 5.41
C LEU A 56 5.59 -2.49 4.40
N SER A 57 4.99 -3.34 3.57
CA SER A 57 5.74 -4.07 2.54
C SER A 57 4.90 -4.25 1.28
N VAL A 58 5.57 -4.27 0.14
CA VAL A 58 4.90 -4.43 -1.14
C VAL A 58 5.44 -5.64 -1.90
N ASN A 59 4.54 -6.41 -2.51
CA ASN A 59 4.94 -7.59 -3.27
C ASN A 59 5.81 -8.52 -2.42
N GLY A 60 5.56 -8.53 -1.11
CA GLY A 60 6.32 -9.37 -0.22
C GLY A 60 7.71 -8.82 0.04
N VAL A 61 7.87 -7.51 -0.12
CA VAL A 61 9.15 -6.86 0.11
C VAL A 61 9.00 -5.66 1.04
N SER A 62 9.86 -5.61 2.07
CA SER A 62 9.82 -4.52 3.03
C SER A 62 10.18 -3.19 2.37
N VAL A 63 9.22 -2.27 2.39
CA VAL A 63 9.44 -0.95 1.79
C VAL A 63 9.43 0.14 2.86
N GLU A 64 8.60 -0.05 3.88
CA GLU A 64 8.49 0.93 4.97
C GLU A 64 9.86 1.54 5.28
N GLY A 65 10.91 0.74 5.14
CA GLY A 65 12.24 1.22 5.42
C GLY A 65 12.93 1.74 4.17
N GLU A 66 12.61 1.16 3.02
CA GLU A 66 13.21 1.58 1.76
C GLU A 66 12.75 2.98 1.37
N GLN A 67 13.26 3.48 0.25
CA GLN A 67 12.91 4.81 -0.22
C GLN A 67 11.58 4.77 -0.99
N HIS A 68 10.94 5.93 -1.11
CA HIS A 68 9.67 6.03 -1.82
C HIS A 68 9.77 5.38 -3.20
N GLU A 69 10.75 5.84 -3.99
CA GLU A 69 10.94 5.30 -5.33
C GLU A 69 10.72 3.79 -5.36
N LYS A 70 11.47 3.07 -4.53
CA LYS A 70 11.35 1.62 -4.46
C LYS A 70 9.89 1.19 -4.49
N ALA A 71 9.06 1.84 -3.68
CA ALA A 71 7.64 1.53 -3.62
C ALA A 71 7.00 1.66 -5.00
N VAL A 72 7.22 2.80 -5.65
CA VAL A 72 6.66 3.05 -6.97
C VAL A 72 7.16 2.03 -7.99
N GLU A 73 8.47 2.04 -8.23
CA GLU A 73 9.09 1.11 -9.17
C GLU A 73 8.62 -0.31 -8.91
N LEU A 74 8.39 -0.63 -7.64
CA LEU A 74 7.95 -1.96 -7.25
C LEU A 74 6.58 -2.28 -7.84
N LEU A 75 5.65 -1.36 -7.69
CA LEU A 75 4.29 -1.54 -8.22
C LEU A 75 4.33 -1.77 -9.73
N LYS A 76 4.93 -0.83 -10.44
CA LYS A 76 5.04 -0.93 -11.90
C LYS A 76 5.87 -2.14 -12.31
N ALA A 77 6.89 -2.44 -11.51
CA ALA A 77 7.76 -3.59 -11.79
C ALA A 77 7.00 -4.90 -11.65
N ALA A 78 6.18 -4.99 -10.62
CA ALA A 78 5.39 -6.20 -10.38
C ALA A 78 4.56 -6.56 -11.60
N GLN A 79 3.89 -7.71 -11.54
CA GLN A 79 3.05 -8.17 -12.64
C GLN A 79 2.01 -9.17 -12.16
N GLY A 80 0.86 -9.19 -12.82
CA GLY A 80 -0.20 -10.10 -12.44
C GLY A 80 -0.94 -9.64 -11.20
N SER A 81 -0.20 -9.46 -10.10
CA SER A 81 -0.80 -9.03 -8.85
C SER A 81 0.26 -8.48 -7.90
N VAL A 82 -0.15 -7.58 -7.01
CA VAL A 82 0.78 -6.98 -6.04
C VAL A 82 0.22 -7.07 -4.63
N LYS A 83 1.02 -7.61 -3.71
CA LYS A 83 0.60 -7.74 -2.33
C LYS A 83 1.01 -6.52 -1.51
N LEU A 84 0.04 -5.66 -1.23
CA LEU A 84 0.29 -4.45 -0.46
C LEU A 84 -0.08 -4.64 1.00
N VAL A 85 0.92 -4.56 1.87
CA VAL A 85 0.70 -4.72 3.31
C VAL A 85 0.57 -3.37 4.01
N VAL A 86 -0.42 -3.26 4.88
CA VAL A 86 -0.65 -2.02 5.62
C VAL A 86 -0.66 -2.27 7.12
N ARG A 87 -0.45 -1.20 7.89
CA ARG A 87 -0.44 -1.31 9.35
C ARG A 87 -1.70 -0.68 9.95
N SER A 88 -2.47 -1.50 10.66
CA SER A 88 -3.69 -1.03 11.28
C SER A 88 -3.53 -0.92 12.80
N GLY A 89 -4.56 -0.40 13.46
CA GLY A 89 -4.52 -0.25 14.91
C GLY A 89 -4.60 -1.58 15.62
N PRO A 90 -4.19 -1.61 16.90
CA PRO A 90 -4.22 -2.83 17.72
C PRO A 90 -5.64 -3.25 18.07
N SER A 91 -5.76 -4.40 18.73
CA SER A 91 -7.07 -4.92 19.13
C SER A 91 -7.95 -5.17 17.90
N SER A 92 -7.35 -5.72 16.85
CA SER A 92 -8.08 -6.00 15.62
C SER A 92 -8.95 -7.24 15.78
N GLY A 93 -8.37 -8.30 16.34
CA GLY A 93 -9.11 -9.53 16.53
C GLY A 93 -8.42 -10.48 17.50
N GLY A 1 5.39 -17.26 9.57
CA GLY A 1 5.58 -16.25 8.54
C GLY A 1 5.18 -14.86 9.01
N SER A 2 5.89 -13.85 8.54
CA SER A 2 5.60 -12.48 8.92
C SER A 2 4.47 -11.90 8.08
N SER A 3 4.57 -12.05 6.77
CA SER A 3 3.55 -11.54 5.86
C SER A 3 2.27 -12.35 5.97
N GLY A 4 1.17 -11.76 5.53
CA GLY A 4 -0.12 -12.43 5.59
C GLY A 4 -0.83 -12.21 6.92
N SER A 5 -0.05 -12.16 8.00
CA SER A 5 -0.60 -11.96 9.33
C SER A 5 -1.26 -10.58 9.44
N SER A 6 -0.45 -9.54 9.32
CA SER A 6 -0.95 -8.17 9.41
C SER A 6 -1.87 -7.85 8.25
N GLY A 7 -2.45 -6.65 8.26
CA GLY A 7 -3.35 -6.24 7.20
C GLY A 7 -2.70 -6.32 5.82
N VAL A 8 -2.96 -7.42 5.12
CA VAL A 8 -2.39 -7.62 3.79
C VAL A 8 -3.47 -7.51 2.71
N VAL A 9 -3.35 -6.49 1.87
CA VAL A 9 -4.31 -6.26 0.80
C VAL A 9 -3.75 -6.71 -0.54
N GLU A 10 -4.46 -7.64 -1.20
CA GLU A 10 -4.03 -8.16 -2.48
C GLU A 10 -4.89 -7.60 -3.61
N LEU A 11 -4.28 -6.77 -4.45
CA LEU A 11 -5.00 -6.15 -5.58
C LEU A 11 -4.43 -6.64 -6.91
N PRO A 12 -5.30 -6.77 -7.91
CA PRO A 12 -4.90 -7.22 -9.25
C PRO A 12 -4.08 -6.18 -9.99
N LYS A 13 -3.01 -6.62 -10.64
CA LYS A 13 -2.14 -5.72 -11.39
C LYS A 13 -2.76 -5.35 -12.73
N THR A 14 -3.12 -4.08 -12.88
CA THR A 14 -3.72 -3.59 -14.11
C THR A 14 -3.18 -2.22 -14.48
N ASP A 15 -2.43 -2.17 -15.59
CA ASP A 15 -1.85 -0.92 -16.06
C ASP A 15 -2.82 0.25 -15.84
N GLU A 16 -4.11 -0.04 -15.99
CA GLU A 16 -5.13 0.99 -15.82
C GLU A 16 -4.87 1.83 -14.58
N GLY A 17 -4.55 1.16 -13.47
CA GLY A 17 -4.27 1.85 -12.23
C GLY A 17 -4.85 1.14 -11.02
N LEU A 18 -4.37 1.51 -9.84
CA LEU A 18 -4.85 0.90 -8.60
C LEU A 18 -5.94 1.74 -7.96
N GLY A 19 -5.72 3.06 -7.92
CA GLY A 19 -6.70 3.96 -7.33
C GLY A 19 -6.31 4.41 -5.94
N PHE A 20 -5.02 4.66 -5.74
CA PHE A 20 -4.50 5.11 -4.46
C PHE A 20 -3.32 6.05 -4.64
N ASN A 21 -3.12 6.92 -3.65
CA ASN A 21 -2.02 7.88 -3.70
C ASN A 21 -1.18 7.81 -2.42
N ILE A 22 0.12 8.05 -2.55
CA ILE A 22 1.02 8.02 -1.41
C ILE A 22 2.05 9.14 -1.50
N MET A 23 2.20 9.89 -0.41
CA MET A 23 3.15 10.98 -0.35
C MET A 23 4.19 10.76 0.75
N GLY A 24 5.30 11.48 0.66
CA GLY A 24 6.35 11.34 1.66
C GLY A 24 7.23 10.13 1.41
N GLY A 25 8.37 10.08 2.10
CA GLY A 25 9.28 8.96 1.93
C GLY A 25 10.53 9.12 2.78
N LYS A 26 11.47 8.19 2.60
CA LYS A 26 12.73 8.22 3.35
C LYS A 26 13.49 9.51 3.08
N GLU A 27 13.44 9.98 1.83
CA GLU A 27 14.12 11.21 1.45
C GLU A 27 13.68 12.37 2.31
N GLN A 28 12.40 12.37 2.69
CA GLN A 28 11.84 13.43 3.53
C GLN A 28 11.78 13.00 4.98
N ASN A 29 12.44 11.89 5.30
CA ASN A 29 12.45 11.37 6.66
C ASN A 29 11.03 11.11 7.16
N SER A 30 10.19 10.58 6.28
CA SER A 30 8.81 10.29 6.63
C SER A 30 8.37 8.95 6.04
N PRO A 31 7.53 8.22 6.79
CA PRO A 31 7.02 6.91 6.37
C PRO A 31 6.05 7.02 5.20
N ILE A 32 5.81 5.89 4.53
CA ILE A 32 4.90 5.87 3.40
C ILE A 32 3.49 5.52 3.84
N TYR A 33 2.52 6.32 3.43
CA TYR A 33 1.12 6.09 3.78
C TYR A 33 0.20 6.50 2.64
N ILE A 34 -1.09 6.26 2.82
CA ILE A 34 -2.08 6.60 1.80
C ILE A 34 -2.55 8.05 1.97
N SER A 35 -2.15 8.90 1.03
CA SER A 35 -2.53 10.31 1.07
C SER A 35 -3.97 10.49 0.61
N ARG A 36 -4.29 9.97 -0.57
CA ARG A 36 -5.63 10.08 -1.12
C ARG A 36 -6.06 8.77 -1.76
N VAL A 37 -7.37 8.53 -1.77
CA VAL A 37 -7.92 7.31 -2.35
C VAL A 37 -8.95 7.62 -3.43
N ILE A 38 -8.76 7.04 -4.62
CA ILE A 38 -9.67 7.25 -5.73
C ILE A 38 -11.06 6.69 -5.43
N PRO A 39 -12.07 7.57 -5.49
CA PRO A 39 -13.46 7.18 -5.22
C PRO A 39 -14.03 6.30 -6.32
N GLY A 40 -13.20 5.95 -7.29
CA GLY A 40 -13.64 5.11 -8.39
C GLY A 40 -12.51 4.33 -9.01
N GLY A 41 -11.77 3.60 -8.19
CA GLY A 41 -10.65 2.82 -8.70
C GLY A 41 -10.76 1.35 -8.34
N VAL A 42 -9.61 0.67 -8.28
CA VAL A 42 -9.59 -0.75 -7.94
C VAL A 42 -9.45 -0.96 -6.44
N ALA A 43 -8.61 -0.13 -5.81
CA ALA A 43 -8.39 -0.22 -4.36
C ALA A 43 -9.66 0.12 -3.60
N ASP A 44 -10.39 1.12 -4.09
CA ASP A 44 -11.63 1.54 -3.44
C ASP A 44 -12.65 0.40 -3.42
N ARG A 45 -13.10 0.00 -4.60
CA ARG A 45 -14.07 -1.08 -4.73
C ARG A 45 -13.65 -2.30 -3.90
N HIS A 46 -12.52 -2.87 -4.26
CA HIS A 46 -12.00 -4.04 -3.55
C HIS A 46 -11.96 -3.79 -2.05
N GLY A 47 -11.39 -2.66 -1.66
CA GLY A 47 -11.28 -2.32 -0.25
C GLY A 47 -9.97 -2.75 0.36
N GLY A 48 -9.91 -2.78 1.69
CA GLY A 48 -8.69 -3.18 2.37
C GLY A 48 -7.75 -2.02 2.59
N LEU A 49 -7.70 -1.10 1.63
CA LEU A 49 -6.83 0.07 1.72
C LEU A 49 -7.64 1.34 1.92
N LYS A 50 -7.04 2.32 2.59
CA LYS A 50 -7.70 3.60 2.84
C LYS A 50 -6.70 4.64 3.34
N ARG A 51 -7.08 5.91 3.24
CA ARG A 51 -6.22 7.00 3.68
C ARG A 51 -5.77 6.78 5.11
N GLY A 52 -4.46 6.78 5.32
CA GLY A 52 -3.91 6.58 6.66
C GLY A 52 -3.08 5.32 6.76
N ASP A 53 -3.54 4.25 6.13
CA ASP A 53 -2.83 2.97 6.16
C ASP A 53 -1.39 3.14 5.70
N GLN A 54 -0.45 2.97 6.62
CA GLN A 54 0.96 3.11 6.30
C GLN A 54 1.49 1.88 5.57
N LEU A 55 2.17 2.10 4.46
CA LEU A 55 2.73 1.01 3.67
C LEU A 55 3.89 0.33 4.41
N LEU A 56 3.68 -0.92 4.79
CA LEU A 56 4.70 -1.68 5.50
C LEU A 56 5.64 -2.37 4.52
N SER A 57 5.07 -3.10 3.56
CA SER A 57 5.86 -3.81 2.56
C SER A 57 5.02 -4.10 1.32
N VAL A 58 5.69 -4.24 0.19
CA VAL A 58 5.01 -4.52 -1.07
C VAL A 58 5.64 -5.71 -1.79
N ASN A 59 4.81 -6.58 -2.33
CA ASN A 59 5.28 -7.76 -3.04
C ASN A 59 6.26 -8.55 -2.19
N GLY A 60 6.05 -8.53 -0.87
CA GLY A 60 6.93 -9.25 0.03
C GLY A 60 8.29 -8.60 0.15
N VAL A 61 8.32 -7.28 0.02
CA VAL A 61 9.58 -6.54 0.12
C VAL A 61 9.45 -5.37 1.10
N SER A 62 10.40 -5.29 2.04
CA SER A 62 10.39 -4.23 3.03
C SER A 62 10.59 -2.87 2.37
N VAL A 63 9.58 -2.01 2.50
CA VAL A 63 9.65 -0.67 1.91
C VAL A 63 9.85 0.39 2.99
N GLU A 64 9.27 0.14 4.17
CA GLU A 64 9.39 1.07 5.28
C GLU A 64 10.80 1.67 5.35
N GLY A 65 11.80 0.82 5.14
CA GLY A 65 13.17 1.28 5.18
C GLY A 65 13.77 1.46 3.79
N GLU A 66 12.99 2.05 2.88
CA GLU A 66 13.45 2.26 1.52
C GLU A 66 12.81 3.52 0.93
N GLN A 67 13.44 4.07 -0.11
CA GLN A 67 12.93 5.27 -0.76
C GLN A 67 11.50 5.06 -1.25
N HIS A 68 10.71 6.13 -1.21
CA HIS A 68 9.32 6.06 -1.65
C HIS A 68 9.21 5.43 -3.04
N GLU A 69 10.02 5.92 -3.97
CA GLU A 69 10.02 5.41 -5.33
C GLU A 69 9.97 3.89 -5.34
N LYS A 70 10.90 3.27 -4.61
CA LYS A 70 10.97 1.81 -4.54
C LYS A 70 9.58 1.20 -4.53
N ALA A 71 8.67 1.83 -3.79
CA ALA A 71 7.29 1.34 -3.70
C ALA A 71 6.61 1.38 -5.06
N VAL A 72 6.65 2.52 -5.72
CA VAL A 72 6.04 2.68 -7.04
C VAL A 72 6.64 1.70 -8.04
N GLU A 73 7.92 1.86 -8.32
CA GLU A 73 8.62 0.99 -9.26
C GLU A 73 8.22 -0.47 -9.04
N LEU A 74 8.14 -0.87 -7.78
CA LEU A 74 7.78 -2.23 -7.43
C LEU A 74 6.43 -2.62 -8.05
N LEU A 75 5.42 -1.79 -7.78
CA LEU A 75 4.08 -2.05 -8.30
C LEU A 75 4.12 -2.28 -9.81
N LYS A 76 4.72 -1.34 -10.53
CA LYS A 76 4.84 -1.44 -11.98
C LYS A 76 5.62 -2.68 -12.38
N ALA A 77 6.69 -2.96 -11.65
CA ALA A 77 7.52 -4.13 -11.93
C ALA A 77 6.73 -5.42 -11.74
N ALA A 78 5.90 -5.46 -10.71
CA ALA A 78 5.09 -6.63 -10.42
C ALA A 78 4.23 -7.01 -11.62
N GLN A 79 3.60 -8.18 -11.55
CA GLN A 79 2.75 -8.66 -12.64
C GLN A 79 1.64 -9.56 -12.10
N GLY A 80 0.50 -9.54 -12.79
CA GLY A 80 -0.63 -10.35 -12.36
C GLY A 80 -1.35 -9.76 -11.16
N SER A 81 -0.63 -9.61 -10.05
CA SER A 81 -1.21 -9.06 -8.83
C SER A 81 -0.12 -8.60 -7.88
N VAL A 82 -0.46 -7.64 -7.03
CA VAL A 82 0.50 -7.11 -6.06
C VAL A 82 -0.08 -7.14 -4.65
N LYS A 83 0.75 -7.51 -3.68
CA LYS A 83 0.33 -7.59 -2.28
C LYS A 83 0.88 -6.42 -1.49
N LEU A 84 0.01 -5.48 -1.13
CA LEU A 84 0.41 -4.32 -0.36
C LEU A 84 0.09 -4.49 1.12
N VAL A 85 1.13 -4.62 1.93
CA VAL A 85 0.97 -4.80 3.37
C VAL A 85 0.85 -3.46 4.08
N VAL A 86 -0.16 -3.33 4.93
CA VAL A 86 -0.38 -2.10 5.68
C VAL A 86 -0.45 -2.37 7.17
N ARG A 87 -0.25 -1.32 7.98
CA ARG A 87 -0.30 -1.44 9.43
C ARG A 87 -1.55 -0.79 9.99
N SER A 88 -2.42 -1.60 10.59
CA SER A 88 -3.66 -1.10 11.17
C SER A 88 -3.77 -1.48 12.64
N GLY A 89 -4.69 -0.83 13.35
CA GLY A 89 -4.88 -1.10 14.76
C GLY A 89 -5.55 0.03 15.50
N PRO A 90 -6.22 -0.29 16.61
CA PRO A 90 -6.93 0.71 17.42
C PRO A 90 -5.98 1.64 18.15
N SER A 91 -6.37 2.91 18.28
CA SER A 91 -5.55 3.90 18.95
C SER A 91 -5.51 3.65 20.46
N SER A 92 -4.36 3.20 20.94
CA SER A 92 -4.19 2.92 22.37
C SER A 92 -4.50 4.15 23.21
N GLY A 93 -3.73 5.22 22.99
CA GLY A 93 -3.93 6.45 23.73
C GLY A 93 -2.67 7.28 23.82
N GLY A 1 5.75 -16.71 4.73
CA GLY A 1 5.27 -17.99 5.21
C GLY A 1 5.16 -18.03 6.72
N SER A 2 3.98 -17.71 7.24
CA SER A 2 3.76 -17.71 8.69
C SER A 2 2.26 -17.62 8.99
N SER A 3 1.94 -17.66 10.28
CA SER A 3 0.55 -17.59 10.72
C SER A 3 0.27 -16.29 11.46
N GLY A 4 -0.90 -15.72 11.22
CA GLY A 4 -1.26 -14.47 11.87
C GLY A 4 -0.60 -13.26 11.24
N SER A 5 -1.26 -12.68 10.24
CA SER A 5 -0.71 -11.52 9.54
C SER A 5 -1.46 -10.26 9.94
N SER A 6 -0.83 -9.10 9.74
CA SER A 6 -1.42 -7.83 10.09
C SER A 6 -2.55 -7.48 9.12
N GLY A 7 -2.27 -7.60 7.83
CA GLY A 7 -3.27 -7.29 6.82
C GLY A 7 -2.67 -7.03 5.45
N VAL A 8 -2.89 -7.94 4.52
CA VAL A 8 -2.35 -7.81 3.17
C VAL A 8 -3.48 -7.58 2.16
N VAL A 9 -3.34 -6.52 1.37
CA VAL A 9 -4.33 -6.19 0.37
C VAL A 9 -3.86 -6.57 -1.03
N GLU A 10 -4.39 -7.66 -1.57
CA GLU A 10 -4.00 -8.13 -2.89
C GLU A 10 -4.88 -7.48 -3.96
N LEU A 11 -4.25 -6.64 -4.79
CA LEU A 11 -4.96 -5.94 -5.86
C LEU A 11 -4.48 -6.41 -7.22
N PRO A 12 -5.36 -6.31 -8.23
CA PRO A 12 -5.05 -6.72 -9.60
C PRO A 12 -4.03 -5.80 -10.26
N LYS A 13 -2.94 -6.38 -10.74
CA LYS A 13 -1.89 -5.61 -11.40
C LYS A 13 -2.16 -5.51 -12.91
N THR A 14 -2.52 -4.33 -13.37
CA THR A 14 -2.80 -4.10 -14.78
C THR A 14 -2.86 -2.61 -15.10
N ASP A 15 -2.98 -2.29 -16.37
CA ASP A 15 -3.06 -0.90 -16.81
C ASP A 15 -4.22 -0.18 -16.14
N GLU A 16 -5.32 -0.91 -15.91
CA GLU A 16 -6.49 -0.33 -15.27
C GLU A 16 -6.09 0.54 -14.09
N GLY A 17 -5.02 0.16 -13.41
CA GLY A 17 -4.55 0.92 -12.26
C GLY A 17 -5.15 0.43 -10.96
N LEU A 18 -4.69 0.99 -9.84
CA LEU A 18 -5.18 0.60 -8.53
C LEU A 18 -6.24 1.57 -8.04
N GLY A 19 -5.87 2.84 -7.93
CA GLY A 19 -6.79 3.86 -7.47
C GLY A 19 -6.46 4.38 -6.08
N PHE A 20 -5.17 4.63 -5.84
CA PHE A 20 -4.72 5.12 -4.55
C PHE A 20 -3.56 6.08 -4.71
N ASN A 21 -3.40 6.98 -3.75
CA ASN A 21 -2.32 7.97 -3.79
C ASN A 21 -1.44 7.85 -2.54
N ILE A 22 -0.16 8.17 -2.70
CA ILE A 22 0.78 8.11 -1.58
C ILE A 22 1.71 9.33 -1.59
N MET A 23 1.87 9.93 -0.41
CA MET A 23 2.74 11.09 -0.26
C MET A 23 3.75 10.89 0.85
N GLY A 24 4.66 11.85 1.01
CA GLY A 24 5.67 11.76 2.04
C GLY A 24 6.57 10.55 1.86
N GLY A 25 7.79 10.64 2.40
CA GLY A 25 8.72 9.53 2.29
C GLY A 25 10.10 9.89 2.79
N LYS A 26 11.05 8.97 2.64
CA LYS A 26 12.42 9.19 3.10
C LYS A 26 12.87 10.61 2.77
N GLU A 27 12.50 11.10 1.60
CA GLU A 27 12.86 12.45 1.17
C GLU A 27 12.57 13.46 2.28
N GLN A 28 11.30 13.53 2.68
CA GLN A 28 10.89 14.46 3.73
C GLN A 28 11.03 13.82 5.11
N ASN A 29 11.82 12.75 5.19
CA ASN A 29 12.03 12.05 6.44
C ASN A 29 10.70 11.63 7.07
N SER A 30 9.78 11.14 6.23
CA SER A 30 8.48 10.72 6.70
C SER A 30 8.11 9.35 6.11
N PRO A 31 7.29 8.60 6.85
CA PRO A 31 6.85 7.26 6.43
C PRO A 31 5.90 7.31 5.24
N ILE A 32 5.75 6.18 4.56
CA ILE A 32 4.87 6.10 3.40
C ILE A 32 3.45 5.68 3.80
N TYR A 33 2.48 6.49 3.43
CA TYR A 33 1.09 6.21 3.76
C TYR A 33 0.16 6.66 2.63
N ILE A 34 -1.12 6.31 2.74
CA ILE A 34 -2.11 6.67 1.74
C ILE A 34 -2.53 8.12 1.88
N SER A 35 -2.20 8.94 0.88
CA SER A 35 -2.55 10.36 0.90
C SER A 35 -4.00 10.56 0.47
N ARG A 36 -4.37 9.95 -0.65
CA ARG A 36 -5.72 10.07 -1.18
C ARG A 36 -6.19 8.75 -1.79
N VAL A 37 -7.48 8.46 -1.65
CA VAL A 37 -8.05 7.23 -2.18
C VAL A 37 -9.12 7.53 -3.23
N ILE A 38 -8.99 6.92 -4.39
CA ILE A 38 -9.95 7.12 -5.47
C ILE A 38 -11.32 6.58 -5.09
N PRO A 39 -12.33 7.46 -5.11
CA PRO A 39 -13.71 7.10 -4.77
C PRO A 39 -14.34 6.21 -5.84
N GLY A 40 -13.56 5.84 -6.85
CA GLY A 40 -14.06 5.00 -7.91
C GLY A 40 -12.96 4.19 -8.58
N GLY A 41 -12.09 3.60 -7.78
CA GLY A 41 -11.00 2.81 -8.31
C GLY A 41 -11.01 1.38 -7.80
N VAL A 42 -10.04 0.59 -8.24
CA VAL A 42 -9.93 -0.80 -7.81
C VAL A 42 -9.72 -0.90 -6.30
N ALA A 43 -8.80 -0.09 -5.78
CA ALA A 43 -8.51 -0.09 -4.35
C ALA A 43 -9.78 0.12 -3.54
N ASP A 44 -10.42 1.28 -3.71
CA ASP A 44 -11.64 1.59 -2.99
C ASP A 44 -12.55 0.37 -2.90
N ARG A 45 -13.00 -0.12 -4.06
CA ARG A 45 -13.88 -1.28 -4.12
C ARG A 45 -13.45 -2.34 -3.11
N HIS A 46 -12.16 -2.67 -3.11
CA HIS A 46 -11.62 -3.67 -2.20
C HIS A 46 -11.80 -3.23 -0.76
N GLY A 47 -11.52 -1.95 -0.48
CA GLY A 47 -11.66 -1.43 0.86
C GLY A 47 -10.40 -1.63 1.69
N GLY A 48 -9.82 -2.81 1.60
CA GLY A 48 -8.61 -3.11 2.35
C GLY A 48 -7.71 -1.90 2.49
N LEU A 49 -7.65 -1.08 1.44
CA LEU A 49 -6.82 0.13 1.45
C LEU A 49 -7.65 1.36 1.74
N LYS A 50 -7.18 2.19 2.67
CA LYS A 50 -7.89 3.41 3.04
C LYS A 50 -6.89 4.52 3.38
N ARG A 51 -7.36 5.76 3.32
CA ARG A 51 -6.53 6.91 3.63
C ARG A 51 -5.97 6.83 5.05
N GLY A 52 -4.65 6.90 5.17
CA GLY A 52 -4.03 6.83 6.47
C GLY A 52 -3.20 5.58 6.66
N ASP A 53 -3.62 4.49 6.02
CA ASP A 53 -2.90 3.23 6.11
C ASP A 53 -1.44 3.39 5.66
N GLN A 54 -0.52 3.06 6.56
CA GLN A 54 0.90 3.18 6.27
C GLN A 54 1.42 1.92 5.58
N LEU A 55 1.99 2.09 4.39
CA LEU A 55 2.52 0.95 3.64
C LEU A 55 3.69 0.31 4.37
N LEU A 56 3.50 -0.94 4.78
CA LEU A 56 4.55 -1.68 5.49
C LEU A 56 5.46 -2.40 4.51
N SER A 57 4.87 -3.07 3.52
CA SER A 57 5.63 -3.81 2.53
C SER A 57 4.81 -4.02 1.26
N VAL A 58 5.49 -4.16 0.13
CA VAL A 58 4.82 -4.38 -1.15
C VAL A 58 5.38 -5.60 -1.86
N ASN A 59 4.49 -6.40 -2.44
CA ASN A 59 4.89 -7.61 -3.16
C ASN A 59 5.80 -8.47 -2.28
N GLY A 60 5.57 -8.44 -0.98
CA GLY A 60 6.38 -9.22 -0.06
C GLY A 60 7.76 -8.65 0.13
N VAL A 61 7.90 -7.33 -0.06
CA VAL A 61 9.18 -6.66 0.09
C VAL A 61 9.07 -5.48 1.03
N SER A 62 9.87 -5.48 2.10
CA SER A 62 9.85 -4.41 3.07
C SER A 62 10.14 -3.06 2.41
N VAL A 63 9.15 -2.17 2.43
CA VAL A 63 9.29 -0.85 1.83
C VAL A 63 9.50 0.21 2.89
N GLU A 64 9.13 -0.11 4.13
CA GLU A 64 9.28 0.83 5.24
C GLU A 64 10.72 1.32 5.35
N GLY A 65 11.67 0.45 5.02
CA GLY A 65 13.07 0.82 5.09
C GLY A 65 13.67 1.07 3.72
N GLU A 66 12.93 1.76 2.86
CA GLU A 66 13.39 2.05 1.52
C GLU A 66 12.86 3.40 1.03
N GLN A 67 13.42 3.89 -0.06
CA GLN A 67 13.00 5.16 -0.63
C GLN A 67 11.62 5.06 -1.26
N HIS A 68 10.91 6.18 -1.34
CA HIS A 68 9.57 6.21 -1.92
C HIS A 68 9.59 5.66 -3.34
N GLU A 69 10.50 6.19 -4.16
CA GLU A 69 10.62 5.75 -5.55
C GLU A 69 10.50 4.24 -5.65
N LYS A 70 11.37 3.53 -4.93
CA LYS A 70 11.37 2.08 -4.95
C LYS A 70 9.95 1.54 -4.93
N ALA A 71 9.19 1.88 -3.89
CA ALA A 71 7.82 1.44 -3.76
C ALA A 71 7.09 1.48 -5.11
N VAL A 72 7.03 2.67 -5.70
CA VAL A 72 6.37 2.84 -6.99
C VAL A 72 6.92 1.87 -8.03
N GLU A 73 8.24 1.71 -8.04
CA GLU A 73 8.90 0.82 -8.99
C GLU A 73 8.41 -0.62 -8.81
N LEU A 74 8.54 -1.12 -7.59
CA LEU A 74 8.10 -2.49 -7.28
C LEU A 74 6.77 -2.80 -7.97
N LEU A 75 5.77 -1.97 -7.70
CA LEU A 75 4.45 -2.17 -8.29
C LEU A 75 4.56 -2.41 -9.79
N LYS A 76 5.14 -1.47 -10.51
CA LYS A 76 5.31 -1.58 -11.95
C LYS A 76 6.07 -2.86 -12.31
N ALA A 77 7.05 -3.20 -11.48
CA ALA A 77 7.86 -4.40 -11.71
C ALA A 77 7.01 -5.67 -11.54
N ALA A 78 6.12 -5.65 -10.57
CA ALA A 78 5.25 -6.80 -10.32
C ALA A 78 4.42 -7.14 -11.55
N GLN A 79 3.77 -8.29 -11.51
CA GLN A 79 2.93 -8.74 -12.62
C GLN A 79 1.80 -9.64 -12.14
N GLY A 80 0.62 -9.46 -12.71
CA GLY A 80 -0.52 -10.27 -12.32
C GLY A 80 -1.23 -9.71 -11.10
N SER A 81 -0.54 -9.73 -9.96
CA SER A 81 -1.11 -9.23 -8.71
C SER A 81 -0.02 -8.73 -7.77
N VAL A 82 -0.37 -7.76 -6.94
CA VAL A 82 0.59 -7.19 -5.99
C VAL A 82 0.04 -7.22 -4.58
N LYS A 83 0.85 -7.69 -3.64
CA LYS A 83 0.45 -7.78 -2.24
C LYS A 83 0.93 -6.55 -1.46
N LEU A 84 0.00 -5.68 -1.11
CA LEU A 84 0.33 -4.48 -0.36
C LEU A 84 -0.05 -4.63 1.11
N VAL A 85 0.96 -4.76 1.97
CA VAL A 85 0.73 -4.91 3.40
C VAL A 85 0.47 -3.56 4.06
N VAL A 86 -0.53 -3.52 4.93
CA VAL A 86 -0.88 -2.29 5.63
C VAL A 86 -1.12 -2.56 7.11
N ARG A 87 -1.34 -1.49 7.87
CA ARG A 87 -1.57 -1.60 9.30
C ARG A 87 -3.06 -1.41 9.63
N SER A 88 -3.66 -2.43 10.21
CA SER A 88 -5.08 -2.38 10.57
C SER A 88 -5.27 -1.71 11.93
N GLY A 89 -4.21 -1.06 12.42
CA GLY A 89 -4.28 -0.38 13.69
C GLY A 89 -3.12 -0.74 14.60
N PRO A 90 -2.39 0.27 15.06
CA PRO A 90 -1.23 0.08 15.95
C PRO A 90 -1.64 -0.37 17.34
N SER A 91 -2.92 -0.22 17.66
CA SER A 91 -3.43 -0.61 18.96
C SER A 91 -3.70 -2.11 19.02
N SER A 92 -3.22 -2.76 20.07
CA SER A 92 -3.40 -4.20 20.23
C SER A 92 -4.86 -4.54 20.51
N GLY A 93 -5.48 -3.76 21.40
CA GLY A 93 -6.87 -4.00 21.73
C GLY A 93 -7.65 -2.71 21.92
#